data_3ZMJ
# 
_entry.id   3ZMJ 
# 
_audit_conform.dict_name       mmcif_pdbx.dic 
_audit_conform.dict_version    5.397 
_audit_conform.dict_location   http://mmcif.pdb.org/dictionaries/ascii/mmcif_pdbx.dic 
# 
loop_
_database_2.database_id 
_database_2.database_code 
_database_2.pdbx_database_accession 
_database_2.pdbx_DOI 
PDB   3ZMJ         pdb_00003zmj 10.2210/pdb3zmj/pdb 
PDBE  EBI-55776    ?            ?                   
WWPDB D_1290055776 ?            ?                   
# 
loop_
_pdbx_audit_revision_history.ordinal 
_pdbx_audit_revision_history.data_content_type 
_pdbx_audit_revision_history.major_revision 
_pdbx_audit_revision_history.minor_revision 
_pdbx_audit_revision_history.revision_date 
1 'Structure model' 1 0 2013-05-22 
2 'Structure model' 1 1 2013-05-29 
3 'Structure model' 1 2 2013-08-28 
4 'Structure model' 1 3 2019-02-27 
5 'Structure model' 1 4 2020-07-29 
6 'Structure model' 1 5 2023-12-20 
7 'Structure model' 1 6 2024-10-16 
# 
loop_
_pdbx_audit_revision_details.ordinal 
_pdbx_audit_revision_details.revision_ordinal 
_pdbx_audit_revision_details.data_content_type 
_pdbx_audit_revision_details.provider 
_pdbx_audit_revision_details.type 
_pdbx_audit_revision_details.description 
_pdbx_audit_revision_details.details 
1 1 'Structure model' repository 'Initial release' ?                          ? 
2 5 'Structure model' repository Remediation       'Carbohydrate remediation' ? 
# 
loop_
_pdbx_audit_revision_group.ordinal 
_pdbx_audit_revision_group.revision_ordinal 
_pdbx_audit_revision_group.data_content_type 
_pdbx_audit_revision_group.group 
1  2 'Structure model' 'Database references'      
2  3 'Structure model' 'Database references'      
3  4 'Structure model' 'Data collection'          
4  4 'Structure model' 'Derived calculations'     
5  4 'Structure model' 'Experimental preparation' 
6  4 'Structure model' Other                      
7  5 'Structure model' 'Data collection'          
8  5 'Structure model' 'Derived calculations'     
9  5 'Structure model' Other                      
10 5 'Structure model' 'Structure summary'        
11 6 'Structure model' 'Data collection'          
12 6 'Structure model' 'Database references'      
13 6 'Structure model' 'Refinement description'   
14 6 'Structure model' 'Structure summary'        
15 7 'Structure model' 'Structure summary'        
# 
loop_
_pdbx_audit_revision_category.ordinal 
_pdbx_audit_revision_category.revision_ordinal 
_pdbx_audit_revision_category.data_content_type 
_pdbx_audit_revision_category.category 
1  4 'Structure model' exptl_crystal_grow            
2  4 'Structure model' pdbx_database_proc            
3  4 'Structure model' pdbx_database_status          
4  4 'Structure model' struct_biol                   
5  4 'Structure model' struct_conn                   
6  5 'Structure model' chem_comp                     
7  5 'Structure model' entity                        
8  5 'Structure model' pdbx_chem_comp_identifier     
9  5 'Structure model' pdbx_database_status          
10 5 'Structure model' pdbx_entity_nonpoly           
11 5 'Structure model' struct_conn                   
12 5 'Structure model' struct_site                   
13 5 'Structure model' struct_site_gen               
14 6 'Structure model' chem_comp                     
15 6 'Structure model' chem_comp_atom                
16 6 'Structure model' chem_comp_bond                
17 6 'Structure model' database_2                    
18 6 'Structure model' pdbx_initial_refinement_model 
19 7 'Structure model' pdbx_entry_details            
20 7 'Structure model' pdbx_modification_feature     
# 
loop_
_pdbx_audit_revision_item.ordinal 
_pdbx_audit_revision_item.revision_ordinal 
_pdbx_audit_revision_item.data_content_type 
_pdbx_audit_revision_item.item 
1  4 'Structure model' '_exptl_crystal_grow.method'                   
2  4 'Structure model' '_exptl_crystal_grow.temp'                     
3  4 'Structure model' '_pdbx_database_status.recvd_author_approval'  
4  4 'Structure model' '_struct_conn.pdbx_leaving_atom_flag'          
5  5 'Structure model' '_chem_comp.mon_nstd_flag'                     
6  5 'Structure model' '_chem_comp.name'                              
7  5 'Structure model' '_chem_comp.type'                              
8  5 'Structure model' '_entity.pdbx_description'                     
9  5 'Structure model' '_pdbx_database_status.status_code_sf'         
10 5 'Structure model' '_pdbx_entity_nonpoly.name'                    
11 5 'Structure model' '_struct_conn.ptnr1_auth_comp_id'              
12 5 'Structure model' '_struct_conn.ptnr1_auth_seq_id'               
13 5 'Structure model' '_struct_conn.ptnr1_label_asym_id'             
14 5 'Structure model' '_struct_conn.ptnr1_label_atom_id'             
15 5 'Structure model' '_struct_conn.ptnr1_label_comp_id'             
16 5 'Structure model' '_struct_conn.ptnr1_label_seq_id'              
17 5 'Structure model' '_struct_conn.ptnr2_auth_comp_id'              
18 5 'Structure model' '_struct_conn.ptnr2_auth_seq_id'               
19 5 'Structure model' '_struct_conn.ptnr2_label_asym_id'             
20 5 'Structure model' '_struct_conn.ptnr2_label_atom_id'             
21 5 'Structure model' '_struct_conn.ptnr2_label_comp_id'             
22 5 'Structure model' '_struct_conn.ptnr2_label_seq_id'              
23 6 'Structure model' '_chem_comp.pdbx_synonyms'                     
24 6 'Structure model' '_database_2.pdbx_DOI'                         
25 6 'Structure model' '_database_2.pdbx_database_accession'          
26 7 'Structure model' '_pdbx_entry_details.has_protein_modification' 
# 
_pdbx_database_status.status_code                     REL 
_pdbx_database_status.entry_id                        3ZMJ 
_pdbx_database_status.deposit_site                    PDBE 
_pdbx_database_status.process_site                    PDBE 
_pdbx_database_status.SG_entry                        . 
_pdbx_database_status.recvd_initial_deposition_date   2013-02-11 
_pdbx_database_status.pdb_format_compatible           Y 
_pdbx_database_status.status_code_sf                  REL 
_pdbx_database_status.status_code_mr                  ? 
_pdbx_database_status.status_code_cs                  ? 
_pdbx_database_status.methods_development_category    ? 
_pdbx_database_status.status_code_nmr_data            ? 
# 
loop_
_pdbx_database_related.db_name 
_pdbx_database_related.db_id 
_pdbx_database_related.content_type 
_pdbx_database_related.details 
PDB 3ZMH unspecified 'STRUCTURE OF E.COLI RHOMBOID PROTEASE GLPG IN COMPLEX WITH MONOBACTAM L62'              
PDB 3ZMI unspecified 'STRUCTURE OF E.COLI RHOMBOID PROTEASE GLPG IN COMPLEX WITH MONOBACTAM L29'              
PDB 3ZOT unspecified 'STRUCTURE OF E.COLI RHOMBOID PROTEASE GLPG IN COMPLEX WITH MONOBACTAM L29 (DATA SET 2)' 
# 
loop_
_audit_author.name 
_audit_author.pdbx_ordinal 
_audit_author.identifier_ORCID 
'Vinothkumar, K.R.' 1 ? 
'Pierrat, O.'       2 ? 
'Large, J.M.'       3 ? 
'Freeman, M.'       4 ? 
# 
_citation.id                        primary 
_citation.title                     
;Structure of Rhomboid Protease in Complex with Beta-Lactam Inhibitors Defines the S2' Cavity.
;
_citation.journal_abbrev            Structure 
_citation.journal_volume            21 
_citation.page_first                1051 
_citation.page_last                 ? 
_citation.year                      2013 
_citation.journal_id_ASTM           STRUE6 
_citation.country                   UK 
_citation.journal_id_ISSN           0969-2126 
_citation.journal_id_CSD            2005 
_citation.book_publisher            ? 
_citation.pdbx_database_id_PubMed   23665170 
_citation.pdbx_database_id_DOI      10.1016/J.STR.2013.03.013 
# 
loop_
_citation_author.citation_id 
_citation_author.name 
_citation_author.ordinal 
_citation_author.identifier_ORCID 
primary 'Vinothkumar, K.R.' 1 ? 
primary 'Pierrat, O.A.'     2 ? 
primary 'Large, J.M.'       3 ? 
primary 'Freeman, M.'       4 ? 
# 
loop_
_entity.id 
_entity.type 
_entity.src_method 
_entity.pdbx_description 
_entity.formula_weight 
_entity.pdbx_number_of_molecules 
_entity.pdbx_ec 
_entity.pdbx_mutation 
_entity.pdbx_fragment 
_entity.details 
1 polymer     man 'RHOMBOID PROTEASE GLPG'                                           20214.020 1  3.4.21.105 ? 
'CORE TM DOMAIN, RESIDUES 92-270' 
'THE BETA LACTAM RING IS OPENED BY THE NUCLEOPHILIC ATTACK OF S201 ON C2-O1 TO FORM A COVALENT BOND' 
2 non-polymer syn '2-methylpropyl N-[(1R)-3-oxidanylidene-1-phenyl-propyl]carbamate' 249.306   1  ?          ? ? ? 
3 non-polymer man 'nonyl beta-D-glucopyranoside'                                     306.395   5  ?          ? ? ? 
4 non-polymer syn 'CHLORIDE ION'                                                     35.453    3  ?          ? ? ? 
5 water       nat water                                                              18.015    27 ?          ? ? ? 
# 
_entity_name_com.entity_id   1 
_entity_name_com.name        'GLPG, INTRAMEMBRANE SERINE PROTEASE' 
# 
_entity_poly.entity_id                      1 
_entity_poly.type                           'polypeptide(L)' 
_entity_poly.nstd_linkage                   no 
_entity_poly.nstd_monomer                   no 
_entity_poly.pdbx_seq_one_letter_code       
;RAGPVTWVMMIACVVVFIAMQILGDQEVMLWLAWPFDPTLKFEFWRYFTHALMHFSLMHILFNLLWWWYLGGAVEKRLGS
GKLIVITLISALLSGYVQQKFSGPWFGGLSGVVYALMGYVWLRGERDPQSGIYLQRGLIIFALIWIVAGWFDLFGMSMAN
GAHIAGLAVGLAMAFVDSL
;
_entity_poly.pdbx_seq_one_letter_code_can   
;RAGPVTWVMMIACVVVFIAMQILGDQEVMLWLAWPFDPTLKFEFWRYFTHALMHFSLMHILFNLLWWWYLGGAVEKRLGS
GKLIVITLISALLSGYVQQKFSGPWFGGLSGVVYALMGYVWLRGERDPQSGIYLQRGLIIFALIWIVAGWFDLFGMSMAN
GAHIAGLAVGLAMAFVDSL
;
_entity_poly.pdbx_strand_id                 A 
_entity_poly.pdbx_target_identifier         ? 
# 
loop_
_pdbx_entity_nonpoly.entity_id 
_pdbx_entity_nonpoly.name 
_pdbx_entity_nonpoly.comp_id 
2 '2-methylpropyl N-[(1R)-3-oxidanylidene-1-phenyl-propyl]carbamate' L61 
3 'nonyl beta-D-glucopyranoside'                                     BNG 
4 'CHLORIDE ION'                                                     CL  
5 water                                                              HOH 
# 
loop_
_entity_poly_seq.entity_id 
_entity_poly_seq.num 
_entity_poly_seq.mon_id 
_entity_poly_seq.hetero 
1 1   ARG n 
1 2   ALA n 
1 3   GLY n 
1 4   PRO n 
1 5   VAL n 
1 6   THR n 
1 7   TRP n 
1 8   VAL n 
1 9   MET n 
1 10  MET n 
1 11  ILE n 
1 12  ALA n 
1 13  CYS n 
1 14  VAL n 
1 15  VAL n 
1 16  VAL n 
1 17  PHE n 
1 18  ILE n 
1 19  ALA n 
1 20  MET n 
1 21  GLN n 
1 22  ILE n 
1 23  LEU n 
1 24  GLY n 
1 25  ASP n 
1 26  GLN n 
1 27  GLU n 
1 28  VAL n 
1 29  MET n 
1 30  LEU n 
1 31  TRP n 
1 32  LEU n 
1 33  ALA n 
1 34  TRP n 
1 35  PRO n 
1 36  PHE n 
1 37  ASP n 
1 38  PRO n 
1 39  THR n 
1 40  LEU n 
1 41  LYS n 
1 42  PHE n 
1 43  GLU n 
1 44  PHE n 
1 45  TRP n 
1 46  ARG n 
1 47  TYR n 
1 48  PHE n 
1 49  THR n 
1 50  HIS n 
1 51  ALA n 
1 52  LEU n 
1 53  MET n 
1 54  HIS n 
1 55  PHE n 
1 56  SER n 
1 57  LEU n 
1 58  MET n 
1 59  HIS n 
1 60  ILE n 
1 61  LEU n 
1 62  PHE n 
1 63  ASN n 
1 64  LEU n 
1 65  LEU n 
1 66  TRP n 
1 67  TRP n 
1 68  TRP n 
1 69  TYR n 
1 70  LEU n 
1 71  GLY n 
1 72  GLY n 
1 73  ALA n 
1 74  VAL n 
1 75  GLU n 
1 76  LYS n 
1 77  ARG n 
1 78  LEU n 
1 79  GLY n 
1 80  SER n 
1 81  GLY n 
1 82  LYS n 
1 83  LEU n 
1 84  ILE n 
1 85  VAL n 
1 86  ILE n 
1 87  THR n 
1 88  LEU n 
1 89  ILE n 
1 90  SER n 
1 91  ALA n 
1 92  LEU n 
1 93  LEU n 
1 94  SER n 
1 95  GLY n 
1 96  TYR n 
1 97  VAL n 
1 98  GLN n 
1 99  GLN n 
1 100 LYS n 
1 101 PHE n 
1 102 SER n 
1 103 GLY n 
1 104 PRO n 
1 105 TRP n 
1 106 PHE n 
1 107 GLY n 
1 108 GLY n 
1 109 LEU n 
1 110 SER n 
1 111 GLY n 
1 112 VAL n 
1 113 VAL n 
1 114 TYR n 
1 115 ALA n 
1 116 LEU n 
1 117 MET n 
1 118 GLY n 
1 119 TYR n 
1 120 VAL n 
1 121 TRP n 
1 122 LEU n 
1 123 ARG n 
1 124 GLY n 
1 125 GLU n 
1 126 ARG n 
1 127 ASP n 
1 128 PRO n 
1 129 GLN n 
1 130 SER n 
1 131 GLY n 
1 132 ILE n 
1 133 TYR n 
1 134 LEU n 
1 135 GLN n 
1 136 ARG n 
1 137 GLY n 
1 138 LEU n 
1 139 ILE n 
1 140 ILE n 
1 141 PHE n 
1 142 ALA n 
1 143 LEU n 
1 144 ILE n 
1 145 TRP n 
1 146 ILE n 
1 147 VAL n 
1 148 ALA n 
1 149 GLY n 
1 150 TRP n 
1 151 PHE n 
1 152 ASP n 
1 153 LEU n 
1 154 PHE n 
1 155 GLY n 
1 156 MET n 
1 157 SER n 
1 158 MET n 
1 159 ALA n 
1 160 ASN n 
1 161 GLY n 
1 162 ALA n 
1 163 HIS n 
1 164 ILE n 
1 165 ALA n 
1 166 GLY n 
1 167 LEU n 
1 168 ALA n 
1 169 VAL n 
1 170 GLY n 
1 171 LEU n 
1 172 ALA n 
1 173 MET n 
1 174 ALA n 
1 175 PHE n 
1 176 VAL n 
1 177 ASP n 
1 178 SER n 
1 179 LEU n 
# 
_entity_src_gen.entity_id                          1 
_entity_src_gen.pdbx_src_id                        1 
_entity_src_gen.pdbx_alt_source_flag               sample 
_entity_src_gen.pdbx_seq_type                      ? 
_entity_src_gen.pdbx_beg_seq_num                   ? 
_entity_src_gen.pdbx_end_seq_num                   ? 
_entity_src_gen.gene_src_common_name               ? 
_entity_src_gen.gene_src_genus                     ? 
_entity_src_gen.pdbx_gene_src_gene                 ? 
_entity_src_gen.gene_src_species                   ? 
_entity_src_gen.gene_src_strain                    ? 
_entity_src_gen.gene_src_tissue                    ? 
_entity_src_gen.gene_src_tissue_fraction           ? 
_entity_src_gen.gene_src_details                   ? 
_entity_src_gen.pdbx_gene_src_fragment             ? 
_entity_src_gen.pdbx_gene_src_scientific_name      'ESCHERICHIA COLI' 
_entity_src_gen.pdbx_gene_src_ncbi_taxonomy_id     562 
_entity_src_gen.pdbx_gene_src_variant              ? 
_entity_src_gen.pdbx_gene_src_cell_line            ? 
_entity_src_gen.pdbx_gene_src_atcc                 ? 
_entity_src_gen.pdbx_gene_src_organ                ? 
_entity_src_gen.pdbx_gene_src_organelle            ? 
_entity_src_gen.pdbx_gene_src_cell                 ? 
_entity_src_gen.pdbx_gene_src_cellular_location    ? 
_entity_src_gen.host_org_common_name               ? 
_entity_src_gen.pdbx_host_org_scientific_name      'ESCHERICHIA COLI' 
_entity_src_gen.pdbx_host_org_ncbi_taxonomy_id     469008 
_entity_src_gen.host_org_genus                     ? 
_entity_src_gen.pdbx_host_org_gene                 ? 
_entity_src_gen.pdbx_host_org_organ                ? 
_entity_src_gen.host_org_species                   ? 
_entity_src_gen.pdbx_host_org_tissue               ? 
_entity_src_gen.pdbx_host_org_tissue_fraction      ? 
_entity_src_gen.pdbx_host_org_strain               'BL21(DE3)' 
_entity_src_gen.pdbx_host_org_variant              C41 
_entity_src_gen.pdbx_host_org_cell_line            ? 
_entity_src_gen.pdbx_host_org_atcc                 ? 
_entity_src_gen.pdbx_host_org_culture_collection   ? 
_entity_src_gen.pdbx_host_org_cell                 ? 
_entity_src_gen.pdbx_host_org_organelle            ? 
_entity_src_gen.pdbx_host_org_cellular_location    ? 
_entity_src_gen.pdbx_host_org_vector_type          PLASMID 
_entity_src_gen.pdbx_host_org_vector               PET 
_entity_src_gen.host_org_details                   ? 
_entity_src_gen.expression_system_id               ? 
_entity_src_gen.plasmid_name                       ? 
_entity_src_gen.plasmid_details                    ? 
_entity_src_gen.pdbx_description                   ? 
# 
loop_
_chem_comp.id 
_chem_comp.type 
_chem_comp.mon_nstd_flag 
_chem_comp.name 
_chem_comp.pdbx_synonyms 
_chem_comp.formula 
_chem_comp.formula_weight 
ALA 'L-peptide linking' y ALANINE                                                            ? 'C3 H7 N O2'     89.093  
ARG 'L-peptide linking' y ARGININE                                                           ? 'C6 H15 N4 O2 1' 175.209 
ASN 'L-peptide linking' y ASPARAGINE                                                         ? 'C4 H8 N2 O3'    132.118 
ASP 'L-peptide linking' y 'ASPARTIC ACID'                                                    ? 'C4 H7 N O4'     133.103 
BNG D-saccharide        n 'nonyl beta-D-glucopyranoside'                                     
'Beta-NONYLGLUCOSIDE; nonyl beta-D-glucoside; nonyl D-glucoside; nonyl glucoside' 'C15 H30 O6'     306.395 
CL  non-polymer         . 'CHLORIDE ION'                                                     ? 'Cl -1'          35.453  
CYS 'L-peptide linking' y CYSTEINE                                                           ? 'C3 H7 N O2 S'   121.158 
GLN 'L-peptide linking' y GLUTAMINE                                                          ? 'C5 H10 N2 O3'   146.144 
GLU 'L-peptide linking' y 'GLUTAMIC ACID'                                                    ? 'C5 H9 N O4'     147.129 
GLY 'peptide linking'   y GLYCINE                                                            ? 'C2 H5 N O2'     75.067  
HIS 'L-peptide linking' y HISTIDINE                                                          ? 'C6 H10 N3 O2 1' 156.162 
HOH non-polymer         . WATER                                                              ? 'H2 O'           18.015  
ILE 'L-peptide linking' y ISOLEUCINE                                                         ? 'C6 H13 N O2'    131.173 
L61 non-polymer         . '2-methylpropyl N-[(1R)-3-oxidanylidene-1-phenyl-propyl]carbamate' ? 'C14 H19 N O3'   249.306 
LEU 'L-peptide linking' y LEUCINE                                                            ? 'C6 H13 N O2'    131.173 
LYS 'L-peptide linking' y LYSINE                                                             ? 'C6 H15 N2 O2 1' 147.195 
MET 'L-peptide linking' y METHIONINE                                                         ? 'C5 H11 N O2 S'  149.211 
PHE 'L-peptide linking' y PHENYLALANINE                                                      ? 'C9 H11 N O2'    165.189 
PRO 'L-peptide linking' y PROLINE                                                            ? 'C5 H9 N O2'     115.130 
SER 'L-peptide linking' y SERINE                                                             ? 'C3 H7 N O3'     105.093 
THR 'L-peptide linking' y THREONINE                                                          ? 'C4 H9 N O3'     119.119 
TRP 'L-peptide linking' y TRYPTOPHAN                                                         ? 'C11 H12 N2 O2'  204.225 
TYR 'L-peptide linking' y TYROSINE                                                           ? 'C9 H11 N O3'    181.189 
VAL 'L-peptide linking' y VALINE                                                             ? 'C5 H11 N O2'    117.146 
# 
_pdbx_chem_comp_identifier.comp_id           BNG 
_pdbx_chem_comp_identifier.type              'IUPAC CARBOHYDRATE SYMBOL' 
_pdbx_chem_comp_identifier.program           PDB-CARE 
_pdbx_chem_comp_identifier.program_version   1.0 
_pdbx_chem_comp_identifier.identifier        b-nonylglucoside 
# 
loop_
_pdbx_poly_seq_scheme.asym_id 
_pdbx_poly_seq_scheme.entity_id 
_pdbx_poly_seq_scheme.seq_id 
_pdbx_poly_seq_scheme.mon_id 
_pdbx_poly_seq_scheme.ndb_seq_num 
_pdbx_poly_seq_scheme.pdb_seq_num 
_pdbx_poly_seq_scheme.auth_seq_num 
_pdbx_poly_seq_scheme.pdb_mon_id 
_pdbx_poly_seq_scheme.auth_mon_id 
_pdbx_poly_seq_scheme.pdb_strand_id 
_pdbx_poly_seq_scheme.pdb_ins_code 
_pdbx_poly_seq_scheme.hetero 
A 1 1   ARG 1   92  92  ARG ARG A . n 
A 1 2   ALA 2   93  93  ALA ALA A . n 
A 1 3   GLY 3   94  94  GLY GLY A . n 
A 1 4   PRO 4   95  95  PRO PRO A . n 
A 1 5   VAL 5   96  96  VAL VAL A . n 
A 1 6   THR 6   97  97  THR THR A . n 
A 1 7   TRP 7   98  98  TRP TRP A . n 
A 1 8   VAL 8   99  99  VAL VAL A . n 
A 1 9   MET 9   100 100 MET MET A . n 
A 1 10  MET 10  101 101 MET MET A . n 
A 1 11  ILE 11  102 102 ILE ILE A . n 
A 1 12  ALA 12  103 103 ALA ALA A . n 
A 1 13  CYS 13  104 104 CYS CYS A . n 
A 1 14  VAL 14  105 105 VAL VAL A . n 
A 1 15  VAL 15  106 106 VAL VAL A . n 
A 1 16  VAL 16  107 107 VAL VAL A . n 
A 1 17  PHE 17  108 108 PHE PHE A . n 
A 1 18  ILE 18  109 109 ILE ILE A . n 
A 1 19  ALA 19  110 110 ALA ALA A . n 
A 1 20  MET 20  111 111 MET MET A . n 
A 1 21  GLN 21  112 112 GLN GLN A . n 
A 1 22  ILE 22  113 113 ILE ILE A . n 
A 1 23  LEU 23  114 114 LEU LEU A . n 
A 1 24  GLY 24  115 115 GLY GLY A . n 
A 1 25  ASP 25  116 116 ASP ASP A . n 
A 1 26  GLN 26  117 117 GLN GLN A . n 
A 1 27  GLU 27  118 118 GLU GLU A . n 
A 1 28  VAL 28  119 119 VAL VAL A . n 
A 1 29  MET 29  120 120 MET MET A . n 
A 1 30  LEU 30  121 121 LEU LEU A . n 
A 1 31  TRP 31  122 122 TRP TRP A . n 
A 1 32  LEU 32  123 123 LEU LEU A . n 
A 1 33  ALA 33  124 124 ALA ALA A . n 
A 1 34  TRP 34  125 125 TRP TRP A . n 
A 1 35  PRO 35  126 126 PRO PRO A . n 
A 1 36  PHE 36  127 127 PHE PHE A . n 
A 1 37  ASP 37  128 128 ASP ASP A . n 
A 1 38  PRO 38  129 129 PRO PRO A . n 
A 1 39  THR 39  130 130 THR THR A . n 
A 1 40  LEU 40  131 131 LEU LEU A . n 
A 1 41  LYS 41  132 132 LYS LYS A . n 
A 1 42  PHE 42  133 133 PHE PHE A . n 
A 1 43  GLU 43  134 134 GLU GLU A . n 
A 1 44  PHE 44  135 135 PHE PHE A . n 
A 1 45  TRP 45  136 136 TRP TRP A . n 
A 1 46  ARG 46  137 137 ARG ARG A . n 
A 1 47  TYR 47  138 138 TYR TYR A . n 
A 1 48  PHE 48  139 139 PHE PHE A . n 
A 1 49  THR 49  140 140 THR THR A . n 
A 1 50  HIS 50  141 141 HIS HIS A . n 
A 1 51  ALA 51  142 142 ALA ALA A . n 
A 1 52  LEU 52  143 143 LEU LEU A . n 
A 1 53  MET 53  144 144 MET MET A . n 
A 1 54  HIS 54  145 145 HIS HIS A . n 
A 1 55  PHE 55  146 146 PHE PHE A . n 
A 1 56  SER 56  147 147 SER SER A . n 
A 1 57  LEU 57  148 148 LEU LEU A . n 
A 1 58  MET 58  149 149 MET MET A . n 
A 1 59  HIS 59  150 150 HIS HIS A . n 
A 1 60  ILE 60  151 151 ILE ILE A . n 
A 1 61  LEU 61  152 152 LEU LEU A . n 
A 1 62  PHE 62  153 153 PHE PHE A . n 
A 1 63  ASN 63  154 154 ASN ASN A . n 
A 1 64  LEU 64  155 155 LEU LEU A . n 
A 1 65  LEU 65  156 156 LEU LEU A . n 
A 1 66  TRP 66  157 157 TRP TRP A . n 
A 1 67  TRP 67  158 158 TRP TRP A . n 
A 1 68  TRP 68  159 159 TRP TRP A . n 
A 1 69  TYR 69  160 160 TYR TYR A . n 
A 1 70  LEU 70  161 161 LEU LEU A . n 
A 1 71  GLY 71  162 162 GLY GLY A . n 
A 1 72  GLY 72  163 163 GLY GLY A . n 
A 1 73  ALA 73  164 164 ALA ALA A . n 
A 1 74  VAL 74  165 165 VAL VAL A . n 
A 1 75  GLU 75  166 166 GLU GLU A . n 
A 1 76  LYS 76  167 167 LYS LYS A . n 
A 1 77  ARG 77  168 168 ARG ARG A . n 
A 1 78  LEU 78  169 169 LEU LEU A . n 
A 1 79  GLY 79  170 170 GLY GLY A . n 
A 1 80  SER 80  171 171 SER SER A . n 
A 1 81  GLY 81  172 172 GLY GLY A . n 
A 1 82  LYS 82  173 173 LYS LYS A . n 
A 1 83  LEU 83  174 174 LEU LEU A . n 
A 1 84  ILE 84  175 175 ILE ILE A . n 
A 1 85  VAL 85  176 176 VAL VAL A . n 
A 1 86  ILE 86  177 177 ILE ILE A . n 
A 1 87  THR 87  178 178 THR THR A . n 
A 1 88  LEU 88  179 179 LEU LEU A . n 
A 1 89  ILE 89  180 180 ILE ILE A . n 
A 1 90  SER 90  181 181 SER SER A . n 
A 1 91  ALA 91  182 182 ALA ALA A . n 
A 1 92  LEU 92  183 183 LEU LEU A . n 
A 1 93  LEU 93  184 184 LEU LEU A . n 
A 1 94  SER 94  185 185 SER SER A . n 
A 1 95  GLY 95  186 186 GLY GLY A . n 
A 1 96  TYR 96  187 187 TYR TYR A . n 
A 1 97  VAL 97  188 188 VAL VAL A . n 
A 1 98  GLN 98  189 189 GLN GLN A . n 
A 1 99  GLN 99  190 190 GLN GLN A . n 
A 1 100 LYS 100 191 191 LYS LYS A . n 
A 1 101 PHE 101 192 192 PHE PHE A . n 
A 1 102 SER 102 193 193 SER SER A . n 
A 1 103 GLY 103 194 194 GLY GLY A . n 
A 1 104 PRO 104 195 195 PRO PRO A . n 
A 1 105 TRP 105 196 196 TRP TRP A . n 
A 1 106 PHE 106 197 197 PHE PHE A . n 
A 1 107 GLY 107 198 198 GLY GLY A . n 
A 1 108 GLY 108 199 199 GLY GLY A . n 
A 1 109 LEU 109 200 200 LEU LEU A . n 
A 1 110 SER 110 201 201 SER SER A . n 
A 1 111 GLY 111 202 202 GLY GLY A . n 
A 1 112 VAL 112 203 203 VAL VAL A . n 
A 1 113 VAL 113 204 204 VAL VAL A . n 
A 1 114 TYR 114 205 205 TYR TYR A . n 
A 1 115 ALA 115 206 206 ALA ALA A . n 
A 1 116 LEU 116 207 207 LEU LEU A . n 
A 1 117 MET 117 208 208 MET MET A . n 
A 1 118 GLY 118 209 209 GLY GLY A . n 
A 1 119 TYR 119 210 210 TYR TYR A . n 
A 1 120 VAL 120 211 211 VAL VAL A . n 
A 1 121 TRP 121 212 212 TRP TRP A . n 
A 1 122 LEU 122 213 213 LEU LEU A . n 
A 1 123 ARG 123 214 214 ARG ARG A . n 
A 1 124 GLY 124 215 215 GLY GLY A . n 
A 1 125 GLU 125 216 216 GLU GLU A . n 
A 1 126 ARG 126 217 217 ARG ARG A . n 
A 1 127 ASP 127 218 218 ASP ASP A . n 
A 1 128 PRO 128 219 219 PRO PRO A . n 
A 1 129 GLN 129 220 220 GLN GLN A . n 
A 1 130 SER 130 221 221 SER SER A . n 
A 1 131 GLY 131 222 222 GLY GLY A . n 
A 1 132 ILE 132 223 223 ILE ILE A . n 
A 1 133 TYR 133 224 224 TYR TYR A . n 
A 1 134 LEU 134 225 225 LEU LEU A . n 
A 1 135 GLN 135 226 226 GLN GLN A . n 
A 1 136 ARG 136 227 227 ARG ARG A . n 
A 1 137 GLY 137 228 228 GLY GLY A . n 
A 1 138 LEU 138 229 229 LEU LEU A . n 
A 1 139 ILE 139 230 230 ILE ILE A . n 
A 1 140 ILE 140 231 231 ILE ILE A . n 
A 1 141 PHE 141 232 232 PHE PHE A . n 
A 1 142 ALA 142 233 233 ALA ALA A . n 
A 1 143 LEU 143 234 234 LEU LEU A . n 
A 1 144 ILE 144 235 235 ILE ILE A . n 
A 1 145 TRP 145 236 236 TRP TRP A . n 
A 1 146 ILE 146 237 237 ILE ILE A . n 
A 1 147 VAL 147 238 238 VAL VAL A . n 
A 1 148 ALA 148 239 239 ALA ALA A . n 
A 1 149 GLY 149 240 240 GLY GLY A . n 
A 1 150 TRP 150 241 241 TRP TRP A . n 
A 1 151 PHE 151 242 242 PHE PHE A . n 
A 1 152 ASP 152 243 243 ASP ASP A . n 
A 1 153 LEU 153 244 244 LEU LEU A . n 
A 1 154 PHE 154 245 ?   ?   ?   A . n 
A 1 155 GLY 155 246 246 GLY GLY A . n 
A 1 156 MET 156 247 247 MET MET A . n 
A 1 157 SER 157 248 248 SER SER A . n 
A 1 158 MET 158 249 249 MET MET A . n 
A 1 159 ALA 159 250 250 ALA ALA A . n 
A 1 160 ASN 160 251 251 ASN ASN A . n 
A 1 161 GLY 161 252 252 GLY GLY A . n 
A 1 162 ALA 162 253 253 ALA ALA A . n 
A 1 163 HIS 163 254 254 HIS HIS A . n 
A 1 164 ILE 164 255 255 ILE ILE A . n 
A 1 165 ALA 165 256 256 ALA ALA A . n 
A 1 166 GLY 166 257 257 GLY GLY A . n 
A 1 167 LEU 167 258 258 LEU LEU A . n 
A 1 168 ALA 168 259 259 ALA ALA A . n 
A 1 169 VAL 169 260 260 VAL VAL A . n 
A 1 170 GLY 170 261 261 GLY GLY A . n 
A 1 171 LEU 171 262 262 LEU LEU A . n 
A 1 172 ALA 172 263 263 ALA ALA A . n 
A 1 173 MET 173 264 264 MET MET A . n 
A 1 174 ALA 174 265 265 ALA ALA A . n 
A 1 175 PHE 175 266 266 PHE PHE A . n 
A 1 176 VAL 176 267 267 VAL VAL A . n 
A 1 177 ASP 177 268 268 ASP ASP A . n 
A 1 178 SER 178 269 269 SER SER A . n 
A 1 179 LEU 179 270 270 LEU LEU A . n 
# 
loop_
_pdbx_nonpoly_scheme.asym_id 
_pdbx_nonpoly_scheme.entity_id 
_pdbx_nonpoly_scheme.mon_id 
_pdbx_nonpoly_scheme.ndb_seq_num 
_pdbx_nonpoly_scheme.pdb_seq_num 
_pdbx_nonpoly_scheme.auth_seq_num 
_pdbx_nonpoly_scheme.pdb_mon_id 
_pdbx_nonpoly_scheme.auth_mon_id 
_pdbx_nonpoly_scheme.pdb_strand_id 
_pdbx_nonpoly_scheme.pdb_ins_code 
B 2 L61 1  401  401  L61 L61 A . 
C 3 BNG 1  402  402  BNG BNG A . 
D 3 BNG 1  403  403  BNG BNG A . 
E 3 BNG 1  404  404  BNG BNG A . 
F 3 BNG 1  405  405  BNG BNG A . 
G 3 BNG 1  406  406  BNG BNG A . 
H 4 CL  1  407  407  CL  CL  A . 
I 4 CL  1  408  408  CL  CL  A . 
J 4 CL  1  409  409  CL  CL  A . 
K 5 HOH 1  2001 2001 HOH HOH A . 
K 5 HOH 2  2002 2002 HOH HOH A . 
K 5 HOH 3  2003 2003 HOH HOH A . 
K 5 HOH 4  2004 2004 HOH HOH A . 
K 5 HOH 5  2005 2005 HOH HOH A . 
K 5 HOH 6  2006 2006 HOH HOH A . 
K 5 HOH 7  2007 2007 HOH HOH A . 
K 5 HOH 8  2008 2008 HOH HOH A . 
K 5 HOH 9  2009 2009 HOH HOH A . 
K 5 HOH 10 2010 2010 HOH HOH A . 
K 5 HOH 11 2011 2011 HOH HOH A . 
K 5 HOH 12 2012 2012 HOH HOH A . 
K 5 HOH 13 2013 2013 HOH HOH A . 
K 5 HOH 14 2014 2014 HOH HOH A . 
K 5 HOH 15 2015 2015 HOH HOH A . 
K 5 HOH 16 2016 2016 HOH HOH A . 
K 5 HOH 17 2017 2017 HOH HOH A . 
K 5 HOH 18 2018 2018 HOH HOH A . 
K 5 HOH 19 2019 2019 HOH HOH A . 
K 5 HOH 20 2020 2020 HOH HOH A . 
K 5 HOH 21 2021 2021 HOH HOH A . 
K 5 HOH 22 2022 2022 HOH HOH A . 
K 5 HOH 23 2023 2023 HOH HOH A . 
K 5 HOH 24 2024 2024 HOH HOH A . 
K 5 HOH 25 2025 2025 HOH HOH A . 
K 5 HOH 26 2026 2026 HOH HOH A . 
K 5 HOH 27 2027 2027 HOH HOH A . 
# 
loop_
_pdbx_unobs_or_zero_occ_atoms.id 
_pdbx_unobs_or_zero_occ_atoms.PDB_model_num 
_pdbx_unobs_or_zero_occ_atoms.polymer_flag 
_pdbx_unobs_or_zero_occ_atoms.occupancy_flag 
_pdbx_unobs_or_zero_occ_atoms.auth_asym_id 
_pdbx_unobs_or_zero_occ_atoms.auth_comp_id 
_pdbx_unobs_or_zero_occ_atoms.auth_seq_id 
_pdbx_unobs_or_zero_occ_atoms.PDB_ins_code 
_pdbx_unobs_or_zero_occ_atoms.auth_atom_id 
_pdbx_unobs_or_zero_occ_atoms.label_alt_id 
_pdbx_unobs_or_zero_occ_atoms.label_asym_id 
_pdbx_unobs_or_zero_occ_atoms.label_comp_id 
_pdbx_unobs_or_zero_occ_atoms.label_seq_id 
_pdbx_unobs_or_zero_occ_atoms.label_atom_id 
1  1 Y 1 A GLN 220 ? CG    ? A GLN 129 CG    
2  1 Y 1 A GLN 220 ? CD    ? A GLN 129 CD    
3  1 Y 1 A GLN 220 ? OE1   ? A GLN 129 OE1   
4  1 Y 1 A GLN 220 ? NE2   ? A GLN 129 NE2   
5  1 N 1 A BNG 402 ? C1    ? C BNG 1   C1    
6  1 N 1 A BNG 402 ? C2    ? C BNG 1   C2    
7  1 N 1 A BNG 402 ? C3    ? C BNG 1   C3    
8  1 N 1 A BNG 402 ? C4    ? C BNG 1   C4    
9  1 N 1 A BNG 402 ? C5    ? C BNG 1   C5    
10 1 N 1 A BNG 402 ? C6    ? C BNG 1   C6    
11 1 N 1 A BNG 402 ? "C7'" ? C BNG 1   "C7'" 
12 1 N 1 A BNG 402 ? "C8'" ? C BNG 1   "C8'" 
13 1 N 1 A BNG 402 ? "C9'" ? C BNG 1   "C9'" 
14 1 N 1 A BNG 402 ? O1    ? C BNG 1   O1    
15 1 N 1 A BNG 402 ? O2    ? C BNG 1   O2    
16 1 N 1 A BNG 402 ? O3    ? C BNG 1   O3    
17 1 N 1 A BNG 402 ? O4    ? C BNG 1   O4    
18 1 N 1 A BNG 402 ? O5    ? C BNG 1   O5    
19 1 N 1 A BNG 402 ? O6    ? C BNG 1   O6    
20 1 N 1 A BNG 403 ? C1    ? D BNG 1   C1    
21 1 N 1 A BNG 403 ? C2    ? D BNG 1   C2    
22 1 N 1 A BNG 403 ? C3    ? D BNG 1   C3    
23 1 N 1 A BNG 403 ? C4    ? D BNG 1   C4    
24 1 N 1 A BNG 403 ? C5    ? D BNG 1   C5    
25 1 N 1 A BNG 403 ? C6    ? D BNG 1   C6    
26 1 N 1 A BNG 403 ? "C8'" ? D BNG 1   "C8'" 
27 1 N 1 A BNG 403 ? "C9'" ? D BNG 1   "C9'" 
28 1 N 1 A BNG 403 ? O1    ? D BNG 1   O1    
29 1 N 1 A BNG 403 ? O2    ? D BNG 1   O2    
30 1 N 1 A BNG 403 ? O3    ? D BNG 1   O3    
31 1 N 1 A BNG 403 ? O4    ? D BNG 1   O4    
32 1 N 1 A BNG 403 ? O5    ? D BNG 1   O5    
33 1 N 1 A BNG 403 ? O6    ? D BNG 1   O6    
34 1 N 1 A BNG 404 ? C1    ? E BNG 1   C1    
35 1 N 1 A BNG 404 ? C2    ? E BNG 1   C2    
36 1 N 1 A BNG 404 ? C3    ? E BNG 1   C3    
37 1 N 1 A BNG 404 ? C4    ? E BNG 1   C4    
38 1 N 1 A BNG 404 ? C5    ? E BNG 1   C5    
39 1 N 1 A BNG 404 ? C6    ? E BNG 1   C6    
40 1 N 1 A BNG 404 ? O2    ? E BNG 1   O2    
41 1 N 1 A BNG 404 ? O3    ? E BNG 1   O3    
42 1 N 1 A BNG 404 ? O4    ? E BNG 1   O4    
43 1 N 1 A BNG 404 ? O5    ? E BNG 1   O5    
44 1 N 1 A BNG 404 ? O6    ? E BNG 1   O6    
45 1 N 1 A BNG 405 ? C1    ? F BNG 1   C1    
46 1 N 1 A BNG 405 ? C2    ? F BNG 1   C2    
47 1 N 1 A BNG 405 ? C3    ? F BNG 1   C3    
48 1 N 1 A BNG 405 ? C4    ? F BNG 1   C4    
49 1 N 1 A BNG 405 ? C5    ? F BNG 1   C5    
50 1 N 1 A BNG 405 ? C6    ? F BNG 1   C6    
51 1 N 1 A BNG 405 ? "C8'" ? F BNG 1   "C8'" 
52 1 N 1 A BNG 405 ? "C9'" ? F BNG 1   "C9'" 
53 1 N 1 A BNG 405 ? O1    ? F BNG 1   O1    
54 1 N 1 A BNG 405 ? O2    ? F BNG 1   O2    
55 1 N 1 A BNG 405 ? O3    ? F BNG 1   O3    
56 1 N 1 A BNG 405 ? O4    ? F BNG 1   O4    
57 1 N 1 A BNG 405 ? O5    ? F BNG 1   O5    
58 1 N 1 A BNG 405 ? O6    ? F BNG 1   O6    
59 1 N 1 A BNG 406 ? C1    ? G BNG 1   C1    
60 1 N 1 A BNG 406 ? C2    ? G BNG 1   C2    
61 1 N 1 A BNG 406 ? C3    ? G BNG 1   C3    
62 1 N 1 A BNG 406 ? C4    ? G BNG 1   C4    
63 1 N 1 A BNG 406 ? C5    ? G BNG 1   C5    
64 1 N 1 A BNG 406 ? C6    ? G BNG 1   C6    
65 1 N 1 A BNG 406 ? "C5'" ? G BNG 1   "C5'" 
66 1 N 1 A BNG 406 ? "C6'" ? G BNG 1   "C6'" 
67 1 N 1 A BNG 406 ? "C7'" ? G BNG 1   "C7'" 
68 1 N 1 A BNG 406 ? "C8'" ? G BNG 1   "C8'" 
69 1 N 1 A BNG 406 ? "C9'" ? G BNG 1   "C9'" 
70 1 N 1 A BNG 406 ? O1    ? G BNG 1   O1    
71 1 N 1 A BNG 406 ? O2    ? G BNG 1   O2    
72 1 N 1 A BNG 406 ? O3    ? G BNG 1   O3    
73 1 N 1 A BNG 406 ? O4    ? G BNG 1   O4    
74 1 N 1 A BNG 406 ? O5    ? G BNG 1   O5    
75 1 N 1 A BNG 406 ? O6    ? G BNG 1   O6    
# 
loop_
_software.name 
_software.classification 
_software.version 
_software.citation_id 
_software.pdbx_ordinal 
_software.date 
_software.type 
_software.location 
_software.language 
PHENIX refinement       '(PHENIX.REFINE: DEV_1284)' ? 1 ? ? ? ? 
MOSFLM 'data reduction' .                           ? 2 ? ? ? ? 
SCALA  'data scaling'   .                           ? 3 ? ? ? ? 
PHASER phasing          .                           ? 4 ? ? ? ? 
# 
_cell.entry_id           3ZMJ 
_cell.length_a           110.280 
_cell.length_b           110.280 
_cell.length_c           128.240 
_cell.angle_alpha        90.00 
_cell.angle_beta         90.00 
_cell.angle_gamma        120.00 
_cell.Z_PDB              18 
_cell.pdbx_unique_axis   ? 
# 
_symmetry.entry_id                         3ZMJ 
_symmetry.space_group_name_H-M             'H 3 2' 
_symmetry.pdbx_full_space_group_name_H-M   ? 
_symmetry.cell_setting                     ? 
_symmetry.Int_Tables_number                155 
# 
_exptl.entry_id          3ZMJ 
_exptl.method            'X-RAY DIFFRACTION' 
_exptl.crystals_number   1 
# 
_exptl_crystal.id                    1 
_exptl_crystal.density_meas          ? 
_exptl_crystal.density_Matthews      3.5 
_exptl_crystal.density_percent_sol   65.6 
_exptl_crystal.description           NONE 
_exptl_crystal.preparation           ? 
# 
_exptl_crystal_grow.crystal_id      1 
_exptl_crystal_grow.method          'VAPOR DIFFUSION, HANGING DROP' 
_exptl_crystal_grow.temp            298 
_exptl_crystal_grow.temp_details    ? 
_exptl_crystal_grow.pH              7.0 
_exptl_crystal_grow.pdbx_pH_range   ? 
_exptl_crystal_grow.pdbx_details    '1.75 M AMMONIUM CHLORIDE, 0.1M BIS-TRIS, PH 7.0, 298 K' 
# 
_diffrn.id                               1 
_diffrn.ambient_temp                     100 
_diffrn.ambient_temp_details             ? 
_diffrn.crystal_id                       1 
_diffrn.pdbx_serial_crystal_experiment   ? 
# 
_diffrn_detector.diffrn_id              1 
_diffrn_detector.detector               CCD 
_diffrn_detector.type                   'ADSC CCD' 
_diffrn_detector.pdbx_collection_date   2011-08-07 
_diffrn_detector.details                ? 
# 
_diffrn_radiation.diffrn_id                        1 
_diffrn_radiation.wavelength_id                    1 
_diffrn_radiation.pdbx_monochromatic_or_laue_m_l   M 
_diffrn_radiation.monochromator                    ? 
_diffrn_radiation.pdbx_diffrn_protocol             'SINGLE WAVELENGTH' 
_diffrn_radiation.pdbx_scattering_type             x-ray 
# 
_diffrn_radiation_wavelength.id           1 
_diffrn_radiation_wavelength.wavelength   0.9795 
_diffrn_radiation_wavelength.wt           1.0 
# 
_diffrn_source.diffrn_id                   1 
_diffrn_source.source                      SYNCHROTRON 
_diffrn_source.type                        'DIAMOND BEAMLINE I02' 
_diffrn_source.pdbx_synchrotron_site       Diamond 
_diffrn_source.pdbx_synchrotron_beamline   I02 
_diffrn_source.pdbx_wavelength             0.9795 
_diffrn_source.pdbx_wavelength_list        ? 
# 
_reflns.pdbx_diffrn_id               1 
_reflns.pdbx_ordinal                 1 
_reflns.entry_id                     3ZMJ 
_reflns.observed_criterion_sigma_I   ? 
_reflns.observed_criterion_sigma_F   ? 
_reflns.d_resolution_low             53.24 
_reflns.d_resolution_high            2.30 
_reflns.number_obs                   13419 
_reflns.number_all                   ? 
_reflns.percent_possible_obs         99.2 
_reflns.pdbx_Rmerge_I_obs            0.07 
_reflns.pdbx_Rsym_value              ? 
_reflns.pdbx_netI_over_sigmaI        14.40 
_reflns.B_iso_Wilson_estimate        40.9 
_reflns.pdbx_redundancy              5.2 
_reflns.pdbx_CC_half                 ? 
_reflns.pdbx_Rpim_I_all              ? 
_reflns.pdbx_Rrim_I_all              ? 
# 
_reflns_shell.pdbx_diffrn_id         1 
_reflns_shell.pdbx_ordinal           1 
_reflns_shell.d_res_high             2.30 
_reflns_shell.d_res_low              2.42 
_reflns_shell.percent_possible_all   99.9 
_reflns_shell.Rmerge_I_obs           0.59 
_reflns_shell.pdbx_Rsym_value        ? 
_reflns_shell.meanI_over_sigI_obs    3.00 
_reflns_shell.pdbx_redundancy        5.2 
_reflns_shell.number_measured_obs    ? 
_reflns_shell.number_unique_all      ? 
_reflns_shell.number_unique_obs      ? 
_reflns_shell.pdbx_CC_half           ? 
_reflns_shell.pdbx_Rpim_I_all        ? 
_reflns_shell.pdbx_Rrim_I_all        ? 
# 
_refine.pdbx_refine_id                           'X-RAY DIFFRACTION' 
_refine.entry_id                                 3ZMJ 
_refine.pdbx_diffrn_id                           1 
_refine.pdbx_TLS_residual_ADP_flag               ? 
_refine.ls_number_reflns_obs                     13416 
_refine.ls_number_reflns_all                     ? 
_refine.pdbx_ls_sigma_I                          ? 
_refine.pdbx_ls_sigma_F                          1.37 
_refine.pdbx_data_cutoff_high_absF               ? 
_refine.pdbx_data_cutoff_low_absF                ? 
_refine.pdbx_data_cutoff_high_rms_absF           ? 
_refine.ls_d_res_low                             53.235 
_refine.ls_d_res_high                            2.30 
_refine.ls_percent_reflns_obs                    99.03 
_refine.ls_R_factor_obs                          0.1981 
_refine.ls_R_factor_all                          ? 
_refine.ls_R_factor_R_work                       0.1965 
_refine.ls_R_factor_R_free                       0.2306 
_refine.ls_R_factor_R_free_error                 ? 
_refine.ls_R_factor_R_free_error_details         ? 
_refine.ls_percent_reflns_R_free                 5.0 
_refine.ls_number_reflns_R_free                  669 
_refine.ls_number_parameters                     ? 
_refine.ls_number_restraints                     ? 
_refine.occupancy_min                            ? 
_refine.occupancy_max                            ? 
_refine.correlation_coeff_Fo_to_Fc               ? 
_refine.correlation_coeff_Fo_to_Fc_free          ? 
_refine.B_iso_mean                               42 
_refine.aniso_B[1][1]                            ? 
_refine.aniso_B[2][2]                            ? 
_refine.aniso_B[3][3]                            ? 
_refine.aniso_B[1][2]                            ? 
_refine.aniso_B[1][3]                            ? 
_refine.aniso_B[2][3]                            ? 
_refine.solvent_model_details                    'FLAT BULK SOLVENT MODEL' 
_refine.solvent_model_param_ksol                 ? 
_refine.solvent_model_param_bsol                 ? 
_refine.pdbx_solvent_vdw_probe_radii             1.11 
_refine.pdbx_solvent_ion_probe_radii             ? 
_refine.pdbx_solvent_shrinkage_radii             0.90 
_refine.pdbx_ls_cross_valid_method               ? 
_refine.details                                  ? 
_refine.pdbx_starting_model                      'PDB ENTRY 2XOV' 
_refine.pdbx_method_to_determine_struct          'MOLECULAR REPLACEMENT' 
_refine.pdbx_isotropic_thermal_model             ? 
_refine.pdbx_stereochemistry_target_values       ML 
_refine.pdbx_stereochem_target_val_spec_case     ? 
_refine.pdbx_R_Free_selection_details            ? 
_refine.pdbx_overall_ESU_R                       ? 
_refine.pdbx_overall_ESU_R_Free                  ? 
_refine.overall_SU_ML                            0.28 
_refine.pdbx_overall_phase_error                 23.18 
_refine.overall_SU_B                             ? 
_refine.overall_SU_R_Cruickshank_DPI             ? 
_refine.pdbx_overall_SU_R_free_Cruickshank_DPI   ? 
_refine.pdbx_overall_SU_R_Blow_DPI               ? 
_refine.pdbx_overall_SU_R_free_Blow_DPI          ? 
# 
_refine_hist.pdbx_refine_id                   'X-RAY DIFFRACTION' 
_refine_hist.cycle_id                         LAST 
_refine_hist.pdbx_number_atoms_protein        1415 
_refine_hist.pdbx_number_atoms_nucleic_acid   0 
_refine_hist.pdbx_number_atoms_ligand         55 
_refine_hist.number_atoms_solvent             27 
_refine_hist.number_atoms_total               1497 
_refine_hist.d_res_high                       2.30 
_refine_hist.d_res_low                        53.235 
# 
loop_
_refine_ls_restr.type 
_refine_ls_restr.dev_ideal 
_refine_ls_restr.dev_ideal_target 
_refine_ls_restr.weight 
_refine_ls_restr.number 
_refine_ls_restr.pdbx_refine_id 
_refine_ls_restr.pdbx_restraint_function 
f_bond_d           0.007  ? ? 1532 'X-RAY DIFFRACTION' ? 
f_angle_d          1.036  ? ? 2070 'X-RAY DIFFRACTION' ? 
f_dihedral_angle_d 12.558 ? ? 521  'X-RAY DIFFRACTION' ? 
f_chiral_restr     0.070  ? ? 219  'X-RAY DIFFRACTION' ? 
f_plane_restr      0.004  ? ? 242  'X-RAY DIFFRACTION' ? 
# 
loop_
_refine_ls_shell.pdbx_refine_id 
_refine_ls_shell.pdbx_total_number_of_bins_used 
_refine_ls_shell.d_res_high 
_refine_ls_shell.d_res_low 
_refine_ls_shell.number_reflns_R_work 
_refine_ls_shell.R_factor_R_work 
_refine_ls_shell.percent_reflns_obs 
_refine_ls_shell.R_factor_R_free 
_refine_ls_shell.R_factor_R_free_error 
_refine_ls_shell.percent_reflns_R_free 
_refine_ls_shell.number_reflns_R_free 
_refine_ls_shell.number_reflns_all 
_refine_ls_shell.R_factor_all 
_refine_ls_shell.R_factor_obs 
_refine_ls_shell.number_reflns_obs 
'X-RAY DIFFRACTION' . 2.3000 2.4776  2535 0.2199 100.00 0.2607 . . 143 . . . . 
'X-RAY DIFFRACTION' . 2.4776 2.7269  2521 0.1897 99.00  0.2324 . . 133 . . . . 
'X-RAY DIFFRACTION' . 2.7269 3.1215  2513 0.1752 99.00  0.2325 . . 145 . . . . 
'X-RAY DIFFRACTION' . 3.1215 3.9326  2572 0.1903 99.00  0.2214 . . 118 . . . . 
'X-RAY DIFFRACTION' . 3.9326 53.2493 2606 0.2047 98.00  0.2281 . . 130 . . . . 
# 
_struct.entry_id                  3ZMJ 
_struct.title                     'Structure of E.coli rhomboid protease GlpG in complex with monobactam L61' 
_struct.pdbx_model_details        ? 
_struct.pdbx_CASP_flag            ? 
_struct.pdbx_model_type_details   ? 
# 
_struct_keywords.entry_id        3ZMJ 
_struct_keywords.pdbx_keywords   HYDROLASE 
_struct_keywords.text            'HYDROLASE, INTRA-MEMBRANE PROTEASE, ACYL ENZYME, BETA LACTAMS, ANITBIOTIC' 
# 
loop_
_struct_asym.id 
_struct_asym.pdbx_blank_PDB_chainid_flag 
_struct_asym.pdbx_modified 
_struct_asym.entity_id 
_struct_asym.details 
A N N 1 ? 
B N N 2 ? 
C N N 3 ? 
D N N 3 ? 
E N N 3 ? 
F N N 3 ? 
G N N 3 ? 
H N N 4 ? 
I N N 4 ? 
J N N 4 ? 
K N N 5 ? 
# 
_struct_ref.id                         1 
_struct_ref.db_name                    UNP 
_struct_ref.db_code                    GLPG_ECOLI 
_struct_ref.entity_id                  1 
_struct_ref.pdbx_seq_one_letter_code   ? 
_struct_ref.pdbx_align_begin           ? 
_struct_ref.pdbx_db_accession          P09391 
_struct_ref.pdbx_db_isoform            ? 
# 
_struct_ref_seq.align_id                      1 
_struct_ref_seq.ref_id                        1 
_struct_ref_seq.pdbx_PDB_id_code              3ZMJ 
_struct_ref_seq.pdbx_strand_id                A 
_struct_ref_seq.seq_align_beg                 1 
_struct_ref_seq.pdbx_seq_align_beg_ins_code   ? 
_struct_ref_seq.seq_align_end                 179 
_struct_ref_seq.pdbx_seq_align_end_ins_code   ? 
_struct_ref_seq.pdbx_db_accession             P09391 
_struct_ref_seq.db_align_beg                  92 
_struct_ref_seq.pdbx_db_align_beg_ins_code    ? 
_struct_ref_seq.db_align_end                  270 
_struct_ref_seq.pdbx_db_align_end_ins_code    ? 
_struct_ref_seq.pdbx_auth_seq_align_beg       92 
_struct_ref_seq.pdbx_auth_seq_align_end       270 
# 
_pdbx_struct_assembly.id                   1 
_pdbx_struct_assembly.details              author_and_software_defined_assembly 
_pdbx_struct_assembly.method_details       PISA 
_pdbx_struct_assembly.oligomeric_details   monomeric 
_pdbx_struct_assembly.oligomeric_count     1 
# 
_pdbx_struct_assembly_gen.assembly_id       1 
_pdbx_struct_assembly_gen.oper_expression   1 
_pdbx_struct_assembly_gen.asym_id_list      A,B,C,D,E,F,G,H,I,J,K 
# 
_pdbx_struct_oper_list.id                   1 
_pdbx_struct_oper_list.type                 'identity operation' 
_pdbx_struct_oper_list.name                 1_555 
_pdbx_struct_oper_list.symmetry_operation   x,y,z 
_pdbx_struct_oper_list.matrix[1][1]         1.0000000000 
_pdbx_struct_oper_list.matrix[1][2]         0.0000000000 
_pdbx_struct_oper_list.matrix[1][3]         0.0000000000 
_pdbx_struct_oper_list.vector[1]            0.0000000000 
_pdbx_struct_oper_list.matrix[2][1]         0.0000000000 
_pdbx_struct_oper_list.matrix[2][2]         1.0000000000 
_pdbx_struct_oper_list.matrix[2][3]         0.0000000000 
_pdbx_struct_oper_list.vector[2]            0.0000000000 
_pdbx_struct_oper_list.matrix[3][1]         0.0000000000 
_pdbx_struct_oper_list.matrix[3][2]         0.0000000000 
_pdbx_struct_oper_list.matrix[3][3]         1.0000000000 
_pdbx_struct_oper_list.vector[3]            0.0000000000 
# 
loop_
_struct_conf.conf_type_id 
_struct_conf.id 
_struct_conf.pdbx_PDB_helix_id 
_struct_conf.beg_label_comp_id 
_struct_conf.beg_label_asym_id 
_struct_conf.beg_label_seq_id 
_struct_conf.pdbx_beg_PDB_ins_code 
_struct_conf.end_label_comp_id 
_struct_conf.end_label_asym_id 
_struct_conf.end_label_seq_id 
_struct_conf.pdbx_end_PDB_ins_code 
_struct_conf.beg_auth_comp_id 
_struct_conf.beg_auth_asym_id 
_struct_conf.beg_auth_seq_id 
_struct_conf.end_auth_comp_id 
_struct_conf.end_auth_asym_id 
_struct_conf.end_auth_seq_id 
_struct_conf.pdbx_PDB_helix_class 
_struct_conf.details 
_struct_conf.pdbx_PDB_helix_length 
HELX_P HELX_P1  1  GLY A 3   ? GLY A 24  ? GLY A 94  GLY A 115 1 ? 22 
HELX_P HELX_P2  2  GLY A 24  ? ALA A 33  ? GLY A 115 ALA A 124 1 ? 10 
HELX_P HELX_P3  3  ASP A 37  ? LYS A 41  ? ASP A 128 LYS A 132 5 ? 5  
HELX_P HELX_P4  4  TRP A 45  ? HIS A 50  ? TRP A 136 HIS A 141 1 ? 6  
HELX_P HELX_P5  5  ALA A 51  ? MET A 53  ? ALA A 142 MET A 144 5 ? 3  
HELX_P HELX_P6  6  SER A 56  ? GLY A 79  ? SER A 147 GLY A 170 1 ? 24 
HELX_P HELX_P7  7  GLY A 79  ? GLY A 103 ? GLY A 170 GLY A 194 1 ? 25 
HELX_P HELX_P8  8  LEU A 109 ? ASP A 127 ? LEU A 200 ASP A 218 1 ? 19 
HELX_P HELX_P9  9  PRO A 128 ? GLY A 131 ? PRO A 219 GLY A 222 5 ? 4  
HELX_P HELX_P10 10 GLN A 135 ? PHE A 151 ? GLN A 226 PHE A 242 1 ? 17 
HELX_P HELX_P11 11 ALA A 159 ? SER A 178 ? ALA A 250 SER A 269 1 ? 20 
# 
_struct_conf_type.id          HELX_P 
_struct_conf_type.criteria    ? 
_struct_conf_type.reference   ? 
# 
_struct_conn.id                            covale1 
_struct_conn.conn_type_id                  covale 
_struct_conn.pdbx_leaving_atom_flag        none 
_struct_conn.pdbx_PDB_id                   ? 
_struct_conn.ptnr1_label_asym_id           A 
_struct_conn.ptnr1_label_comp_id           SER 
_struct_conn.ptnr1_label_seq_id            110 
_struct_conn.ptnr1_label_atom_id           OG 
_struct_conn.pdbx_ptnr1_label_alt_id       ? 
_struct_conn.pdbx_ptnr1_PDB_ins_code       ? 
_struct_conn.pdbx_ptnr1_standard_comp_id   ? 
_struct_conn.ptnr1_symmetry                1_555 
_struct_conn.ptnr2_label_asym_id           B 
_struct_conn.ptnr2_label_comp_id           L61 
_struct_conn.ptnr2_label_seq_id            . 
_struct_conn.ptnr2_label_atom_id           C2 
_struct_conn.pdbx_ptnr2_label_alt_id       ? 
_struct_conn.pdbx_ptnr2_PDB_ins_code       ? 
_struct_conn.ptnr1_auth_asym_id            A 
_struct_conn.ptnr1_auth_comp_id            SER 
_struct_conn.ptnr1_auth_seq_id             201 
_struct_conn.ptnr2_auth_asym_id            A 
_struct_conn.ptnr2_auth_comp_id            L61 
_struct_conn.ptnr2_auth_seq_id             401 
_struct_conn.ptnr2_symmetry                1_555 
_struct_conn.pdbx_ptnr3_label_atom_id      ? 
_struct_conn.pdbx_ptnr3_label_seq_id       ? 
_struct_conn.pdbx_ptnr3_label_comp_id      ? 
_struct_conn.pdbx_ptnr3_label_asym_id      ? 
_struct_conn.pdbx_ptnr3_label_alt_id       ? 
_struct_conn.pdbx_ptnr3_PDB_ins_code       ? 
_struct_conn.details                       ? 
_struct_conn.pdbx_dist_value               1.397 
_struct_conn.pdbx_value_order              ? 
_struct_conn.pdbx_role                     ? 
# 
_struct_conn_type.id          covale 
_struct_conn_type.criteria    ? 
_struct_conn_type.reference   ? 
# 
_pdbx_modification_feature.ordinal                            1 
_pdbx_modification_feature.label_comp_id                      L61 
_pdbx_modification_feature.label_asym_id                      B 
_pdbx_modification_feature.label_seq_id                       . 
_pdbx_modification_feature.label_alt_id                       ? 
_pdbx_modification_feature.modified_residue_label_comp_id     SER 
_pdbx_modification_feature.modified_residue_label_asym_id     A 
_pdbx_modification_feature.modified_residue_label_seq_id      110 
_pdbx_modification_feature.modified_residue_label_alt_id      ? 
_pdbx_modification_feature.auth_comp_id                       L61 
_pdbx_modification_feature.auth_asym_id                       A 
_pdbx_modification_feature.auth_seq_id                        401 
_pdbx_modification_feature.PDB_ins_code                       ? 
_pdbx_modification_feature.symmetry                           1_555 
_pdbx_modification_feature.modified_residue_auth_comp_id      SER 
_pdbx_modification_feature.modified_residue_auth_asym_id      A 
_pdbx_modification_feature.modified_residue_auth_seq_id       201 
_pdbx_modification_feature.modified_residue_PDB_ins_code      ? 
_pdbx_modification_feature.modified_residue_symmetry          1_555 
_pdbx_modification_feature.comp_id_linking_atom               C2 
_pdbx_modification_feature.modified_residue_id_linking_atom   OG 
_pdbx_modification_feature.modified_residue_id                SER 
_pdbx_modification_feature.ref_pcm_id                         1 
_pdbx_modification_feature.ref_comp_id                        L61 
_pdbx_modification_feature.type                               None 
_pdbx_modification_feature.category                           'Covalent chemical modification' 
# 
_pdbx_entry_details.entry_id                   3ZMJ 
_pdbx_entry_details.compound_details           ? 
_pdbx_entry_details.source_details             ? 
_pdbx_entry_details.nonpolymer_details         
;ISOBUTYL(1-PHENYLBUT-3-EN-1-YL)CARBAMATE (L61): L61 IS
 COVALENTLY BONDED TO S201. BNG 404 IS IN SPECIAL POSITION.
;
_pdbx_entry_details.sequence_details           ? 
_pdbx_entry_details.has_ligand_of_interest     ? 
_pdbx_entry_details.has_protein_modification   Y 
# 
loop_
_pdbx_validate_torsion.id 
_pdbx_validate_torsion.PDB_model_num 
_pdbx_validate_torsion.auth_comp_id 
_pdbx_validate_torsion.auth_asym_id 
_pdbx_validate_torsion.auth_seq_id 
_pdbx_validate_torsion.PDB_ins_code 
_pdbx_validate_torsion.label_alt_id 
_pdbx_validate_torsion.phi 
_pdbx_validate_torsion.psi 
1 1 ASP A 218 ? ? -161.31 70.26 
2 1 GLN A 220 ? ? -54.33  -7.67 
# 
_pdbx_unobs_or_zero_occ_residues.id               1 
_pdbx_unobs_or_zero_occ_residues.PDB_model_num    1 
_pdbx_unobs_or_zero_occ_residues.polymer_flag     Y 
_pdbx_unobs_or_zero_occ_residues.occupancy_flag   1 
_pdbx_unobs_or_zero_occ_residues.auth_asym_id     A 
_pdbx_unobs_or_zero_occ_residues.auth_comp_id     PHE 
_pdbx_unobs_or_zero_occ_residues.auth_seq_id      245 
_pdbx_unobs_or_zero_occ_residues.PDB_ins_code     ? 
_pdbx_unobs_or_zero_occ_residues.label_asym_id    A 
_pdbx_unobs_or_zero_occ_residues.label_comp_id    PHE 
_pdbx_unobs_or_zero_occ_residues.label_seq_id     154 
# 
loop_
_chem_comp_atom.comp_id 
_chem_comp_atom.atom_id 
_chem_comp_atom.type_symbol 
_chem_comp_atom.pdbx_aromatic_flag 
_chem_comp_atom.pdbx_stereo_config 
_chem_comp_atom.pdbx_ordinal 
ALA N      N  N N 1   
ALA CA     C  N S 2   
ALA C      C  N N 3   
ALA O      O  N N 4   
ALA CB     C  N N 5   
ALA OXT    O  N N 6   
ALA H      H  N N 7   
ALA H2     H  N N 8   
ALA HA     H  N N 9   
ALA HB1    H  N N 10  
ALA HB2    H  N N 11  
ALA HB3    H  N N 12  
ALA HXT    H  N N 13  
ARG N      N  N N 14  
ARG CA     C  N S 15  
ARG C      C  N N 16  
ARG O      O  N N 17  
ARG CB     C  N N 18  
ARG CG     C  N N 19  
ARG CD     C  N N 20  
ARG NE     N  N N 21  
ARG CZ     C  N N 22  
ARG NH1    N  N N 23  
ARG NH2    N  N N 24  
ARG OXT    O  N N 25  
ARG H      H  N N 26  
ARG H2     H  N N 27  
ARG HA     H  N N 28  
ARG HB2    H  N N 29  
ARG HB3    H  N N 30  
ARG HG2    H  N N 31  
ARG HG3    H  N N 32  
ARG HD2    H  N N 33  
ARG HD3    H  N N 34  
ARG HE     H  N N 35  
ARG HH11   H  N N 36  
ARG HH12   H  N N 37  
ARG HH21   H  N N 38  
ARG HH22   H  N N 39  
ARG HXT    H  N N 40  
ASN N      N  N N 41  
ASN CA     C  N S 42  
ASN C      C  N N 43  
ASN O      O  N N 44  
ASN CB     C  N N 45  
ASN CG     C  N N 46  
ASN OD1    O  N N 47  
ASN ND2    N  N N 48  
ASN OXT    O  N N 49  
ASN H      H  N N 50  
ASN H2     H  N N 51  
ASN HA     H  N N 52  
ASN HB2    H  N N 53  
ASN HB3    H  N N 54  
ASN HD21   H  N N 55  
ASN HD22   H  N N 56  
ASN HXT    H  N N 57  
ASP N      N  N N 58  
ASP CA     C  N S 59  
ASP C      C  N N 60  
ASP O      O  N N 61  
ASP CB     C  N N 62  
ASP CG     C  N N 63  
ASP OD1    O  N N 64  
ASP OD2    O  N N 65  
ASP OXT    O  N N 66  
ASP H      H  N N 67  
ASP H2     H  N N 68  
ASP HA     H  N N 69  
ASP HB2    H  N N 70  
ASP HB3    H  N N 71  
ASP HD2    H  N N 72  
ASP HXT    H  N N 73  
BNG C1     C  N R 74  
BNG C2     C  N R 75  
BNG C3     C  N S 76  
BNG C4     C  N S 77  
BNG C5     C  N R 78  
BNG C6     C  N N 79  
BNG "C1'"  C  N N 80  
BNG "C2'"  C  N N 81  
BNG "C3'"  C  N N 82  
BNG "C4'"  C  N N 83  
BNG "C5'"  C  N N 84  
BNG "C6'"  C  N N 85  
BNG "C7'"  C  N N 86  
BNG "C8'"  C  N N 87  
BNG "C9'"  C  N N 88  
BNG O1     O  N N 89  
BNG O2     O  N N 90  
BNG O3     O  N N 91  
BNG O4     O  N N 92  
BNG O5     O  N N 93  
BNG O6     O  N N 94  
BNG H1     H  N N 95  
BNG H2     H  N N 96  
BNG H3     H  N N 97  
BNG H4     H  N N 98  
BNG H5     H  N N 99  
BNG H61    H  N N 100 
BNG H62    H  N N 101 
BNG "H1'1" H  N N 102 
BNG "H1'2" H  N N 103 
BNG "H2'1" H  N N 104 
BNG "H2'2" H  N N 105 
BNG "H3'1" H  N N 106 
BNG "H3'2" H  N N 107 
BNG "H4'1" H  N N 108 
BNG "H4'2" H  N N 109 
BNG "H5'1" H  N N 110 
BNG "H5'2" H  N N 111 
BNG "H6'1" H  N N 112 
BNG "H6'2" H  N N 113 
BNG "H7'1" H  N N 114 
BNG "H7'2" H  N N 115 
BNG "H8'1" H  N N 116 
BNG "H8'2" H  N N 117 
BNG "H9'1" H  N N 118 
BNG "H9'2" H  N N 119 
BNG "H9'3" H  N N 120 
BNG HO2    H  N N 121 
BNG HO3    H  N N 122 
BNG HO4    H  N N 123 
BNG HO6    H  N N 124 
CL  CL     CL N N 125 
CYS N      N  N N 126 
CYS CA     C  N R 127 
CYS C      C  N N 128 
CYS O      O  N N 129 
CYS CB     C  N N 130 
CYS SG     S  N N 131 
CYS OXT    O  N N 132 
CYS H      H  N N 133 
CYS H2     H  N N 134 
CYS HA     H  N N 135 
CYS HB2    H  N N 136 
CYS HB3    H  N N 137 
CYS HG     H  N N 138 
CYS HXT    H  N N 139 
GLN N      N  N N 140 
GLN CA     C  N S 141 
GLN C      C  N N 142 
GLN O      O  N N 143 
GLN CB     C  N N 144 
GLN CG     C  N N 145 
GLN CD     C  N N 146 
GLN OE1    O  N N 147 
GLN NE2    N  N N 148 
GLN OXT    O  N N 149 
GLN H      H  N N 150 
GLN H2     H  N N 151 
GLN HA     H  N N 152 
GLN HB2    H  N N 153 
GLN HB3    H  N N 154 
GLN HG2    H  N N 155 
GLN HG3    H  N N 156 
GLN HE21   H  N N 157 
GLN HE22   H  N N 158 
GLN HXT    H  N N 159 
GLU N      N  N N 160 
GLU CA     C  N S 161 
GLU C      C  N N 162 
GLU O      O  N N 163 
GLU CB     C  N N 164 
GLU CG     C  N N 165 
GLU CD     C  N N 166 
GLU OE1    O  N N 167 
GLU OE2    O  N N 168 
GLU OXT    O  N N 169 
GLU H      H  N N 170 
GLU H2     H  N N 171 
GLU HA     H  N N 172 
GLU HB2    H  N N 173 
GLU HB3    H  N N 174 
GLU HG2    H  N N 175 
GLU HG3    H  N N 176 
GLU HE2    H  N N 177 
GLU HXT    H  N N 178 
GLY N      N  N N 179 
GLY CA     C  N N 180 
GLY C      C  N N 181 
GLY O      O  N N 182 
GLY OXT    O  N N 183 
GLY H      H  N N 184 
GLY H2     H  N N 185 
GLY HA2    H  N N 186 
GLY HA3    H  N N 187 
GLY HXT    H  N N 188 
HIS N      N  N N 189 
HIS CA     C  N S 190 
HIS C      C  N N 191 
HIS O      O  N N 192 
HIS CB     C  N N 193 
HIS CG     C  Y N 194 
HIS ND1    N  Y N 195 
HIS CD2    C  Y N 196 
HIS CE1    C  Y N 197 
HIS NE2    N  Y N 198 
HIS OXT    O  N N 199 
HIS H      H  N N 200 
HIS H2     H  N N 201 
HIS HA     H  N N 202 
HIS HB2    H  N N 203 
HIS HB3    H  N N 204 
HIS HD1    H  N N 205 
HIS HD2    H  N N 206 
HIS HE1    H  N N 207 
HIS HE2    H  N N 208 
HIS HXT    H  N N 209 
HOH O      O  N N 210 
HOH H1     H  N N 211 
HOH H2     H  N N 212 
ILE N      N  N N 213 
ILE CA     C  N S 214 
ILE C      C  N N 215 
ILE O      O  N N 216 
ILE CB     C  N S 217 
ILE CG1    C  N N 218 
ILE CG2    C  N N 219 
ILE CD1    C  N N 220 
ILE OXT    O  N N 221 
ILE H      H  N N 222 
ILE H2     H  N N 223 
ILE HA     H  N N 224 
ILE HB     H  N N 225 
ILE HG12   H  N N 226 
ILE HG13   H  N N 227 
ILE HG21   H  N N 228 
ILE HG22   H  N N 229 
ILE HG23   H  N N 230 
ILE HD11   H  N N 231 
ILE HD12   H  N N 232 
ILE HD13   H  N N 233 
ILE HXT    H  N N 234 
L61 O1     O  N N 235 
L61 C2     C  N N 236 
L61 C3     C  N N 237 
L61 C4     C  N R 238 
L61 N1     N  N N 239 
L61 C5     C  N N 240 
L61 O3     O  N N 241 
L61 C6     C  N N 242 
L61 O2     O  N N 243 
L61 C10    C  Y N 244 
L61 C15    C  Y N 245 
L61 C14    C  Y N 246 
L61 C13    C  Y N 247 
L61 C12    C  Y N 248 
L61 C11    C  Y N 249 
L61 C7     C  N N 250 
L61 C8     C  N N 251 
L61 C9     C  N N 252 
L61 HC2    H  N N 253 
L61 H31C   H  N N 254 
L61 H32C   H  N N 255 
L61 H4     H  N N 256 
L61 H1     H  N N 257 
L61 H61C   H  N N 258 
L61 H62C   H  N N 259 
L61 H7     H  N N 260 
L61 H15    H  N N 261 
L61 H11    H  N N 262 
L61 H14    H  N N 263 
L61 H13    H  N N 264 
L61 H12    H  N N 265 
L61 H81C   H  N N 266 
L61 H82C   H  N N 267 
L61 H83C   H  N N 268 
L61 H91C   H  N N 269 
L61 H92C   H  N N 270 
L61 H93C   H  N N 271 
LEU N      N  N N 272 
LEU CA     C  N S 273 
LEU C      C  N N 274 
LEU O      O  N N 275 
LEU CB     C  N N 276 
LEU CG     C  N N 277 
LEU CD1    C  N N 278 
LEU CD2    C  N N 279 
LEU OXT    O  N N 280 
LEU H      H  N N 281 
LEU H2     H  N N 282 
LEU HA     H  N N 283 
LEU HB2    H  N N 284 
LEU HB3    H  N N 285 
LEU HG     H  N N 286 
LEU HD11   H  N N 287 
LEU HD12   H  N N 288 
LEU HD13   H  N N 289 
LEU HD21   H  N N 290 
LEU HD22   H  N N 291 
LEU HD23   H  N N 292 
LEU HXT    H  N N 293 
LYS N      N  N N 294 
LYS CA     C  N S 295 
LYS C      C  N N 296 
LYS O      O  N N 297 
LYS CB     C  N N 298 
LYS CG     C  N N 299 
LYS CD     C  N N 300 
LYS CE     C  N N 301 
LYS NZ     N  N N 302 
LYS OXT    O  N N 303 
LYS H      H  N N 304 
LYS H2     H  N N 305 
LYS HA     H  N N 306 
LYS HB2    H  N N 307 
LYS HB3    H  N N 308 
LYS HG2    H  N N 309 
LYS HG3    H  N N 310 
LYS HD2    H  N N 311 
LYS HD3    H  N N 312 
LYS HE2    H  N N 313 
LYS HE3    H  N N 314 
LYS HZ1    H  N N 315 
LYS HZ2    H  N N 316 
LYS HZ3    H  N N 317 
LYS HXT    H  N N 318 
MET N      N  N N 319 
MET CA     C  N S 320 
MET C      C  N N 321 
MET O      O  N N 322 
MET CB     C  N N 323 
MET CG     C  N N 324 
MET SD     S  N N 325 
MET CE     C  N N 326 
MET OXT    O  N N 327 
MET H      H  N N 328 
MET H2     H  N N 329 
MET HA     H  N N 330 
MET HB2    H  N N 331 
MET HB3    H  N N 332 
MET HG2    H  N N 333 
MET HG3    H  N N 334 
MET HE1    H  N N 335 
MET HE2    H  N N 336 
MET HE3    H  N N 337 
MET HXT    H  N N 338 
PHE N      N  N N 339 
PHE CA     C  N S 340 
PHE C      C  N N 341 
PHE O      O  N N 342 
PHE CB     C  N N 343 
PHE CG     C  Y N 344 
PHE CD1    C  Y N 345 
PHE CD2    C  Y N 346 
PHE CE1    C  Y N 347 
PHE CE2    C  Y N 348 
PHE CZ     C  Y N 349 
PHE OXT    O  N N 350 
PHE H      H  N N 351 
PHE H2     H  N N 352 
PHE HA     H  N N 353 
PHE HB2    H  N N 354 
PHE HB3    H  N N 355 
PHE HD1    H  N N 356 
PHE HD2    H  N N 357 
PHE HE1    H  N N 358 
PHE HE2    H  N N 359 
PHE HZ     H  N N 360 
PHE HXT    H  N N 361 
PRO N      N  N N 362 
PRO CA     C  N S 363 
PRO C      C  N N 364 
PRO O      O  N N 365 
PRO CB     C  N N 366 
PRO CG     C  N N 367 
PRO CD     C  N N 368 
PRO OXT    O  N N 369 
PRO H      H  N N 370 
PRO HA     H  N N 371 
PRO HB2    H  N N 372 
PRO HB3    H  N N 373 
PRO HG2    H  N N 374 
PRO HG3    H  N N 375 
PRO HD2    H  N N 376 
PRO HD3    H  N N 377 
PRO HXT    H  N N 378 
SER N      N  N N 379 
SER CA     C  N S 380 
SER C      C  N N 381 
SER O      O  N N 382 
SER CB     C  N N 383 
SER OG     O  N N 384 
SER OXT    O  N N 385 
SER H      H  N N 386 
SER H2     H  N N 387 
SER HA     H  N N 388 
SER HB2    H  N N 389 
SER HB3    H  N N 390 
SER HG     H  N N 391 
SER HXT    H  N N 392 
THR N      N  N N 393 
THR CA     C  N S 394 
THR C      C  N N 395 
THR O      O  N N 396 
THR CB     C  N R 397 
THR OG1    O  N N 398 
THR CG2    C  N N 399 
THR OXT    O  N N 400 
THR H      H  N N 401 
THR H2     H  N N 402 
THR HA     H  N N 403 
THR HB     H  N N 404 
THR HG1    H  N N 405 
THR HG21   H  N N 406 
THR HG22   H  N N 407 
THR HG23   H  N N 408 
THR HXT    H  N N 409 
TRP N      N  N N 410 
TRP CA     C  N S 411 
TRP C      C  N N 412 
TRP O      O  N N 413 
TRP CB     C  N N 414 
TRP CG     C  Y N 415 
TRP CD1    C  Y N 416 
TRP CD2    C  Y N 417 
TRP NE1    N  Y N 418 
TRP CE2    C  Y N 419 
TRP CE3    C  Y N 420 
TRP CZ2    C  Y N 421 
TRP CZ3    C  Y N 422 
TRP CH2    C  Y N 423 
TRP OXT    O  N N 424 
TRP H      H  N N 425 
TRP H2     H  N N 426 
TRP HA     H  N N 427 
TRP HB2    H  N N 428 
TRP HB3    H  N N 429 
TRP HD1    H  N N 430 
TRP HE1    H  N N 431 
TRP HE3    H  N N 432 
TRP HZ2    H  N N 433 
TRP HZ3    H  N N 434 
TRP HH2    H  N N 435 
TRP HXT    H  N N 436 
TYR N      N  N N 437 
TYR CA     C  N S 438 
TYR C      C  N N 439 
TYR O      O  N N 440 
TYR CB     C  N N 441 
TYR CG     C  Y N 442 
TYR CD1    C  Y N 443 
TYR CD2    C  Y N 444 
TYR CE1    C  Y N 445 
TYR CE2    C  Y N 446 
TYR CZ     C  Y N 447 
TYR OH     O  N N 448 
TYR OXT    O  N N 449 
TYR H      H  N N 450 
TYR H2     H  N N 451 
TYR HA     H  N N 452 
TYR HB2    H  N N 453 
TYR HB3    H  N N 454 
TYR HD1    H  N N 455 
TYR HD2    H  N N 456 
TYR HE1    H  N N 457 
TYR HE2    H  N N 458 
TYR HH     H  N N 459 
TYR HXT    H  N N 460 
VAL N      N  N N 461 
VAL CA     C  N S 462 
VAL C      C  N N 463 
VAL O      O  N N 464 
VAL CB     C  N N 465 
VAL CG1    C  N N 466 
VAL CG2    C  N N 467 
VAL OXT    O  N N 468 
VAL H      H  N N 469 
VAL H2     H  N N 470 
VAL HA     H  N N 471 
VAL HB     H  N N 472 
VAL HG11   H  N N 473 
VAL HG12   H  N N 474 
VAL HG13   H  N N 475 
VAL HG21   H  N N 476 
VAL HG22   H  N N 477 
VAL HG23   H  N N 478 
VAL HXT    H  N N 479 
# 
loop_
_chem_comp_bond.comp_id 
_chem_comp_bond.atom_id_1 
_chem_comp_bond.atom_id_2 
_chem_comp_bond.value_order 
_chem_comp_bond.pdbx_aromatic_flag 
_chem_comp_bond.pdbx_stereo_config 
_chem_comp_bond.pdbx_ordinal 
ALA N     CA     sing N N 1   
ALA N     H      sing N N 2   
ALA N     H2     sing N N 3   
ALA CA    C      sing N N 4   
ALA CA    CB     sing N N 5   
ALA CA    HA     sing N N 6   
ALA C     O      doub N N 7   
ALA C     OXT    sing N N 8   
ALA CB    HB1    sing N N 9   
ALA CB    HB2    sing N N 10  
ALA CB    HB3    sing N N 11  
ALA OXT   HXT    sing N N 12  
ARG N     CA     sing N N 13  
ARG N     H      sing N N 14  
ARG N     H2     sing N N 15  
ARG CA    C      sing N N 16  
ARG CA    CB     sing N N 17  
ARG CA    HA     sing N N 18  
ARG C     O      doub N N 19  
ARG C     OXT    sing N N 20  
ARG CB    CG     sing N N 21  
ARG CB    HB2    sing N N 22  
ARG CB    HB3    sing N N 23  
ARG CG    CD     sing N N 24  
ARG CG    HG2    sing N N 25  
ARG CG    HG3    sing N N 26  
ARG CD    NE     sing N N 27  
ARG CD    HD2    sing N N 28  
ARG CD    HD3    sing N N 29  
ARG NE    CZ     sing N N 30  
ARG NE    HE     sing N N 31  
ARG CZ    NH1    sing N N 32  
ARG CZ    NH2    doub N N 33  
ARG NH1   HH11   sing N N 34  
ARG NH1   HH12   sing N N 35  
ARG NH2   HH21   sing N N 36  
ARG NH2   HH22   sing N N 37  
ARG OXT   HXT    sing N N 38  
ASN N     CA     sing N N 39  
ASN N     H      sing N N 40  
ASN N     H2     sing N N 41  
ASN CA    C      sing N N 42  
ASN CA    CB     sing N N 43  
ASN CA    HA     sing N N 44  
ASN C     O      doub N N 45  
ASN C     OXT    sing N N 46  
ASN CB    CG     sing N N 47  
ASN CB    HB2    sing N N 48  
ASN CB    HB3    sing N N 49  
ASN CG    OD1    doub N N 50  
ASN CG    ND2    sing N N 51  
ASN ND2   HD21   sing N N 52  
ASN ND2   HD22   sing N N 53  
ASN OXT   HXT    sing N N 54  
ASP N     CA     sing N N 55  
ASP N     H      sing N N 56  
ASP N     H2     sing N N 57  
ASP CA    C      sing N N 58  
ASP CA    CB     sing N N 59  
ASP CA    HA     sing N N 60  
ASP C     O      doub N N 61  
ASP C     OXT    sing N N 62  
ASP CB    CG     sing N N 63  
ASP CB    HB2    sing N N 64  
ASP CB    HB3    sing N N 65  
ASP CG    OD1    doub N N 66  
ASP CG    OD2    sing N N 67  
ASP OD2   HD2    sing N N 68  
ASP OXT   HXT    sing N N 69  
BNG C1    C2     sing N N 70  
BNG C1    O1     sing N N 71  
BNG C1    O5     sing N N 72  
BNG C1    H1     sing N N 73  
BNG C2    C3     sing N N 74  
BNG C2    O2     sing N N 75  
BNG C2    H2     sing N N 76  
BNG C3    C4     sing N N 77  
BNG C3    O3     sing N N 78  
BNG C3    H3     sing N N 79  
BNG C4    C5     sing N N 80  
BNG C4    O4     sing N N 81  
BNG C4    H4     sing N N 82  
BNG C5    C6     sing N N 83  
BNG C5    O5     sing N N 84  
BNG C5    H5     sing N N 85  
BNG C6    O6     sing N N 86  
BNG C6    H61    sing N N 87  
BNG C6    H62    sing N N 88  
BNG "C1'" "C2'"  sing N N 89  
BNG "C1'" O1     sing N N 90  
BNG "C1'" "H1'1" sing N N 91  
BNG "C1'" "H1'2" sing N N 92  
BNG "C2'" "C3'"  sing N N 93  
BNG "C2'" "H2'1" sing N N 94  
BNG "C2'" "H2'2" sing N N 95  
BNG "C3'" "C4'"  sing N N 96  
BNG "C3'" "H3'1" sing N N 97  
BNG "C3'" "H3'2" sing N N 98  
BNG "C4'" "C5'"  sing N N 99  
BNG "C4'" "H4'1" sing N N 100 
BNG "C4'" "H4'2" sing N N 101 
BNG "C5'" "C6'"  sing N N 102 
BNG "C5'" "H5'1" sing N N 103 
BNG "C5'" "H5'2" sing N N 104 
BNG "C6'" "C7'"  sing N N 105 
BNG "C6'" "H6'1" sing N N 106 
BNG "C6'" "H6'2" sing N N 107 
BNG "C7'" "C8'"  sing N N 108 
BNG "C7'" "H7'1" sing N N 109 
BNG "C7'" "H7'2" sing N N 110 
BNG "C8'" "C9'"  sing N N 111 
BNG "C8'" "H8'1" sing N N 112 
BNG "C8'" "H8'2" sing N N 113 
BNG "C9'" "H9'1" sing N N 114 
BNG "C9'" "H9'2" sing N N 115 
BNG "C9'" "H9'3" sing N N 116 
BNG O2    HO2    sing N N 117 
BNG O3    HO3    sing N N 118 
BNG O4    HO4    sing N N 119 
BNG O6    HO6    sing N N 120 
CYS N     CA     sing N N 121 
CYS N     H      sing N N 122 
CYS N     H2     sing N N 123 
CYS CA    C      sing N N 124 
CYS CA    CB     sing N N 125 
CYS CA    HA     sing N N 126 
CYS C     O      doub N N 127 
CYS C     OXT    sing N N 128 
CYS CB    SG     sing N N 129 
CYS CB    HB2    sing N N 130 
CYS CB    HB3    sing N N 131 
CYS SG    HG     sing N N 132 
CYS OXT   HXT    sing N N 133 
GLN N     CA     sing N N 134 
GLN N     H      sing N N 135 
GLN N     H2     sing N N 136 
GLN CA    C      sing N N 137 
GLN CA    CB     sing N N 138 
GLN CA    HA     sing N N 139 
GLN C     O      doub N N 140 
GLN C     OXT    sing N N 141 
GLN CB    CG     sing N N 142 
GLN CB    HB2    sing N N 143 
GLN CB    HB3    sing N N 144 
GLN CG    CD     sing N N 145 
GLN CG    HG2    sing N N 146 
GLN CG    HG3    sing N N 147 
GLN CD    OE1    doub N N 148 
GLN CD    NE2    sing N N 149 
GLN NE2   HE21   sing N N 150 
GLN NE2   HE22   sing N N 151 
GLN OXT   HXT    sing N N 152 
GLU N     CA     sing N N 153 
GLU N     H      sing N N 154 
GLU N     H2     sing N N 155 
GLU CA    C      sing N N 156 
GLU CA    CB     sing N N 157 
GLU CA    HA     sing N N 158 
GLU C     O      doub N N 159 
GLU C     OXT    sing N N 160 
GLU CB    CG     sing N N 161 
GLU CB    HB2    sing N N 162 
GLU CB    HB3    sing N N 163 
GLU CG    CD     sing N N 164 
GLU CG    HG2    sing N N 165 
GLU CG    HG3    sing N N 166 
GLU CD    OE1    doub N N 167 
GLU CD    OE2    sing N N 168 
GLU OE2   HE2    sing N N 169 
GLU OXT   HXT    sing N N 170 
GLY N     CA     sing N N 171 
GLY N     H      sing N N 172 
GLY N     H2     sing N N 173 
GLY CA    C      sing N N 174 
GLY CA    HA2    sing N N 175 
GLY CA    HA3    sing N N 176 
GLY C     O      doub N N 177 
GLY C     OXT    sing N N 178 
GLY OXT   HXT    sing N N 179 
HIS N     CA     sing N N 180 
HIS N     H      sing N N 181 
HIS N     H2     sing N N 182 
HIS CA    C      sing N N 183 
HIS CA    CB     sing N N 184 
HIS CA    HA     sing N N 185 
HIS C     O      doub N N 186 
HIS C     OXT    sing N N 187 
HIS CB    CG     sing N N 188 
HIS CB    HB2    sing N N 189 
HIS CB    HB3    sing N N 190 
HIS CG    ND1    sing Y N 191 
HIS CG    CD2    doub Y N 192 
HIS ND1   CE1    doub Y N 193 
HIS ND1   HD1    sing N N 194 
HIS CD2   NE2    sing Y N 195 
HIS CD2   HD2    sing N N 196 
HIS CE1   NE2    sing Y N 197 
HIS CE1   HE1    sing N N 198 
HIS NE2   HE2    sing N N 199 
HIS OXT   HXT    sing N N 200 
HOH O     H1     sing N N 201 
HOH O     H2     sing N N 202 
ILE N     CA     sing N N 203 
ILE N     H      sing N N 204 
ILE N     H2     sing N N 205 
ILE CA    C      sing N N 206 
ILE CA    CB     sing N N 207 
ILE CA    HA     sing N N 208 
ILE C     O      doub N N 209 
ILE C     OXT    sing N N 210 
ILE CB    CG1    sing N N 211 
ILE CB    CG2    sing N N 212 
ILE CB    HB     sing N N 213 
ILE CG1   CD1    sing N N 214 
ILE CG1   HG12   sing N N 215 
ILE CG1   HG13   sing N N 216 
ILE CG2   HG21   sing N N 217 
ILE CG2   HG22   sing N N 218 
ILE CG2   HG23   sing N N 219 
ILE CD1   HD11   sing N N 220 
ILE CD1   HD12   sing N N 221 
ILE CD1   HD13   sing N N 222 
ILE OXT   HXT    sing N N 223 
L61 O1    C2     doub N N 224 
L61 C2    C3     sing N N 225 
L61 C2    HC2    sing N N 226 
L61 C3    C4     sing N N 227 
L61 C4    N1     sing N N 228 
L61 C4    C10    sing N N 229 
L61 N1    C5     sing N N 230 
L61 C5    O3     sing N N 231 
L61 C5    O2     doub N N 232 
L61 O3    C6     sing N N 233 
L61 C6    C7     sing N N 234 
L61 C10   C15    sing Y N 235 
L61 C10   C11    doub Y N 236 
L61 C15   C14    doub Y N 237 
L61 C14   C13    sing Y N 238 
L61 C13   C12    doub Y N 239 
L61 C12   C11    sing Y N 240 
L61 C7    C8     sing N N 241 
L61 C7    C9     sing N N 242 
L61 C3    H31C   sing N N 243 
L61 C3    H32C   sing N N 244 
L61 C4    H4     sing N N 245 
L61 N1    H1     sing N N 246 
L61 C6    H61C   sing N N 247 
L61 C6    H62C   sing N N 248 
L61 C7    H7     sing N N 249 
L61 C15   H15    sing N N 250 
L61 C11   H11    sing N N 251 
L61 C14   H14    sing N N 252 
L61 C13   H13    sing N N 253 
L61 C12   H12    sing N N 254 
L61 C8    H81C   sing N N 255 
L61 C8    H82C   sing N N 256 
L61 C8    H83C   sing N N 257 
L61 C9    H91C   sing N N 258 
L61 C9    H92C   sing N N 259 
L61 C9    H93C   sing N N 260 
LEU N     CA     sing N N 261 
LEU N     H      sing N N 262 
LEU N     H2     sing N N 263 
LEU CA    C      sing N N 264 
LEU CA    CB     sing N N 265 
LEU CA    HA     sing N N 266 
LEU C     O      doub N N 267 
LEU C     OXT    sing N N 268 
LEU CB    CG     sing N N 269 
LEU CB    HB2    sing N N 270 
LEU CB    HB3    sing N N 271 
LEU CG    CD1    sing N N 272 
LEU CG    CD2    sing N N 273 
LEU CG    HG     sing N N 274 
LEU CD1   HD11   sing N N 275 
LEU CD1   HD12   sing N N 276 
LEU CD1   HD13   sing N N 277 
LEU CD2   HD21   sing N N 278 
LEU CD2   HD22   sing N N 279 
LEU CD2   HD23   sing N N 280 
LEU OXT   HXT    sing N N 281 
LYS N     CA     sing N N 282 
LYS N     H      sing N N 283 
LYS N     H2     sing N N 284 
LYS CA    C      sing N N 285 
LYS CA    CB     sing N N 286 
LYS CA    HA     sing N N 287 
LYS C     O      doub N N 288 
LYS C     OXT    sing N N 289 
LYS CB    CG     sing N N 290 
LYS CB    HB2    sing N N 291 
LYS CB    HB3    sing N N 292 
LYS CG    CD     sing N N 293 
LYS CG    HG2    sing N N 294 
LYS CG    HG3    sing N N 295 
LYS CD    CE     sing N N 296 
LYS CD    HD2    sing N N 297 
LYS CD    HD3    sing N N 298 
LYS CE    NZ     sing N N 299 
LYS CE    HE2    sing N N 300 
LYS CE    HE3    sing N N 301 
LYS NZ    HZ1    sing N N 302 
LYS NZ    HZ2    sing N N 303 
LYS NZ    HZ3    sing N N 304 
LYS OXT   HXT    sing N N 305 
MET N     CA     sing N N 306 
MET N     H      sing N N 307 
MET N     H2     sing N N 308 
MET CA    C      sing N N 309 
MET CA    CB     sing N N 310 
MET CA    HA     sing N N 311 
MET C     O      doub N N 312 
MET C     OXT    sing N N 313 
MET CB    CG     sing N N 314 
MET CB    HB2    sing N N 315 
MET CB    HB3    sing N N 316 
MET CG    SD     sing N N 317 
MET CG    HG2    sing N N 318 
MET CG    HG3    sing N N 319 
MET SD    CE     sing N N 320 
MET CE    HE1    sing N N 321 
MET CE    HE2    sing N N 322 
MET CE    HE3    sing N N 323 
MET OXT   HXT    sing N N 324 
PHE N     CA     sing N N 325 
PHE N     H      sing N N 326 
PHE N     H2     sing N N 327 
PHE CA    C      sing N N 328 
PHE CA    CB     sing N N 329 
PHE CA    HA     sing N N 330 
PHE C     O      doub N N 331 
PHE C     OXT    sing N N 332 
PHE CB    CG     sing N N 333 
PHE CB    HB2    sing N N 334 
PHE CB    HB3    sing N N 335 
PHE CG    CD1    doub Y N 336 
PHE CG    CD2    sing Y N 337 
PHE CD1   CE1    sing Y N 338 
PHE CD1   HD1    sing N N 339 
PHE CD2   CE2    doub Y N 340 
PHE CD2   HD2    sing N N 341 
PHE CE1   CZ     doub Y N 342 
PHE CE1   HE1    sing N N 343 
PHE CE2   CZ     sing Y N 344 
PHE CE2   HE2    sing N N 345 
PHE CZ    HZ     sing N N 346 
PHE OXT   HXT    sing N N 347 
PRO N     CA     sing N N 348 
PRO N     CD     sing N N 349 
PRO N     H      sing N N 350 
PRO CA    C      sing N N 351 
PRO CA    CB     sing N N 352 
PRO CA    HA     sing N N 353 
PRO C     O      doub N N 354 
PRO C     OXT    sing N N 355 
PRO CB    CG     sing N N 356 
PRO CB    HB2    sing N N 357 
PRO CB    HB3    sing N N 358 
PRO CG    CD     sing N N 359 
PRO CG    HG2    sing N N 360 
PRO CG    HG3    sing N N 361 
PRO CD    HD2    sing N N 362 
PRO CD    HD3    sing N N 363 
PRO OXT   HXT    sing N N 364 
SER N     CA     sing N N 365 
SER N     H      sing N N 366 
SER N     H2     sing N N 367 
SER CA    C      sing N N 368 
SER CA    CB     sing N N 369 
SER CA    HA     sing N N 370 
SER C     O      doub N N 371 
SER C     OXT    sing N N 372 
SER CB    OG     sing N N 373 
SER CB    HB2    sing N N 374 
SER CB    HB3    sing N N 375 
SER OG    HG     sing N N 376 
SER OXT   HXT    sing N N 377 
THR N     CA     sing N N 378 
THR N     H      sing N N 379 
THR N     H2     sing N N 380 
THR CA    C      sing N N 381 
THR CA    CB     sing N N 382 
THR CA    HA     sing N N 383 
THR C     O      doub N N 384 
THR C     OXT    sing N N 385 
THR CB    OG1    sing N N 386 
THR CB    CG2    sing N N 387 
THR CB    HB     sing N N 388 
THR OG1   HG1    sing N N 389 
THR CG2   HG21   sing N N 390 
THR CG2   HG22   sing N N 391 
THR CG2   HG23   sing N N 392 
THR OXT   HXT    sing N N 393 
TRP N     CA     sing N N 394 
TRP N     H      sing N N 395 
TRP N     H2     sing N N 396 
TRP CA    C      sing N N 397 
TRP CA    CB     sing N N 398 
TRP CA    HA     sing N N 399 
TRP C     O      doub N N 400 
TRP C     OXT    sing N N 401 
TRP CB    CG     sing N N 402 
TRP CB    HB2    sing N N 403 
TRP CB    HB3    sing N N 404 
TRP CG    CD1    doub Y N 405 
TRP CG    CD2    sing Y N 406 
TRP CD1   NE1    sing Y N 407 
TRP CD1   HD1    sing N N 408 
TRP CD2   CE2    doub Y N 409 
TRP CD2   CE3    sing Y N 410 
TRP NE1   CE2    sing Y N 411 
TRP NE1   HE1    sing N N 412 
TRP CE2   CZ2    sing Y N 413 
TRP CE3   CZ3    doub Y N 414 
TRP CE3   HE3    sing N N 415 
TRP CZ2   CH2    doub Y N 416 
TRP CZ2   HZ2    sing N N 417 
TRP CZ3   CH2    sing Y N 418 
TRP CZ3   HZ3    sing N N 419 
TRP CH2   HH2    sing N N 420 
TRP OXT   HXT    sing N N 421 
TYR N     CA     sing N N 422 
TYR N     H      sing N N 423 
TYR N     H2     sing N N 424 
TYR CA    C      sing N N 425 
TYR CA    CB     sing N N 426 
TYR CA    HA     sing N N 427 
TYR C     O      doub N N 428 
TYR C     OXT    sing N N 429 
TYR CB    CG     sing N N 430 
TYR CB    HB2    sing N N 431 
TYR CB    HB3    sing N N 432 
TYR CG    CD1    doub Y N 433 
TYR CG    CD2    sing Y N 434 
TYR CD1   CE1    sing Y N 435 
TYR CD1   HD1    sing N N 436 
TYR CD2   CE2    doub Y N 437 
TYR CD2   HD2    sing N N 438 
TYR CE1   CZ     doub Y N 439 
TYR CE1   HE1    sing N N 440 
TYR CE2   CZ     sing Y N 441 
TYR CE2   HE2    sing N N 442 
TYR CZ    OH     sing N N 443 
TYR OH    HH     sing N N 444 
TYR OXT   HXT    sing N N 445 
VAL N     CA     sing N N 446 
VAL N     H      sing N N 447 
VAL N     H2     sing N N 448 
VAL CA    C      sing N N 449 
VAL CA    CB     sing N N 450 
VAL CA    HA     sing N N 451 
VAL C     O      doub N N 452 
VAL C     OXT    sing N N 453 
VAL CB    CG1    sing N N 454 
VAL CB    CG2    sing N N 455 
VAL CB    HB     sing N N 456 
VAL CG1   HG11   sing N N 457 
VAL CG1   HG12   sing N N 458 
VAL CG1   HG13   sing N N 459 
VAL CG2   HG21   sing N N 460 
VAL CG2   HG22   sing N N 461 
VAL CG2   HG23   sing N N 462 
VAL OXT   HXT    sing N N 463 
# 
_pdbx_initial_refinement_model.id               1 
_pdbx_initial_refinement_model.entity_id_list   ? 
_pdbx_initial_refinement_model.type             'experimental model' 
_pdbx_initial_refinement_model.source_name      PDB 
_pdbx_initial_refinement_model.accession_code   2XOV 
_pdbx_initial_refinement_model.details          'PDB ENTRY 2XOV' 
# 
_atom_sites.entry_id                    3ZMJ 
_atom_sites.fract_transf_matrix[1][1]   -0.00830321 
_atom_sites.fract_transf_matrix[1][2]   -0.00165418 
_atom_sites.fract_transf_matrix[1][3]   0.00616070 
_atom_sites.fract_transf_matrix[2][1]   0.00117189 
_atom_sites.fract_transf_matrix[2][2]   -0.00028186 
_atom_sites.fract_transf_matrix[2][3]   0.01040140 
_atom_sites.fract_transf_matrix[3][1]   -0.00127044 
_atom_sites.fract_transf_matrix[3][2]   0.00768579 
_atom_sites.fract_transf_matrix[3][3]   0.00035141 
_atom_sites.fract_transf_vector[1]      -0.202799 
_atom_sites.fract_transf_vector[2]      -0.078944 
_atom_sites.fract_transf_vector[3]      0.350342 
# 
loop_
_atom_type.symbol 
C  
CL 
N  
O  
S  
# 
loop_
_atom_site.group_PDB 
_atom_site.id 
_atom_site.type_symbol 
_atom_site.label_atom_id 
_atom_site.label_alt_id 
_atom_site.label_comp_id 
_atom_site.label_asym_id 
_atom_site.label_entity_id 
_atom_site.label_seq_id 
_atom_site.pdbx_PDB_ins_code 
_atom_site.Cartn_x 
_atom_site.Cartn_y 
_atom_site.Cartn_z 
_atom_site.occupancy 
_atom_site.B_iso_or_equiv 
_atom_site.pdbx_formal_charge 
_atom_site.auth_seq_id 
_atom_site.auth_comp_id 
_atom_site.auth_asym_id 
_atom_site.auth_atom_id 
_atom_site.pdbx_PDB_model_num 
ATOM   1    N  N     . ARG A 1 1   ? -1.785  -17.810 11.425  1.00 62.12 ? 92   ARG A N     1 
ATOM   2    C  CA    . ARG A 1 1   ? -1.520  -16.426 11.797  1.00 57.41 ? 92   ARG A CA    1 
ATOM   3    C  C     . ARG A 1 1   ? -0.745  -15.690 10.704  1.00 58.41 ? 92   ARG A C     1 
ATOM   4    O  O     . ARG A 1 1   ? -0.052  -16.308 9.903   1.00 55.71 ? 92   ARG A O     1 
ATOM   5    C  CB    . ARG A 1 1   ? -0.731  -16.358 13.103  1.00 49.30 ? 92   ARG A CB    1 
ATOM   6    C  CG    . ARG A 1 1   ? 0.669   -16.919 12.997  1.00 53.92 ? 92   ARG A CG    1 
ATOM   7    C  CD    . ARG A 1 1   ? 1.558   -16.483 14.157  1.00 53.80 ? 92   ARG A CD    1 
ATOM   8    N  NE    . ARG A 1 1   ? 2.969   -16.772 13.891  1.00 62.74 ? 92   ARG A NE    1 
ATOM   9    C  CZ    . ARG A 1 1   ? 3.966   -16.522 14.739  1.00 64.78 ? 92   ARG A CZ    1 
ATOM   10   N  NH1   . ARG A 1 1   ? 3.711   -15.979 15.921  1.00 69.46 ? 92   ARG A NH1   1 
ATOM   11   N  NH2   . ARG A 1 1   ? 5.221   -16.820 14.407  1.00 60.08 ? 92   ARG A NH2   1 
ATOM   12   N  N     . ALA A 1 2   ? -0.873  -14.365 10.694  1.00 56.18 ? 93   ALA A N     1 
ATOM   13   C  CA    . ALA A 1 2   ? -0.152  -13.483 9.783   1.00 46.43 ? 93   ALA A CA    1 
ATOM   14   C  C     . ALA A 1 2   ? 1.370   -13.674 9.848   1.00 45.95 ? 93   ALA A C     1 
ATOM   15   O  O     . ALA A 1 2   ? 1.965   -13.601 10.935  1.00 39.07 ? 93   ALA A O     1 
ATOM   16   C  CB    . ALA A 1 2   ? -0.502  -12.024 10.107  1.00 36.86 ? 93   ALA A CB    1 
ATOM   17   N  N     . GLY A 1 3   ? 1.995   -13.891 8.688   1.00 40.35 ? 94   GLY A N     1 
ATOM   18   C  CA    . GLY A 1 3   ? 3.446   -14.053 8.600   1.00 35.30 ? 94   GLY A CA    1 
ATOM   19   C  C     . GLY A 1 3   ? 4.259   -12.845 9.040   1.00 34.55 ? 94   GLY A C     1 
ATOM   20   O  O     . GLY A 1 3   ? 3.707   -11.776 9.302   1.00 36.86 ? 94   GLY A O     1 
ATOM   21   N  N     . PRO A 1 4   ? 5.592   -12.999 9.112   1.00 33.08 ? 95   PRO A N     1 
ATOM   22   C  CA    . PRO A 1 4   ? 6.451   -11.953 9.674   1.00 27.59 ? 95   PRO A CA    1 
ATOM   23   C  C     . PRO A 1 4   ? 6.418   -10.605 8.954   1.00 34.56 ? 95   PRO A C     1 
ATOM   24   O  O     . PRO A 1 4   ? 6.488   -9.578  9.644   1.00 33.61 ? 95   PRO A O     1 
ATOM   25   C  CB    . PRO A 1 4   ? 7.860   -12.573 9.595   1.00 37.44 ? 95   PRO A CB    1 
ATOM   26   C  CG    . PRO A 1 4   ? 7.766   -13.603 8.531   1.00 37.80 ? 95   PRO A CG    1 
ATOM   27   C  CD    . PRO A 1 4   ? 6.370   -14.161 8.645   1.00 33.86 ? 95   PRO A CD    1 
ATOM   28   N  N     . VAL A 1 5   ? 6.333   -10.588 7.619   1.00 33.86 ? 96   VAL A N     1 
ATOM   29   C  CA    . VAL A 1 5   ? 6.270   -9.314  6.898   1.00 32.33 ? 96   VAL A CA    1 
ATOM   30   C  C     . VAL A 1 5   ? 4.913   -8.647  7.111   1.00 31.42 ? 96   VAL A C     1 
ATOM   31   O  O     . VAL A 1 5   ? 4.828   -7.437  7.372   1.00 31.87 ? 96   VAL A O     1 
ATOM   32   C  CB    . VAL A 1 5   ? 6.518   -9.464  5.363   1.00 36.00 ? 96   VAL A CB    1 
ATOM   33   C  CG1   . VAL A 1 5   ? 6.444   -8.100  4.680   1.00 24.34 ? 96   VAL A CG1   1 
ATOM   34   C  CG2   . VAL A 1 5   ? 7.856   -10.112 5.083   1.00 30.75 ? 96   VAL A CG2   1 
ATOM   35   N  N     . THR A 1 6   ? 3.854   -9.439  6.978   1.00 32.74 ? 97   THR A N     1 
ATOM   36   C  CA    . THR A 1 6   ? 2.496   -8.954  7.222   1.00 31.92 ? 97   THR A CA    1 
ATOM   37   C  C     . THR A 1 6   ? 2.416   -8.323  8.613   1.00 36.40 ? 97   THR A C     1 
ATOM   38   O  O     . THR A 1 6   ? 1.917   -7.202  8.781   1.00 31.89 ? 97   THR A O     1 
ATOM   39   C  CB    . THR A 1 6   ? 1.475   -10.105 7.106   1.00 38.42 ? 97   THR A CB    1 
ATOM   40   O  OG1   . THR A 1 6   ? 1.489   -10.614 5.765   1.00 34.20 ? 97   THR A OG1   1 
ATOM   41   C  CG2   . THR A 1 6   ? 0.058   -9.634  7.465   1.00 32.18 ? 97   THR A CG2   1 
ATOM   42   N  N     . TRP A 1 7   ? 2.981   -9.032  9.589   1.00 32.24 ? 98   TRP A N     1 
ATOM   43   C  CA    . TRP A 1 7   ? 2.924   -8.632  10.990  1.00 32.47 ? 98   TRP A CA    1 
ATOM   44   C  C     . TRP A 1 7   ? 3.730   -7.375  11.280  1.00 34.92 ? 98   TRP A C     1 
ATOM   45   O  O     . TRP A 1 7   ? 3.201   -6.413  11.847  1.00 36.57 ? 98   TRP A O     1 
ATOM   46   C  CB    . TRP A 1 7   ? 3.396   -9.806  11.851  1.00 35.85 ? 98   TRP A CB    1 
ATOM   47   C  CG    . TRP A 1 7   ? 3.597   -9.541  13.304  1.00 44.68 ? 98   TRP A CG    1 
ATOM   48   C  CD1   . TRP A 1 7   ? 4.753   -9.725  14.013  1.00 49.81 ? 98   TRP A CD1   1 
ATOM   49   C  CD2   . TRP A 1 7   ? 2.620   -9.076  14.244  1.00 41.98 ? 98   TRP A CD2   1 
ATOM   50   N  NE1   . TRP A 1 7   ? 4.559   -9.400  15.330  1.00 50.43 ? 98   TRP A NE1   1 
ATOM   51   C  CE2   . TRP A 1 7   ? 3.258   -9.002  15.503  1.00 51.75 ? 98   TRP A CE2   1 
ATOM   52   C  CE3   . TRP A 1 7   ? 1.275   -8.716  14.150  1.00 43.26 ? 98   TRP A CE3   1 
ATOM   53   C  CZ2   . TRP A 1 7   ? 2.596   -8.575  16.657  1.00 48.42 ? 98   TRP A CZ2   1 
ATOM   54   C  CZ3   . TRP A 1 7   ? 0.612   -8.298  15.295  1.00 48.38 ? 98   TRP A CZ3   1 
ATOM   55   C  CH2   . TRP A 1 7   ? 1.277   -8.228  16.533  1.00 46.33 ? 98   TRP A CH2   1 
ATOM   56   N  N     . VAL A 1 8   ? 5.005   -7.377  10.881  1.00 37.12 ? 99   VAL A N     1 
ATOM   57   C  CA    . VAL A 1 8   ? 5.903   -6.260  11.171  1.00 31.51 ? 99   VAL A CA    1 
ATOM   58   C  C     . VAL A 1 8   ? 5.413   -4.973  10.512  1.00 31.69 ? 99   VAL A C     1 
ATOM   59   O  O     . VAL A 1 8   ? 5.522   -3.890  11.083  1.00 35.45 ? 99   VAL A O     1 
ATOM   60   C  CB    . VAL A 1 8   ? 7.363   -6.576  10.761  1.00 42.07 ? 99   VAL A CB    1 
ATOM   61   C  CG1   . VAL A 1 8   ? 8.236   -5.341  10.863  1.00 39.77 ? 99   VAL A CG1   1 
ATOM   62   C  CG2   . VAL A 1 8   ? 7.930   -7.688  11.634  1.00 40.59 ? 99   VAL A CG2   1 
ATOM   63   N  N     . MET A 1 9   ? 4.826   -5.099  9.329   1.00 31.44 ? 100  MET A N     1 
ATOM   64   C  CA    . MET A 1 9   ? 4.262   -3.931  8.669   1.00 36.51 ? 100  MET A CA    1 
ATOM   65   C  C     . MET A 1 9   ? 3.101   -3.355  9.500   1.00 34.35 ? 100  MET A C     1 
ATOM   66   O  O     . MET A 1 9   ? 2.991   -2.137  9.708   1.00 29.29 ? 100  MET A O     1 
ATOM   67   C  CB    . MET A 1 9   ? 3.799   -4.287  7.255   1.00 28.21 ? 100  MET A CB    1 
ATOM   68   C  CG    . MET A 1 9   ? 2.972   -3.195  6.589   1.00 31.78 ? 100  MET A CG    1 
ATOM   69   S  SD    . MET A 1 9   ? 3.920   -1.688  6.230   1.00 40.41 ? 100  MET A SD    1 
ATOM   70   C  CE    . MET A 1 9   ? 4.867   -2.202  4.789   1.00 31.44 ? 100  MET A CE    1 
ATOM   71   N  N     . MET A 1 10  ? 2.238   -4.245  9.969   1.00 35.24 ? 101  MET A N     1 
ATOM   72   C  CA    . MET A 1 10  ? 1.088   -3.840  10.774  1.00 34.55 ? 101  MET A CA    1 
ATOM   73   C  C     . MET A 1 10  ? 1.543   -3.116  12.018  1.00 33.88 ? 101  MET A C     1 
ATOM   74   O  O     . MET A 1 10  ? 1.060   -2.025  12.320  1.00 32.74 ? 101  MET A O     1 
ATOM   75   C  CB    . MET A 1 10  ? 0.224   -5.050  11.116  1.00 32.56 ? 101  MET A CB    1 
ATOM   76   C  CG    . MET A 1 10  ? -0.551  -5.518  9.899   1.00 32.35 ? 101  MET A CG    1 
ATOM   77   S  SD    . MET A 1 10  ? -1.571  -6.976  10.121  1.00 41.95 ? 101  MET A SD    1 
ATOM   78   C  CE    . MET A 1 10  ? -3.107  -6.194  10.555  1.00 44.75 ? 101  MET A CE    1 
ATOM   79   N  N     . ILE A 1 11  ? 2.522   -3.698  12.701  1.00 30.62 ? 102  ILE A N     1 
ATOM   80   C  CA    . ILE A 1 11  ? 3.062   -3.089  13.902  1.00 27.42 ? 102  ILE A CA    1 
ATOM   81   C  C     . ILE A 1 11  ? 3.642   -1.718  13.614  1.00 37.69 ? 102  ILE A C     1 
ATOM   82   O  O     . ILE A 1 11  ? 3.364   -0.753  14.335  1.00 39.39 ? 102  ILE A O     1 
ATOM   83   C  CB    . ILE A 1 11  ? 4.194   -3.924  14.467  1.00 40.37 ? 102  ILE A CB    1 
ATOM   84   C  CG1   . ILE A 1 11  ? 3.682   -5.270  14.950  1.00 44.00 ? 102  ILE A CG1   1 
ATOM   85   C  CG2   . ILE A 1 11  ? 4.887   -3.185  15.599  1.00 43.02 ? 102  ILE A CG2   1 
ATOM   86   C  CD1   . ILE A 1 11  ? 4.792   -6.120  15.516  1.00 54.86 ? 102  ILE A CD1   1 
ATOM   87   N  N     . ALA A 1 12  ? 4.467   -1.648  12.570  1.00 37.65 ? 103  ALA A N     1 
ATOM   88   C  CA    . ALA A 1 12  ? 5.182   -0.424  12.229  1.00 31.70 ? 103  ALA A CA    1 
ATOM   89   C  C     . ALA A 1 12  ? 4.192   0.691   11.938  1.00 31.66 ? 103  ALA A C     1 
ATOM   90   O  O     . ALA A 1 12  ? 4.392   1.832   12.338  1.00 39.04 ? 103  ALA A O     1 
ATOM   91   C  CB    . ALA A 1 12  ? 6.122   -0.663  11.024  1.00 31.04 ? 103  ALA A CB    1 
ATOM   92   N  N     . CYS A 1 13  ? 3.119   0.353   11.236  1.00 33.51 ? 104  CYS A N     1 
ATOM   93   C  CA    . CYS A 1 13  ? 2.077   1.324   10.938  1.00 38.91 ? 104  CYS A CA    1 
ATOM   94   C  C     . CYS A 1 13  ? 1.386   1.799   12.216  1.00 38.18 ? 104  CYS A C     1 
ATOM   95   O  O     . CYS A 1 13  ? 1.076   2.984   12.355  1.00 33.31 ? 104  CYS A O     1 
ATOM   96   C  CB    . CYS A 1 13  ? 1.052   0.726   9.980   1.00 31.83 ? 104  CYS A CB    1 
ATOM   97   S  SG    . CYS A 1 13  ? 1.648   0.593   8.274   1.00 34.72 ? 104  CYS A SG    1 
ATOM   98   N  N     . VAL A 1 14  ? 1.150   0.865   13.136  1.00 32.29 ? 105  VAL A N     1 
ATOM   99   C  CA    . VAL A 1 14  ? 0.537   1.186   14.427  1.00 38.97 ? 105  VAL A CA    1 
ATOM   100  C  C     . VAL A 1 14  ? 1.446   2.099   15.243  1.00 37.62 ? 105  VAL A C     1 
ATOM   101  O  O     . VAL A 1 14  ? 1.015   3.147   15.730  1.00 37.97 ? 105  VAL A O     1 
ATOM   102  C  CB    . VAL A 1 14  ? 0.189   -0.093  15.230  1.00 36.91 ? 105  VAL A CB    1 
ATOM   103  C  CG1   . VAL A 1 14  ? -0.118  0.242   16.670  1.00 42.69 ? 105  VAL A CG1   1 
ATOM   104  C  CG2   . VAL A 1 14  ? -1.009  -0.789  14.593  1.00 35.67 ? 105  VAL A CG2   1 
ATOM   105  N  N     . VAL A 1 15  ? 2.709   1.711   15.359  1.00 37.08 ? 106  VAL A N     1 
ATOM   106  C  CA    . VAL A 1 15  ? 3.693   2.497   16.094  1.00 38.74 ? 106  VAL A CA    1 
ATOM   107  C  C     . VAL A 1 15  ? 3.840   3.911   15.533  1.00 46.27 ? 106  VAL A C     1 
ATOM   108  O  O     . VAL A 1 15  ? 3.882   4.887   16.282  1.00 49.22 ? 106  VAL A O     1 
ATOM   109  C  CB    . VAL A 1 15  ? 5.042   1.792   16.125  1.00 43.13 ? 106  VAL A CB    1 
ATOM   110  C  CG1   . VAL A 1 15  ? 6.113   2.722   16.671  1.00 44.13 ? 106  VAL A CG1   1 
ATOM   111  C  CG2   . VAL A 1 15  ? 4.934   0.515   16.962  1.00 38.29 ? 106  VAL A CG2   1 
ATOM   112  N  N     . VAL A 1 16  ? 3.879   4.029   14.213  1.00 40.23 ? 107  VAL A N     1 
ATOM   113  C  CA    . VAL A 1 16  ? 3.961   5.345   13.593  1.00 37.02 ? 107  VAL A CA    1 
ATOM   114  C  C     . VAL A 1 16  ? 2.678   6.169   13.827  1.00 37.09 ? 107  VAL A C     1 
ATOM   115  O  O     . VAL A 1 16  ? 2.733   7.380   14.035  1.00 37.62 ? 107  VAL A O     1 
ATOM   116  C  CB    . VAL A 1 16  ? 4.287   5.216   12.082  1.00 39.62 ? 107  VAL A CB    1 
ATOM   117  C  CG1   . VAL A 1 16  ? 4.095   6.537   11.366  1.00 36.99 ? 107  VAL A CG1   1 
ATOM   118  C  CG2   . VAL A 1 16  ? 5.720   4.693   11.884  1.00 32.22 ? 107  VAL A CG2   1 
ATOM   119  N  N     . PHE A 1 17  ? 1.525   5.510   13.784  1.00 39.07 ? 108  PHE A N     1 
ATOM   120  C  CA    . PHE A 1 17  ? 0.244   6.184   13.999  1.00 37.54 ? 108  PHE A CA    1 
ATOM   121  C  C     . PHE A 1 17  ? 0.170   6.744   15.421  1.00 40.51 ? 108  PHE A C     1 
ATOM   122  O  O     . PHE A 1 17  ? -0.347  7.835   15.648  1.00 47.20 ? 108  PHE A O     1 
ATOM   123  C  CB    . PHE A 1 17  ? -0.906  5.206   13.755  1.00 39.03 ? 108  PHE A CB    1 
ATOM   124  C  CG    . PHE A 1 17  ? -2.269  5.839   13.780  1.00 39.74 ? 108  PHE A CG    1 
ATOM   125  C  CD1   . PHE A 1 17  ? -2.696  6.643   12.727  1.00 39.18 ? 108  PHE A CD1   1 
ATOM   126  C  CD2   . PHE A 1 17  ? -3.135  5.615   14.844  1.00 44.03 ? 108  PHE A CD2   1 
ATOM   127  C  CE1   . PHE A 1 17  ? -3.951  7.223   12.734  1.00 39.14 ? 108  PHE A CE1   1 
ATOM   128  C  CE2   . PHE A 1 17  ? -4.402  6.194   14.859  1.00 41.54 ? 108  PHE A CE2   1 
ATOM   129  C  CZ    . PHE A 1 17  ? -4.808  6.997   13.799  1.00 46.86 ? 108  PHE A CZ    1 
ATOM   130  N  N     . ILE A 1 18  ? 0.701   5.991   16.374  1.00 36.90 ? 109  ILE A N     1 
ATOM   131  C  CA    . ILE A 1 18  ? 0.756   6.439   17.763  1.00 45.65 ? 109  ILE A CA    1 
ATOM   132  C  C     . ILE A 1 18  ? 1.630   7.690   17.884  1.00 47.33 ? 109  ILE A C     1 
ATOM   133  O  O     . ILE A 1 18  ? 1.225   8.685   18.500  1.00 43.49 ? 109  ILE A O     1 
ATOM   134  C  CB    . ILE A 1 18  ? 1.319   5.327   18.670  1.00 42.65 ? 109  ILE A CB    1 
ATOM   135  C  CG1   . ILE A 1 18  ? 0.309   4.190   18.795  1.00 40.46 ? 109  ILE A CG1   1 
ATOM   136  C  CG2   . ILE A 1 18  ? 1.689   5.878   20.031  1.00 48.24 ? 109  ILE A CG2   1 
ATOM   137  C  CD1   . ILE A 1 18  ? 0.832   3.021   19.586  1.00 45.15 ? 109  ILE A CD1   1 
ATOM   138  N  N     . ALA A 1 19  ? 2.816   7.636   17.271  1.00 45.53 ? 110  ALA A N     1 
ATOM   139  C  CA    . ALA A 1 19  ? 3.741   8.776   17.221  1.00 42.32 ? 110  ALA A CA    1 
ATOM   140  C  C     . ALA A 1 19  ? 3.087   10.018  16.641  1.00 43.74 ? 110  ALA A C     1 
ATOM   141  O  O     . ALA A 1 19  ? 3.399   11.135  17.048  1.00 43.43 ? 110  ALA A O     1 
ATOM   142  C  CB    . ALA A 1 19  ? 4.982   8.427   16.425  1.00 37.04 ? 110  ALA A CB    1 
ATOM   143  N  N     . MET A 1 20  ? 2.172   9.815   15.696  1.00 41.17 ? 111  MET A N     1 
ATOM   144  C  CA    . MET A 1 20  ? 1.478   10.927  15.064  1.00 40.30 ? 111  MET A CA    1 
ATOM   145  C  C     . MET A 1 20  ? 0.418   11.525  15.995  1.00 50.25 ? 111  MET A C     1 
ATOM   146  O  O     . MET A 1 20  ? 0.077   12.708  15.888  1.00 45.55 ? 111  MET A O     1 
ATOM   147  C  CB    . MET A 1 20  ? 0.846   10.489  13.732  1.00 42.24 ? 111  MET A CB    1 
ATOM   148  C  CG    . MET A 1 20  ? 1.869   10.071  12.653  1.00 42.55 ? 111  MET A CG    1 
ATOM   149  S  SD    . MET A 1 20  ? 1.146   9.370   11.137  1.00 38.56 ? 111  MET A SD    1 
ATOM   150  C  CE    . MET A 1 20  ? 0.406   10.822  10.408  1.00 32.63 ? 111  MET A CE    1 
ATOM   151  N  N     . GLN A 1 21  ? -0.117  10.705  16.895  1.00 45.97 ? 112  GLN A N     1 
ATOM   152  C  CA    . GLN A 1 21  ? -1.095  11.208  17.841  1.00 52.98 ? 112  GLN A CA    1 
ATOM   153  C  C     . GLN A 1 21  ? -0.368  12.061  18.872  1.00 47.33 ? 112  GLN A C     1 
ATOM   154  O  O     . GLN A 1 21  ? -0.767  13.190  19.143  1.00 44.26 ? 112  GLN A O     1 
ATOM   155  C  CB    . GLN A 1 21  ? -1.871  10.068  18.512  1.00 53.54 ? 112  GLN A CB    1 
ATOM   156  C  CG    . GLN A 1 21  ? -2.677  9.189   17.550  1.00 42.02 ? 112  GLN A CG    1 
ATOM   157  C  CD    . GLN A 1 21  ? -3.089  9.903   16.273  1.00 51.85 ? 112  GLN A CD    1 
ATOM   158  O  OE1   . GLN A 1 21  ? -3.851  10.872  16.300  1.00 54.86 ? 112  GLN A OE1   1 
ATOM   159  N  NE2   . GLN A 1 21  ? -2.597  9.407   15.134  1.00 48.16 ? 112  GLN A NE2   1 
ATOM   160  N  N     . ILE A 1 22  ? 0.729   11.524  19.392  1.00 43.56 ? 113  ILE A N     1 
ATOM   161  C  CA    . ILE A 1 22  ? 1.534   12.179  20.422  1.00 49.08 ? 113  ILE A CA    1 
ATOM   162  C  C     . ILE A 1 22  ? 2.269   13.446  19.969  1.00 58.61 ? 113  ILE A C     1 
ATOM   163  O  O     . ILE A 1 22  ? 2.273   14.455  20.689  1.00 52.60 ? 113  ILE A O     1 
ATOM   164  C  CB    . ILE A 1 22  ? 2.599   11.209  20.982  1.00 46.46 ? 113  ILE A CB    1 
ATOM   165  C  CG1   . ILE A 1 22  ? 1.935   10.012  21.657  1.00 46.32 ? 113  ILE A CG1   1 
ATOM   166  C  CG2   . ILE A 1 22  ? 3.524   11.929  21.955  1.00 43.13 ? 113  ILE A CG2   1 
ATOM   167  C  CD1   . ILE A 1 22  ? 2.897   8.878   21.939  1.00 42.66 ? 113  ILE A CD1   1 
ATOM   168  N  N     . LEU A 1 23  ? 2.912   13.390  18.798  1.00 55.38 ? 114  LEU A N     1 
ATOM   169  C  CA    . LEU A 1 23  ? 3.744   14.503  18.327  1.00 44.05 ? 114  LEU A CA    1 
ATOM   170  C  C     . LEU A 1 23  ? 3.026   15.391  17.332  1.00 43.44 ? 114  LEU A C     1 
ATOM   171  O  O     . LEU A 1 23  ? 3.527   16.456  16.971  1.00 55.43 ? 114  LEU A O     1 
ATOM   172  C  CB    . LEU A 1 23  ? 5.046   13.990  17.706  1.00 46.79 ? 114  LEU A CB    1 
ATOM   173  C  CG    . LEU A 1 23  ? 5.879   13.050  18.574  1.00 55.03 ? 114  LEU A CG    1 
ATOM   174  C  CD1   . LEU A 1 23  ? 6.900   12.304  17.728  1.00 51.36 ? 114  LEU A CD1   1 
ATOM   175  C  CD2   . LEU A 1 23  ? 6.564   13.820  19.705  1.00 52.70 ? 114  LEU A CD2   1 
ATOM   176  N  N     . GLY A 1 24  ? 1.852   14.960  16.890  1.00 45.27 ? 115  GLY A N     1 
ATOM   177  C  CA    . GLY A 1 24  ? 1.174   15.617  15.786  1.00 45.52 ? 115  GLY A CA    1 
ATOM   178  C  C     . GLY A 1 24  ? 1.645   15.080  14.439  1.00 50.82 ? 115  GLY A C     1 
ATOM   179  O  O     . GLY A 1 24  ? 2.765   14.573  14.315  1.00 45.90 ? 115  GLY A O     1 
ATOM   180  N  N     . ASP A 1 25  ? 0.780   15.194  13.432  1.00 46.41 ? 116  ASP A N     1 
ATOM   181  C  CA    . ASP A 1 25  ? 1.042   14.675  12.089  1.00 47.88 ? 116  ASP A CA    1 
ATOM   182  C  C     . ASP A 1 25  ? 2.284   15.284  11.413  1.00 48.94 ? 116  ASP A C     1 
ATOM   183  O  O     . ASP A 1 25  ? 3.147   14.562  10.924  1.00 46.05 ? 116  ASP A O     1 
ATOM   184  C  CB    . ASP A 1 25  ? -0.180  14.905  11.196  1.00 42.93 ? 116  ASP A CB    1 
ATOM   185  C  CG    . ASP A 1 25  ? -1.307  13.911  11.462  1.00 43.13 ? 116  ASP A CG    1 
ATOM   186  O  OD1   . ASP A 1 25  ? -1.167  13.041  12.347  1.00 40.67 ? 116  ASP A OD1   1 
ATOM   187  O  OD2   . ASP A 1 25  ? -2.340  14.000  10.770  1.00 46.69 ? 116  ASP A OD2   1 
ATOM   188  N  N     . GLN A 1 26  ? 2.352   16.613  11.390  1.00 52.41 ? 117  GLN A N     1 
ATOM   189  C  CA    . GLN A 1 26  ? 3.404   17.341  10.684  1.00 49.18 ? 117  GLN A CA    1 
ATOM   190  C  C     . GLN A 1 26  ? 4.808   17.013  11.169  1.00 46.02 ? 117  GLN A C     1 
ATOM   191  O  O     . GLN A 1 26  ? 5.739   16.932  10.375  1.00 46.49 ? 117  GLN A O     1 
ATOM   192  C  CB    . GLN A 1 26  ? 3.167   18.845  10.787  1.00 42.32 ? 117  GLN A CB    1 
ATOM   193  C  CG    . GLN A 1 26  ? 1.850   19.280  10.195  1.00 50.21 ? 117  GLN A CG    1 
ATOM   194  C  CD    . GLN A 1 26  ? 0.772   19.516  11.242  1.00 56.71 ? 117  GLN A CD    1 
ATOM   195  O  OE1   . GLN A 1 26  ? 0.587   18.716  12.171  1.00 55.29 ? 117  GLN A OE1   1 
ATOM   196  N  NE2   . GLN A 1 26  ? 0.053   20.628  11.097  1.00 58.45 ? 117  GLN A NE2   1 
ATOM   197  N  N     . GLU A 1 27  ? 4.953   16.820  12.474  1.00 48.34 ? 118  GLU A N     1 
ATOM   198  C  CA    . GLU A 1 27  ? 6.259   16.541  13.061  1.00 48.31 ? 118  GLU A CA    1 
ATOM   199  C  C     . GLU A 1 27  ? 6.755   15.144  12.670  1.00 47.90 ? 118  GLU A C     1 
ATOM   200  O  O     . GLU A 1 27  ? 7.951   14.936  12.444  1.00 46.89 ? 118  GLU A O     1 
ATOM   201  C  CB    . GLU A 1 27  ? 6.201   16.697  14.586  1.00 49.23 ? 118  GLU A CB    1 
ATOM   202  C  CG    . GLU A 1 27  ? 7.557   16.629  15.268  1.00 56.02 ? 118  GLU A CG    1 
ATOM   203  C  CD    . GLU A 1 27  ? 8.540   17.694  14.763  1.00 61.47 ? 118  GLU A CD    1 
ATOM   204  O  OE1   . GLU A 1 27  ? 8.120   18.853  14.512  1.00 46.29 ? 118  GLU A OE1   1 
ATOM   205  O  OE2   . GLU A 1 27  ? 9.739   17.358  14.616  1.00 64.82 ? 118  GLU A OE2   1 
ATOM   206  N  N     . VAL A 1 28  ? 5.839   14.184  12.593  1.00 43.80 ? 119  VAL A N     1 
ATOM   207  C  CA    . VAL A 1 28  ? 6.207   12.851  12.125  1.00 46.73 ? 119  VAL A CA    1 
ATOM   208  C  C     . VAL A 1 28  ? 6.516   12.898  10.616  1.00 42.24 ? 119  VAL A C     1 
ATOM   209  O  O     . VAL A 1 28  ? 7.458   12.263  10.142  1.00 34.50 ? 119  VAL A O     1 
ATOM   210  C  CB    . VAL A 1 28  ? 5.108   11.818  12.439  1.00 47.51 ? 119  VAL A CB    1 
ATOM   211  C  CG1   . VAL A 1 28  ? 5.273   10.567  11.581  1.00 39.08 ? 119  VAL A CG1   1 
ATOM   212  C  CG2   . VAL A 1 28  ? 5.117   11.473  13.934  1.00 41.65 ? 119  VAL A CG2   1 
ATOM   213  N  N     . MET A 1 29  ? 5.741   13.687  9.881   1.00 39.80 ? 120  MET A N     1 
ATOM   214  C  CA    . MET A 1 29  ? 5.975   13.865  8.455   1.00 44.45 ? 120  MET A CA    1 
ATOM   215  C  C     . MET A 1 29  ? 7.354   14.464  8.223   1.00 48.39 ? 120  MET A C     1 
ATOM   216  O  O     . MET A 1 29  ? 7.985   14.231  7.189   1.00 43.98 ? 120  MET A O     1 
ATOM   217  C  CB    . MET A 1 29  ? 4.908   14.762  7.834   1.00 44.14 ? 120  MET A CB    1 
ATOM   218  C  CG    . MET A 1 29  ? 3.587   14.076  7.581   1.00 45.41 ? 120  MET A CG    1 
ATOM   219  S  SD    . MET A 1 29  ? 2.577   14.957  6.375   1.00 55.92 ? 120  MET A SD    1 
ATOM   220  C  CE    . MET A 1 29  ? 2.094   16.376  7.351   1.00 53.46 ? 120  MET A CE    1 
ATOM   221  N  N     . LEU A 1 30  ? 7.824   15.228  9.199   1.00 48.38 ? 121  LEU A N     1 
ATOM   222  C  CA    . LEU A 1 30  ? 9.094   15.917  9.061   1.00 47.00 ? 121  LEU A CA    1 
ATOM   223  C  C     . LEU A 1 30  ? 10.215  14.893  8.926   1.00 46.70 ? 121  LEU A C     1 
ATOM   224  O  O     . LEU A 1 30  ? 11.148  15.076  8.143   1.00 46.80 ? 121  LEU A O     1 
ATOM   225  C  CB    . LEU A 1 30  ? 9.322   16.819  10.266  1.00 51.41 ? 121  LEU A CB    1 
ATOM   226  C  CG    . LEU A 1 30  ? 10.199  18.044  10.059  1.00 48.53 ? 121  LEU A CG    1 
ATOM   227  C  CD1   . LEU A 1 30  ? 9.637   18.895  8.944   1.00 43.16 ? 121  LEU A CD1   1 
ATOM   228  C  CD2   . LEU A 1 30  ? 10.257  18.819  11.369  1.00 52.63 ? 121  LEU A CD2   1 
ATOM   229  N  N     . TRP A 1 31  ? 10.095  13.801  9.678   1.00 46.13 ? 122  TRP A N     1 
ATOM   230  C  CA    . TRP A 1 31  ? 11.072  12.716  9.650   1.00 41.20 ? 122  TRP A CA    1 
ATOM   231  C  C     . TRP A 1 31  ? 10.809  11.613  8.605   1.00 41.83 ? 122  TRP A C     1 
ATOM   232  O  O     . TRP A 1 31  ? 11.741  10.921  8.217   1.00 41.91 ? 122  TRP A O     1 
ATOM   233  C  CB    . TRP A 1 31  ? 11.166  12.054  11.030  1.00 49.36 ? 122  TRP A CB    1 
ATOM   234  C  CG    . TRP A 1 31  ? 11.976  12.803  12.051  1.00 63.42 ? 122  TRP A CG    1 
ATOM   235  C  CD1   . TRP A 1 31  ? 11.865  14.123  12.382  1.00 63.16 ? 122  TRP A CD1   1 
ATOM   236  C  CD2   . TRP A 1 31  ? 13.002  12.260  12.900  1.00 69.64 ? 122  TRP A CD2   1 
ATOM   237  N  NE1   . TRP A 1 31  ? 12.768  14.439  13.372  1.00 69.49 ? 122  TRP A NE1   1 
ATOM   238  C  CE2   . TRP A 1 31  ? 13.476  13.313  13.710  1.00 67.35 ? 122  TRP A CE2   1 
ATOM   239  C  CE3   . TRP A 1 31  ? 13.568  10.987  13.049  1.00 74.35 ? 122  TRP A CE3   1 
ATOM   240  C  CZ2   . TRP A 1 31  ? 14.490  13.135  14.655  1.00 75.52 ? 122  TRP A CZ2   1 
ATOM   241  C  CZ3   . TRP A 1 31  ? 14.577  10.811  13.992  1.00 77.83 ? 122  TRP A CZ3   1 
ATOM   242  C  CH2   . TRP A 1 31  ? 15.026  11.881  14.780  1.00 75.72 ? 122  TRP A CH2   1 
ATOM   243  N  N     . LEU A 1 32  ? 9.562   11.425  8.163   1.00 35.29 ? 123  LEU A N     1 
ATOM   244  C  CA    . LEU A 1 32  ? 9.241   10.217  7.392   1.00 34.07 ? 123  LEU A CA    1 
ATOM   245  C  C     . LEU A 1 32  ? 8.760   10.455  5.973   1.00 30.09 ? 123  LEU A C     1 
ATOM   246  O  O     . LEU A 1 32  ? 8.692   9.522   5.185   1.00 32.00 ? 123  LEU A O     1 
ATOM   247  C  CB    . LEU A 1 32  ? 8.210   9.352   8.119   1.00 34.27 ? 123  LEU A CB    1 
ATOM   248  C  CG    . LEU A 1 32  ? 8.636   8.780   9.464   1.00 41.82 ? 123  LEU A CG    1 
ATOM   249  C  CD1   . LEU A 1 32  ? 7.591   7.783   9.945   1.00 35.60 ? 123  LEU A CD1   1 
ATOM   250  C  CD2   . LEU A 1 32  ? 10.015  8.139   9.363   1.00 31.31 ? 123  LEU A CD2   1 
ATOM   251  N  N     . ALA A 1 33  ? 8.396   11.692  5.665   1.00 31.24 ? 124  ALA A N     1 
ATOM   252  C  CA    . ALA A 1 33  ? 7.833   12.020  4.367   1.00 33.10 ? 124  ALA A CA    1 
ATOM   253  C  C     . ALA A 1 33  ? 8.872   11.919  3.265   1.00 34.56 ? 124  ALA A C     1 
ATOM   254  O  O     . ALA A 1 33  ? 10.064  12.066  3.515   1.00 31.93 ? 124  ALA A O     1 
ATOM   255  C  CB    . ALA A 1 33  ? 7.245   13.421  4.377   1.00 29.42 ? 124  ALA A CB    1 
ATOM   256  N  N     . TRP A 1 34  ? 8.383   11.674  2.053   1.00 29.61 ? 125  TRP A N     1 
ATOM   257  C  CA    . TRP A 1 34  ? 9.148   11.780  0.819   1.00 33.52 ? 125  TRP A CA    1 
ATOM   258  C  C     . TRP A 1 34  ? 9.970   13.069  0.877   1.00 36.76 ? 125  TRP A C     1 
ATOM   259  O  O     . TRP A 1 34  ? 9.465   14.086  1.358   1.00 33.79 ? 125  TRP A O     1 
ATOM   260  C  CB    . TRP A 1 34  ? 8.154   11.832  -0.353  1.00 26.36 ? 125  TRP A CB    1 
ATOM   261  C  CG    . TRP A 1 34  ? 8.769   11.681  -1.718  1.00 31.83 ? 125  TRP A CG    1 
ATOM   262  C  CD1   . TRP A 1 34  ? 9.358   12.662  -2.471  1.00 32.45 ? 125  TRP A CD1   1 
ATOM   263  C  CD2   . TRP A 1 34  ? 8.847   10.478  -2.497  1.00 30.28 ? 125  TRP A CD2   1 
ATOM   264  N  NE1   . TRP A 1 34  ? 9.798   12.140  -3.670  1.00 26.43 ? 125  TRP A NE1   1 
ATOM   265  C  CE2   . TRP A 1 34  ? 9.513   10.802  -3.704  1.00 31.68 ? 125  TRP A CE2   1 
ATOM   266  C  CE3   . TRP A 1 34  ? 8.432   9.160   -2.292  1.00 30.63 ? 125  TRP A CE3   1 
ATOM   267  C  CZ2   . TRP A 1 34  ? 9.763   9.856   -4.695  1.00 30.11 ? 125  TRP A CZ2   1 
ATOM   268  C  CZ3   . TRP A 1 34  ? 8.683   8.220   -3.283  1.00 33.04 ? 125  TRP A CZ3   1 
ATOM   269  C  CH2   . TRP A 1 34  ? 9.332   8.574   -4.470  1.00 29.93 ? 125  TRP A CH2   1 
ATOM   270  N  N     . PRO A 1 35  ? 11.236  13.035  0.408   1.00 36.63 ? 126  PRO A N     1 
ATOM   271  C  CA    . PRO A 1 35  ? 12.094  14.229  0.481   1.00 33.83 ? 126  PRO A CA    1 
ATOM   272  C  C     . PRO A 1 35  ? 11.388  15.486  -0.019  1.00 38.09 ? 126  PRO A C     1 
ATOM   273  O  O     . PRO A 1 35  ? 10.962  15.544  -1.178  1.00 42.47 ? 126  PRO A O     1 
ATOM   274  C  CB    . PRO A 1 35  ? 13.276  13.862  -0.427  1.00 36.75 ? 126  PRO A CB    1 
ATOM   275  C  CG    . PRO A 1 35  ? 13.399  12.378  -0.264  1.00 26.17 ? 126  PRO A CG    1 
ATOM   276  C  CD    . PRO A 1 35  ? 11.938  11.907  -0.234  1.00 36.74 ? 126  PRO A CD    1 
ATOM   277  N  N     . PHE A 1 36  ? 11.217  16.467  0.863   1.00 41.64 ? 127  PHE A N     1 
ATOM   278  C  CA    . PHE A 1 36  ? 10.451  17.667  0.521   1.00 43.57 ? 127  PHE A CA    1 
ATOM   279  C  C     . PHE A 1 36  ? 11.360  18.882  0.381   1.00 45.42 ? 127  PHE A C     1 
ATOM   280  O  O     . PHE A 1 36  ? 10.900  20.007  0.198   1.00 49.19 ? 127  PHE A O     1 
ATOM   281  C  CB    . PHE A 1 36  ? 9.342   17.932  1.547   1.00 37.69 ? 127  PHE A CB    1 
ATOM   282  C  CG    . PHE A 1 36  ? 9.815   17.947  2.968   1.00 37.60 ? 127  PHE A CG    1 
ATOM   283  C  CD1   . PHE A 1 36  ? 10.254  19.121  3.553   1.00 41.73 ? 127  PHE A CD1   1 
ATOM   284  C  CD2   . PHE A 1 36  ? 9.826   16.784  3.716   1.00 41.38 ? 127  PHE A CD2   1 
ATOM   285  C  CE1   . PHE A 1 36  ? 10.692  19.139  4.860   1.00 43.73 ? 127  PHE A CE1   1 
ATOM   286  C  CE2   . PHE A 1 36  ? 10.268  16.790  5.030   1.00 46.74 ? 127  PHE A CE2   1 
ATOM   287  C  CZ    . PHE A 1 36  ? 10.696  17.971  5.604   1.00 44.11 ? 127  PHE A CZ    1 
ATOM   288  N  N     . ASP A 1 37  ? 12.655  18.629  0.464   1.00 47.75 ? 128  ASP A N     1 
ATOM   289  C  CA    . ASP A 1 37  ? 13.672  19.653  0.295   1.00 55.44 ? 128  ASP A CA    1 
ATOM   290  C  C     . ASP A 1 37  ? 14.905  18.961  -0.280  1.00 54.07 ? 128  ASP A C     1 
ATOM   291  O  O     . ASP A 1 37  ? 15.237  17.853  0.143   1.00 49.67 ? 128  ASP A O     1 
ATOM   292  C  CB    . ASP A 1 37  ? 14.002  20.294  1.647   1.00 52.72 ? 128  ASP A CB    1 
ATOM   293  C  CG    . ASP A 1 37  ? 14.908  21.514  1.516   1.00 65.78 ? 128  ASP A CG    1 
ATOM   294  O  OD1   . ASP A 1 37  ? 14.574  22.422  0.718   1.00 61.87 ? 128  ASP A OD1   1 
ATOM   295  O  OD2   . ASP A 1 37  ? 15.955  21.556  2.209   1.00 61.52 ? 128  ASP A OD2   1 
ATOM   296  N  N     . PRO A 1 38  ? 15.576  19.600  -1.256  1.00 59.10 ? 129  PRO A N     1 
ATOM   297  C  CA    . PRO A 1 38  ? 16.793  19.045  -1.864  1.00 53.93 ? 129  PRO A CA    1 
ATOM   298  C  C     . PRO A 1 38  ? 17.836  18.589  -0.841  1.00 52.54 ? 129  PRO A C     1 
ATOM   299  O  O     . PRO A 1 38  ? 18.554  17.629  -1.109  1.00 50.62 ? 129  PRO A O     1 
ATOM   300  C  CB    . PRO A 1 38  ? 17.317  20.211  -2.702  1.00 51.18 ? 129  PRO A CB    1 
ATOM   301  C  CG    . PRO A 1 38  ? 16.062  20.915  -3.133  1.00 53.94 ? 129  PRO A CG    1 
ATOM   302  C  CD    . PRO A 1 38  ? 15.136  20.832  -1.940  1.00 55.32 ? 129  PRO A CD    1 
ATOM   303  N  N     . THR A 1 39  ? 17.902  19.231  0.325   1.00 50.19 ? 130  THR A N     1 
ATOM   304  C  CA    . THR A 1 39  ? 18.853  18.805  1.358   1.00 48.59 ? 130  THR A CA    1 
ATOM   305  C  C     . THR A 1 39  ? 18.472  17.470  2.011   1.00 50.48 ? 130  THR A C     1 
ATOM   306  O  O     . THR A 1 39  ? 19.217  16.934  2.840   1.00 41.54 ? 130  THR A O     1 
ATOM   307  C  CB    . THR A 1 39  ? 19.037  19.879  2.461   1.00 58.47 ? 130  THR A CB    1 
ATOM   308  O  OG1   . THR A 1 39  ? 17.902  19.878  3.337   1.00 58.16 ? 130  THR A OG1   1 
ATOM   309  C  CG2   . THR A 1 39  ? 19.203  21.264  1.838   1.00 54.83 ? 130  THR A CG2   1 
ATOM   310  N  N     . LEU A 1 40  ? 17.315  16.936  1.627   1.00 46.65 ? 131  LEU A N     1 
ATOM   311  C  CA    . LEU A 1 40  ? 16.831  15.672  2.168   1.00 47.04 ? 131  LEU A CA    1 
ATOM   312  C  C     . LEU A 1 40  ? 16.866  14.543  1.131   1.00 43.83 ? 131  LEU A C     1 
ATOM   313  O  O     . LEU A 1 40  ? 16.511  13.397  1.433   1.00 38.08 ? 131  LEU A O     1 
ATOM   314  C  CB    . LEU A 1 40  ? 15.399  15.843  2.718   1.00 45.75 ? 131  LEU A CB    1 
ATOM   315  C  CG    . LEU A 1 40  ? 15.215  16.881  3.841   1.00 50.02 ? 131  LEU A CG    1 
ATOM   316  C  CD1   . LEU A 1 40  ? 13.737  17.173  4.105   1.00 43.54 ? 131  LEU A CD1   1 
ATOM   317  C  CD2   . LEU A 1 40  ? 15.935  16.457  5.147   1.00 42.59 ? 131  LEU A CD2   1 
ATOM   318  N  N     . LYS A 1 41  ? 17.296  14.855  -0.088  1.00 41.50 ? 132  LYS A N     1 
ATOM   319  C  CA    . LYS A 1 41  ? 17.204  13.877  -1.178  1.00 35.58 ? 132  LYS A CA    1 
ATOM   320  C  C     . LYS A 1 41  ? 18.033  12.602  -0.933  1.00 33.27 ? 132  LYS A C     1 
ATOM   321  O  O     . LYS A 1 41  ? 17.810  11.571  -1.563  1.00 37.21 ? 132  LYS A O     1 
ATOM   322  C  CB    . LYS A 1 41  ? 17.524  14.523  -2.532  1.00 38.20 ? 132  LYS A CB    1 
ATOM   323  C  CG    . LYS A 1 41  ? 18.950  15.088  -2.685  1.00 42.06 ? 132  LYS A CG    1 
ATOM   324  C  CD    . LYS A 1 41  ? 18.994  16.159  -3.801  1.00 45.42 ? 132  LYS A CD    1 
ATOM   325  C  CE    . LYS A 1 41  ? 20.406  16.685  -4.070  1.00 51.43 ? 132  LYS A CE    1 
ATOM   326  N  NZ    . LYS A 1 41  ? 21.031  17.361  -2.891  1.00 55.53 ? 132  LYS A NZ    1 
ATOM   327  N  N     . PHE A 1 42  ? 18.967  12.660  0.006   1.00 36.66 ? 133  PHE A N     1 
ATOM   328  C  CA    . PHE A 1 42  ? 19.827  11.507  0.253   1.00 40.47 ? 133  PHE A CA    1 
ATOM   329  C  C     . PHE A 1 42  ? 19.457  10.751  1.525   1.00 45.81 ? 133  PHE A C     1 
ATOM   330  O  O     . PHE A 1 42  ? 20.154  9.830   1.928   1.00 43.78 ? 133  PHE A O     1 
ATOM   331  C  CB    . PHE A 1 42  ? 21.302  11.917  0.268   1.00 46.60 ? 133  PHE A CB    1 
ATOM   332  C  CG    . PHE A 1 42  ? 21.769  12.529  -1.027  1.00 45.07 ? 133  PHE A CG    1 
ATOM   333  C  CD1   . PHE A 1 42  ? 21.400  11.973  -2.250  1.00 39.57 ? 133  PHE A CD1   1 
ATOM   334  C  CD2   . PHE A 1 42  ? 22.553  13.671  -1.024  1.00 44.16 ? 133  PHE A CD2   1 
ATOM   335  C  CE1   . PHE A 1 42  ? 21.828  12.542  -3.445  1.00 46.33 ? 133  PHE A CE1   1 
ATOM   336  C  CE2   . PHE A 1 42  ? 22.987  14.248  -2.226  1.00 52.14 ? 133  PHE A CE2   1 
ATOM   337  C  CZ    . PHE A 1 42  ? 22.621  13.686  -3.433  1.00 41.60 ? 133  PHE A CZ    1 
ATOM   338  N  N     . GLU A 1 43  ? 18.348  11.127  2.152   1.00 45.35 ? 134  GLU A N     1 
ATOM   339  C  CA    . GLU A 1 43  ? 17.835  10.358  3.279   1.00 41.61 ? 134  GLU A CA    1 
ATOM   340  C  C     . GLU A 1 43  ? 16.894  9.284   2.720   1.00 41.20 ? 134  GLU A C     1 
ATOM   341  O  O     . GLU A 1 43  ? 15.703  9.512   2.526   1.00 40.08 ? 134  GLU A O     1 
ATOM   342  C  CB    . GLU A 1 43  ? 17.181  11.289  4.305   1.00 40.35 ? 134  GLU A CB    1 
ATOM   343  C  CG    . GLU A 1 43  ? 18.215  12.195  4.986   1.00 44.47 ? 134  GLU A CG    1 
ATOM   344  C  CD    . GLU A 1 43  ? 17.628  13.298  5.863   1.00 55.03 ? 134  GLU A CD    1 
ATOM   345  O  OE1   . GLU A 1 43  ? 16.388  13.444  5.926   1.00 47.12 ? 134  GLU A OE1   1 
ATOM   346  O  OE2   . GLU A 1 43  ? 18.430  14.028  6.498   1.00 57.11 ? 134  GLU A OE2   1 
ATOM   347  N  N     . PHE A 1 44  ? 17.470  8.119   2.444   1.00 35.37 ? 135  PHE A N     1 
ATOM   348  C  CA    . PHE A 1 44  ? 16.871  7.113   1.578   1.00 34.79 ? 135  PHE A CA    1 
ATOM   349  C  C     . PHE A 1 44  ? 15.655  6.369   2.122   1.00 42.09 ? 135  PHE A C     1 
ATOM   350  O  O     . PHE A 1 44  ? 14.887  5.793   1.336   1.00 33.24 ? 135  PHE A O     1 
ATOM   351  C  CB    . PHE A 1 44  ? 17.936  6.118   1.112   1.00 35.33 ? 135  PHE A CB    1 
ATOM   352  C  CG    . PHE A 1 44  ? 18.911  6.710   0.126   1.00 47.71 ? 135  PHE A CG    1 
ATOM   353  C  CD1   . PHE A 1 44  ? 18.614  6.731   -1.226  1.00 42.06 ? 135  PHE A CD1   1 
ATOM   354  C  CD2   . PHE A 1 44  ? 20.113  7.264   0.555   1.00 42.60 ? 135  PHE A CD2   1 
ATOM   355  C  CE1   . PHE A 1 44  ? 19.497  7.278   -2.139  1.00 43.55 ? 135  PHE A CE1   1 
ATOM   356  C  CE2   . PHE A 1 44  ? 20.997  7.819   -0.356  1.00 49.73 ? 135  PHE A CE2   1 
ATOM   357  C  CZ    . PHE A 1 44  ? 20.686  7.827   -1.709  1.00 37.52 ? 135  PHE A CZ    1 
ATOM   358  N  N     . TRP A 1 45  ? 15.474  6.373   3.444   1.00 34.26 ? 136  TRP A N     1 
ATOM   359  C  CA    . TRP A 1 45  ? 14.298  5.738   4.025   1.00 36.80 ? 136  TRP A CA    1 
ATOM   360  C  C     . TRP A 1 45  ? 13.037  6.448   3.523   1.00 35.16 ? 136  TRP A C     1 
ATOM   361  O  O     . TRP A 1 45  ? 12.005  5.816   3.357   1.00 35.77 ? 136  TRP A O     1 
ATOM   362  C  CB    . TRP A 1 45  ? 14.358  5.708   5.572   1.00 36.82 ? 136  TRP A CB    1 
ATOM   363  C  CG    . TRP A 1 45  ? 14.390  7.056   6.209   1.00 31.22 ? 136  TRP A CG    1 
ATOM   364  C  CD1   . TRP A 1 45  ? 13.316  7.818   6.578   1.00 36.94 ? 136  TRP A CD1   1 
ATOM   365  C  CD2   . TRP A 1 45  ? 15.557  7.825   6.527   1.00 41.38 ? 136  TRP A CD2   1 
ATOM   366  N  NE1   . TRP A 1 45  ? 13.741  9.013   7.114   1.00 34.48 ? 136  TRP A NE1   1 
ATOM   367  C  CE2   . TRP A 1 45  ? 15.113  9.041   7.094   1.00 42.49 ? 136  TRP A CE2   1 
ATOM   368  C  CE3   . TRP A 1 45  ? 16.939  7.607   6.385   1.00 38.30 ? 136  TRP A CE3   1 
ATOM   369  C  CZ2   . TRP A 1 45  ? 16.002  10.029  7.528   1.00 44.96 ? 136  TRP A CZ2   1 
ATOM   370  C  CZ3   . TRP A 1 45  ? 17.812  8.586   6.811   1.00 32.94 ? 136  TRP A CZ3   1 
ATOM   371  C  CH2   . TRP A 1 45  ? 17.342  9.784   7.375   1.00 39.27 ? 136  TRP A CH2   1 
ATOM   372  N  N     . ARG A 1 46  ? 13.150  7.749   3.249   1.00 30.74 ? 137  ARG A N     1 
ATOM   373  C  CA    . ARG A 1 46  ? 12.008  8.571   2.840   1.00 33.49 ? 137  ARG A CA    1 
ATOM   374  C  C     . ARG A 1 46  ? 11.327  8.141   1.547   1.00 38.04 ? 137  ARG A C     1 
ATOM   375  O  O     . ARG A 1 46  ? 10.157  8.473   1.318   1.00 32.43 ? 137  ARG A O     1 
ATOM   376  C  CB    . ARG A 1 46  ? 12.411  10.036  2.703   1.00 34.67 ? 137  ARG A CB    1 
ATOM   377  C  CG    . ARG A 1 46  ? 12.947  10.691  3.958   1.00 38.26 ? 137  ARG A CG    1 
ATOM   378  C  CD    . ARG A 1 46  ? 13.204  12.170  3.690   1.00 37.73 ? 137  ARG A CD    1 
ATOM   379  N  NE    . ARG A 1 46  ? 13.719  12.851  4.869   1.00 41.21 ? 137  ARG A NE    1 
ATOM   380  C  CZ    . ARG A 1 46  ? 12.972  13.478  5.770   1.00 40.73 ? 137  ARG A CZ    1 
ATOM   381  N  NH1   . ARG A 1 46  ? 11.648  13.506  5.651   1.00 37.28 ? 137  ARG A NH1   1 
ATOM   382  N  NH2   . ARG A 1 46  ? 13.556  14.064  6.805   1.00 43.89 ? 137  ARG A NH2   1 
ATOM   383  N  N     . TYR A 1 47  ? 12.049  7.434   0.685   1.00 34.03 ? 138  TYR A N     1 
ATOM   384  C  CA    . TYR A 1 47  ? 11.441  6.967   -0.554  1.00 31.04 ? 138  TYR A CA    1 
ATOM   385  C  C     . TYR A 1 47  ? 10.458  5.825   -0.277  1.00 34.69 ? 138  TYR A C     1 
ATOM   386  O  O     . TYR A 1 47  ? 9.704   5.422   -1.167  1.00 29.95 ? 138  TYR A O     1 
ATOM   387  C  CB    . TYR A 1 47  ? 12.511  6.603   -1.616  1.00 31.50 ? 138  TYR A CB    1 
ATOM   388  C  CG    . TYR A 1 47  ? 13.306  7.817   -2.040  1.00 29.33 ? 138  TYR A CG    1 
ATOM   389  C  CD1   . TYR A 1 47  ? 12.737  8.805   -2.835  1.00 30.25 ? 138  TYR A CD1   1 
ATOM   390  C  CD2   . TYR A 1 47  ? 14.608  8.008   -1.593  1.00 29.67 ? 138  TYR A CD2   1 
ATOM   391  C  CE1   . TYR A 1 47  ? 13.458  9.954   -3.186  1.00 29.63 ? 138  TYR A CE1   1 
ATOM   392  C  CE2   . TYR A 1 47  ? 15.329  9.142   -1.931  1.00 28.87 ? 138  TYR A CE2   1 
ATOM   393  C  CZ    . TYR A 1 47  ? 14.760  10.105  -2.725  1.00 30.61 ? 138  TYR A CZ    1 
ATOM   394  O  OH    . TYR A 1 47  ? 15.501  11.220  -3.053  1.00 31.62 ? 138  TYR A OH    1 
ATOM   395  N  N     . PHE A 1 48  ? 10.450  5.336   0.970   1.00 33.52 ? 139  PHE A N     1 
ATOM   396  C  CA    . PHE A 1 48  ? 9.579   4.224   1.383   1.00 32.28 ? 139  PHE A CA    1 
ATOM   397  C  C     . PHE A 1 48  ? 8.691   4.550   2.590   1.00 35.11 ? 139  PHE A C     1 
ATOM   398  O  O     . PHE A 1 48  ? 7.544   4.109   2.660   1.00 30.74 ? 139  PHE A O     1 
ATOM   399  C  CB    . PHE A 1 48  ? 10.406  2.979   1.741   1.00 32.46 ? 139  PHE A CB    1 
ATOM   400  C  CG    . PHE A 1 48  ? 11.386  2.566   0.678   1.00 35.45 ? 139  PHE A CG    1 
ATOM   401  C  CD1   . PHE A 1 48  ? 12.674  3.072   0.671   1.00 35.04 ? 139  PHE A CD1   1 
ATOM   402  C  CD2   . PHE A 1 48  ? 11.013  1.677   -0.317  1.00 32.05 ? 139  PHE A CD2   1 
ATOM   403  C  CE1   . PHE A 1 48  ? 13.579  2.694   -0.317  1.00 35.55 ? 139  PHE A CE1   1 
ATOM   404  C  CE2   . PHE A 1 48  ? 11.896  1.298   -1.293  1.00 33.38 ? 139  PHE A CE2   1 
ATOM   405  C  CZ    . PHE A 1 48  ? 13.188  1.803   -1.295  1.00 32.48 ? 139  PHE A CZ    1 
ATOM   406  N  N     . THR A 1 49  ? 9.238   5.294   3.549   1.00 32.43 ? 140  THR A N     1 
ATOM   407  C  CA    . THR A 1 49  ? 8.603   5.449   4.853   1.00 31.65 ? 140  THR A CA    1 
ATOM   408  C  C     . THR A 1 49  ? 7.273   6.212   4.834   1.00 36.33 ? 140  THR A C     1 
ATOM   409  O  O     . THR A 1 49  ? 6.492   6.109   5.778   1.00 34.04 ? 140  THR A O     1 
ATOM   410  C  CB    . THR A 1 49  ? 9.556   6.062   5.905   1.00 27.14 ? 140  THR A CB    1 
ATOM   411  O  OG1   . THR A 1 49  ? 10.038  7.340   5.460   1.00 32.24 ? 140  THR A OG1   1 
ATOM   412  C  CG2   . THR A 1 49  ? 10.716  5.122   6.179   1.00 29.74 ? 140  THR A CG2   1 
ATOM   413  N  N     . HIS A 1 50  ? 7.012   6.954   3.760   1.00 29.24 ? 141  HIS A N     1 
ATOM   414  C  CA    . HIS A 1 50  ? 5.733   7.636   3.592   1.00 29.87 ? 141  HIS A CA    1 
ATOM   415  C  C     . HIS A 1 50  ? 4.565   6.657   3.700   1.00 34.67 ? 141  HIS A C     1 
ATOM   416  O  O     . HIS A 1 50  ? 3.495   7.027   4.166   1.00 32.85 ? 141  HIS A O     1 
ATOM   417  C  CB    . HIS A 1 50  ? 5.677   8.356   2.255   1.00 26.55 ? 141  HIS A CB    1 
ATOM   418  C  CG    . HIS A 1 50  ? 6.066   7.485   1.102   1.00 38.08 ? 141  HIS A CG    1 
ATOM   419  N  ND1   . HIS A 1 50  ? 5.149   6.747   0.385   1.00 33.06 ? 141  HIS A ND1   1 
ATOM   420  C  CD2   . HIS A 1 50  ? 7.278   7.204   0.569   1.00 28.03 ? 141  HIS A CD2   1 
ATOM   421  C  CE1   . HIS A 1 50  ? 5.774   6.063   -0.552  1.00 29.56 ? 141  HIS A CE1   1 
ATOM   422  N  NE2   . HIS A 1 50  ? 7.069   6.317   -0.459  1.00 32.44 ? 141  HIS A NE2   1 
ATOM   423  N  N     . ALA A 1 51  ? 4.791   5.405   3.300   1.00 32.14 ? 142  ALA A N     1 
ATOM   424  C  CA    . ALA A 1 51  ? 3.749   4.370   3.325   1.00 34.09 ? 142  ALA A CA    1 
ATOM   425  C  C     . ALA A 1 51  ? 3.290   3.991   4.738   1.00 35.50 ? 142  ALA A C     1 
ATOM   426  O  O     . ALA A 1 51  ? 2.247   3.345   4.903   1.00 30.59 ? 142  ALA A O     1 
ATOM   427  C  CB    . ALA A 1 51  ? 4.234   3.114   2.595   1.00 31.91 ? 142  ALA A CB    1 
ATOM   428  N  N     . LEU A 1 52  ? 4.093   4.372   5.737   1.00 32.40 ? 143  LEU A N     1 
ATOM   429  C  CA    . LEU A 1 52  ? 3.860   4.001   7.126   1.00 31.40 ? 143  LEU A CA    1 
ATOM   430  C  C     . LEU A 1 52  ? 2.938   4.985   7.870   1.00 33.85 ? 143  LEU A C     1 
ATOM   431  O  O     . LEU A 1 52  ? 2.435   4.669   8.934   1.00 31.63 ? 143  LEU A O     1 
ATOM   432  C  CB    . LEU A 1 52  ? 5.196   3.850   7.884   1.00 29.27 ? 143  LEU A CB    1 
ATOM   433  C  CG    . LEU A 1 52  ? 6.153   2.730   7.450   1.00 29.75 ? 143  LEU A CG    1 
ATOM   434  C  CD1   . LEU A 1 52  ? 7.419   2.776   8.281   1.00 30.50 ? 143  LEU A CD1   1 
ATOM   435  C  CD2   . LEU A 1 52  ? 5.524   1.336   7.520   1.00 29.41 ? 143  LEU A CD2   1 
ATOM   436  N  N     . MET A 1 53  ? 2.718   6.169   7.306   1.00 33.55 ? 144  MET A N     1 
ATOM   437  C  CA    . MET A 1 53  ? 1.933   7.193   7.983   1.00 30.87 ? 144  MET A CA    1 
ATOM   438  C  C     . MET A 1 53  ? 0.471   7.128   7.578   1.00 36.45 ? 144  MET A C     1 
ATOM   439  O  O     . MET A 1 53  ? 0.166   6.964   6.405   1.00 33.00 ? 144  MET A O     1 
ATOM   440  C  CB    . MET A 1 53  ? 2.494   8.585   7.679   1.00 33.34 ? 144  MET A CB    1 
ATOM   441  C  CG    . MET A 1 53  ? 3.835   8.900   8.383   1.00 27.60 ? 144  MET A CG    1 
ATOM   442  S  SD    . MET A 1 53  ? 4.395   10.561  7.943   1.00 33.30 ? 144  MET A SD    1 
ATOM   443  C  CE    . MET A 1 53  ? 4.672   10.361  6.182   1.00 34.45 ? 144  MET A CE    1 
ATOM   444  N  N     . HIS A 1 54  ? -0.429  7.249   8.552   1.00 33.27 ? 145  HIS A N     1 
ATOM   445  C  CA    . HIS A 1 54  ? -1.857  7.369   8.256   1.00 34.99 ? 145  HIS A CA    1 
ATOM   446  C  C     . HIS A 1 54  ? -2.460  8.525   9.038   1.00 38.60 ? 145  HIS A C     1 
ATOM   447  O  O     . HIS A 1 54  ? -1.961  8.879   10.109  1.00 38.17 ? 145  HIS A O     1 
ATOM   448  C  CB    . HIS A 1 54  ? -2.611  6.065   8.531   1.00 36.74 ? 145  HIS A CB    1 
ATOM   449  C  CG    . HIS A 1 54  ? -2.154  4.919   7.684   1.00 35.09 ? 145  HIS A CG    1 
ATOM   450  N  ND1   . HIS A 1 54  ? -1.115  4.089   8.053   1.00 35.76 ? 145  HIS A ND1   1 
ATOM   451  C  CD2   . HIS A 1 54  ? -2.580  4.474   6.478   1.00 32.37 ? 145  HIS A CD2   1 
ATOM   452  C  CE1   . HIS A 1 54  ? -0.930  3.176   7.117   1.00 31.19 ? 145  HIS A CE1   1 
ATOM   453  N  NE2   . HIS A 1 54  ? -1.801  3.390   6.148   1.00 29.20 ? 145  HIS A NE2   1 
ATOM   454  N  N     . PHE A 1 55  ? -3.549  9.081   8.503   1.00 44.20 ? 146  PHE A N     1 
ATOM   455  C  CA    . PHE A 1 55  ? -4.072  10.383  8.929   1.00 46.67 ? 146  PHE A CA    1 
ATOM   456  C  C     . PHE A 1 55  ? -5.466  10.366  9.580   1.00 51.72 ? 146  PHE A C     1 
ATOM   457  O  O     . PHE A 1 55  ? -5.952  11.396  10.052  1.00 51.42 ? 146  PHE A O     1 
ATOM   458  C  CB    . PHE A 1 55  ? -4.043  11.350  7.737   1.00 39.49 ? 146  PHE A CB    1 
ATOM   459  C  CG    . PHE A 1 55  ? -2.666  11.512  7.143   1.00 43.10 ? 146  PHE A CG    1 
ATOM   460  C  CD1   . PHE A 1 55  ? -1.752  12.384  7.714   1.00 41.12 ? 146  PHE A CD1   1 
ATOM   461  C  CD2   . PHE A 1 55  ? -2.276  10.765  6.046   1.00 40.49 ? 146  PHE A CD2   1 
ATOM   462  C  CE1   . PHE A 1 55  ? -0.478  12.522  7.196   1.00 42.40 ? 146  PHE A CE1   1 
ATOM   463  C  CE2   . PHE A 1 55  ? -0.999  10.893  5.521   1.00 45.03 ? 146  PHE A CE2   1 
ATOM   464  C  CZ    . PHE A 1 55  ? -0.097  11.777  6.097   1.00 40.78 ? 146  PHE A CZ    1 
ATOM   465  N  N     . SER A 1 56  ? -6.102  9.203   9.595   1.00 45.09 ? 147  SER A N     1 
ATOM   466  C  CA    . SER A 1 56  ? -7.354  9.029   10.315  1.00 47.12 ? 147  SER A CA    1 
ATOM   467  C  C     . SER A 1 56  ? -7.515  7.565   10.692  1.00 46.86 ? 147  SER A C     1 
ATOM   468  O  O     . SER A 1 56  ? -6.834  6.687   10.154  1.00 47.00 ? 147  SER A O     1 
ATOM   469  C  CB    . SER A 1 56  ? -8.549  9.484   9.473   1.00 44.21 ? 147  SER A CB    1 
ATOM   470  O  OG    . SER A 1 56  ? -8.744  8.637   8.348   1.00 48.48 ? 147  SER A OG    1 
ATOM   471  N  N     . LEU A 1 57  ? -8.424  7.311   11.620  1.00 45.43 ? 148  LEU A N     1 
ATOM   472  C  CA    . LEU A 1 57  ? -8.743  5.955   12.032  1.00 41.84 ? 148  LEU A CA    1 
ATOM   473  C  C     . LEU A 1 57  ? -9.136  5.089   10.852  1.00 42.78 ? 148  LEU A C     1 
ATOM   474  O  O     . LEU A 1 57  ? -8.614  3.991   10.699  1.00 45.16 ? 148  LEU A O     1 
ATOM   475  C  CB    . LEU A 1 57  ? -9.884  5.972   13.040  1.00 44.10 ? 148  LEU A CB    1 
ATOM   476  C  CG    . LEU A 1 57  ? -9.432  6.129   14.477  1.00 54.63 ? 148  LEU A CG    1 
ATOM   477  C  CD1   . LEU A 1 57  ? -10.655 6.086   15.372  1.00 53.09 ? 148  LEU A CD1   1 
ATOM   478  C  CD2   . LEU A 1 57  ? -8.424  5.029   14.819  1.00 49.28 ? 148  LEU A CD2   1 
ATOM   479  N  N     . MET A 1 58  ? -10.066 5.590   10.039  1.00 42.80 ? 149  MET A N     1 
ATOM   480  C  CA    . MET A 1 58  ? -10.552 4.899   8.845   1.00 48.85 ? 149  MET A CA    1 
ATOM   481  C  C     . MET A 1 58  ? -9.425  4.484   7.910   1.00 45.71 ? 149  MET A C     1 
ATOM   482  O  O     . MET A 1 58  ? -9.390  3.348   7.430   1.00 41.56 ? 149  MET A O     1 
ATOM   483  C  CB    . MET A 1 58  ? -11.489 5.811   8.055   1.00 45.95 ? 149  MET A CB    1 
ATOM   484  C  CG    . MET A 1 58  ? -12.882 5.934   8.605   1.00 62.52 ? 149  MET A CG    1 
ATOM   485  S  SD    . MET A 1 58  ? -13.933 4.577   8.083   1.00 77.04 ? 149  MET A SD    1 
ATOM   486  C  CE    . MET A 1 58  ? -13.810 3.495   9.513   1.00 59.69 ? 149  MET A CE    1 
ATOM   487  N  N     . HIS A 1 59  ? -8.542  5.440   7.631   1.00 44.62 ? 150  HIS A N     1 
ATOM   488  C  CA    . HIS A 1 59  ? -7.407  5.255   6.731   1.00 45.00 ? 150  HIS A CA    1 
ATOM   489  C  C     . HIS A 1 59  ? -6.634  4.013   7.160   1.00 32.71 ? 150  HIS A C     1 
ATOM   490  O  O     . HIS A 1 59  ? -6.534  3.035   6.418   1.00 31.37 ? 150  HIS A O     1 
ATOM   491  C  CB    . HIS A 1 59  ? -6.511  6.509   6.800   1.00 48.32 ? 150  HIS A CB    1 
ATOM   492  C  CG    . HIS A 1 59  ? -5.497  6.615   5.701   1.00 45.63 ? 150  HIS A CG    1 
ATOM   493  N  ND1   . HIS A 1 59  ? -4.404  7.455   5.781   1.00 42.08 ? 150  HIS A ND1   1 
ATOM   494  C  CD2   . HIS A 1 59  ? -5.409  5.996   4.497   1.00 47.22 ? 150  HIS A CD2   1 
ATOM   495  C  CE1   . HIS A 1 59  ? -3.683  7.343   4.679   1.00 39.07 ? 150  HIS A CE1   1 
ATOM   496  N  NE2   . HIS A 1 59  ? -4.273  6.467   3.881   1.00 37.71 ? 150  HIS A NE2   1 
ATOM   497  N  N     . ILE A 1 60  ? -6.127  4.040   8.384   1.00 30.92 ? 151  ILE A N     1 
ATOM   498  C  CA    . ILE A 1 60  ? -5.305  2.941   8.864   1.00 34.42 ? 151  ILE A CA    1 
ATOM   499  C  C     . ILE A 1 60  ? -6.088  1.639   9.047   1.00 36.28 ? 151  ILE A C     1 
ATOM   500  O  O     . ILE A 1 60  ? -5.568  0.552   8.779   1.00 35.56 ? 151  ILE A O     1 
ATOM   501  C  CB    . ILE A 1 60  ? -4.505  3.317   10.135  1.00 36.12 ? 151  ILE A CB    1 
ATOM   502  C  CG1   . ILE A 1 60  ? -3.395  2.289   10.373  1.00 28.52 ? 151  ILE A CG1   1 
ATOM   503  C  CG2   . ILE A 1 60  ? -5.437  3.467   11.360  1.00 44.33 ? 151  ILE A CG2   1 
ATOM   504  C  CD1   . ILE A 1 60  ? -2.525  2.558   11.593  1.00 29.96 ? 151  ILE A CD1   1 
ATOM   505  N  N     . LEU A 1 61  ? -7.345  1.746   9.471   1.00 41.03 ? 152  LEU A N     1 
ATOM   506  C  CA    A LEU A 1 61  ? -8.171  0.560   9.680   0.59 35.02 ? 152  LEU A CA    1 
ATOM   507  C  CA    B LEU A 1 61  ? -8.195  0.574   9.674   0.41 35.18 ? 152  LEU A CA    1 
ATOM   508  C  C     . LEU A 1 61  ? -8.451  -0.167  8.373   1.00 32.86 ? 152  LEU A C     1 
ATOM   509  O  O     . LEU A 1 61  ? -8.248  -1.379  8.276   1.00 35.06 ? 152  LEU A O     1 
ATOM   510  C  CB    A LEU A 1 61  ? -9.490  0.916   10.372  0.59 40.36 ? 152  LEU A CB    1 
ATOM   511  C  CB    B LEU A 1 61  ? -9.540  0.982   10.277  0.41 40.41 ? 152  LEU A CB    1 
ATOM   512  C  CG    A LEU A 1 61  ? -9.467  1.057   11.891  0.59 37.77 ? 152  LEU A CG    1 
ATOM   513  C  CG    B LEU A 1 61  ? -10.609 -0.103  10.145  0.41 36.82 ? 152  LEU A CG    1 
ATOM   514  C  CD1   A LEU A 1 61  ? -10.840 1.486   12.387  0.59 43.70 ? 152  LEU A CD1   1 
ATOM   515  C  CD1   B LEU A 1 61  ? -10.303 -1.246  11.104  0.41 36.43 ? 152  LEU A CD1   1 
ATOM   516  C  CD2   A LEU A 1 61  ? -9.055  -0.254  12.534  0.59 42.39 ? 152  LEU A CD2   1 
ATOM   517  C  CD2   B LEU A 1 61  ? -12.000 0.458   10.376  0.41 47.92 ? 152  LEU A CD2   1 
ATOM   518  N  N     . PHE A 1 62  ? -8.925  0.561   7.373   1.00 28.08 ? 153  PHE A N     1 
ATOM   519  C  CA    . PHE A 1 62  ? -9.194  -0.084  6.106   1.00 39.07 ? 153  PHE A CA    1 
ATOM   520  C  C     . PHE A 1 62  ? -7.910  -0.541  5.413   1.00 37.05 ? 153  PHE A C     1 
ATOM   521  O  O     . PHE A 1 62  ? -7.879  -1.642  4.858   1.00 37.99 ? 153  PHE A O     1 
ATOM   522  C  CB    . PHE A 1 62  ? -10.107 0.753   5.189   1.00 42.61 ? 153  PHE A CB    1 
ATOM   523  C  CG    . PHE A 1 62  ? -11.574 0.571   5.489   1.00 50.44 ? 153  PHE A CG    1 
ATOM   524  C  CD1   . PHE A 1 62  ? -12.270 -0.524  4.986   1.00 51.14 ? 153  PHE A CD1   1 
ATOM   525  C  CD2   . PHE A 1 62  ? -12.252 1.474   6.298   1.00 50.64 ? 153  PHE A CD2   1 
ATOM   526  C  CE1   . PHE A 1 62  ? -13.618 -0.712  5.281   1.00 52.84 ? 153  PHE A CE1   1 
ATOM   527  C  CE2   . PHE A 1 62  ? -13.604 1.297   6.594   1.00 54.49 ? 153  PHE A CE2   1 
ATOM   528  C  CZ    . PHE A 1 62  ? -14.288 0.201   6.085   1.00 48.04 ? 153  PHE A CZ    1 
ATOM   529  N  N     . ASN A 1 63  ? -6.855  0.275   5.471   1.00 34.28 ? 154  ASN A N     1 
ATOM   530  C  CA    . ASN A 1 63  ? -5.580  -0.122  4.865   1.00 34.65 ? 154  ASN A CA    1 
ATOM   531  C  C     . ASN A 1 63  ? -5.044  -1.421  5.461   1.00 31.35 ? 154  ASN A C     1 
ATOM   532  O  O     . ASN A 1 63  ? -4.739  -2.369  4.731   1.00 28.60 ? 154  ASN A O     1 
ATOM   533  C  CB    . ASN A 1 63  ? -4.534  0.998   4.953   1.00 32.74 ? 154  ASN A CB    1 
ATOM   534  C  CG    . ASN A 1 63  ? -4.684  2.017   3.832   1.00 38.59 ? 154  ASN A CG    1 
ATOM   535  O  OD1   . ASN A 1 63  ? -5.620  1.942   3.041   1.00 33.88 ? 154  ASN A OD1   1 
ATOM   536  N  ND2   . ASN A 1 63  ? -3.758  2.968   3.758   1.00 40.24 ? 154  ASN A ND2   1 
ATOM   537  N  N     . LEU A 1 64  ? -4.965  -1.475  6.786   1.00 31.64 ? 155  LEU A N     1 
ATOM   538  C  CA    . LEU A 1 64  ? -4.390  -2.638  7.465   1.00 30.35 ? 155  LEU A CA    1 
ATOM   539  C  C     . LEU A 1 64  ? -5.249  -3.887  7.321   1.00 38.63 ? 155  LEU A C     1 
ATOM   540  O  O     . LEU A 1 64  ? -4.735  -4.999  7.370   1.00 39.55 ? 155  LEU A O     1 
ATOM   541  C  CB    . LEU A 1 64  ? -4.126  -2.344  8.943   1.00 31.59 ? 155  LEU A CB    1 
ATOM   542  C  CG    . LEU A 1 64  ? -2.924  -1.441  9.225   1.00 31.49 ? 155  LEU A CG    1 
ATOM   543  C  CD1   . LEU A 1 64  ? -2.487  -1.550  10.696  1.00 30.72 ? 155  LEU A CD1   1 
ATOM   544  C  CD2   . LEU A 1 64  ? -1.772  -1.777  8.280   1.00 26.36 ? 155  LEU A CD2   1 
ATOM   545  N  N     . LEU A 1 65  ? -6.553  -3.698  7.135   1.00 33.89 ? 156  LEU A N     1 
ATOM   546  C  CA    . LEU A 1 65  ? -7.462  -4.813  6.939   1.00 36.47 ? 156  LEU A CA    1 
ATOM   547  C  C     . LEU A 1 65  ? -7.190  -5.483  5.589   1.00 35.65 ? 156  LEU A C     1 
ATOM   548  O  O     . LEU A 1 65  ? -7.018  -6.702  5.514   1.00 32.41 ? 156  LEU A O     1 
ATOM   549  C  CB    . LEU A 1 65  ? -8.919  -4.339  7.015   1.00 37.78 ? 156  LEU A CB    1 
ATOM   550  C  CG    . LEU A 1 65  ? -9.986  -5.428  6.921   1.00 42.85 ? 156  LEU A CG    1 
ATOM   551  C  CD1   . LEU A 1 65  ? -9.953  -6.283  8.173   1.00 39.04 ? 156  LEU A CD1   1 
ATOM   552  C  CD2   . LEU A 1 65  ? -11.375 -4.823  6.704   1.00 43.83 ? 156  LEU A CD2   1 
ATOM   553  N  N     . TRP A 1 66  ? -7.165  -4.690  4.524   1.00 32.58 ? 157  TRP A N     1 
ATOM   554  C  CA    . TRP A 1 66  ? -6.760  -5.210  3.220   1.00 34.83 ? 157  TRP A CA    1 
ATOM   555  C  C     . TRP A 1 66  ? -5.324  -5.770  3.207   1.00 33.23 ? 157  TRP A C     1 
ATOM   556  O  O     . TRP A 1 66  ? -5.085  -6.851  2.668   1.00 33.72 ? 157  TRP A O     1 
ATOM   557  C  CB    . TRP A 1 66  ? -6.969  -4.167  2.127   1.00 35.97 ? 157  TRP A CB    1 
ATOM   558  C  CG    . TRP A 1 66  ? -8.424  -3.978  1.780   1.00 44.20 ? 157  TRP A CG    1 
ATOM   559  C  CD1   . TRP A 1 66  ? -9.246  -2.977  2.216   1.00 46.90 ? 157  TRP A CD1   1 
ATOM   560  C  CD2   . TRP A 1 66  ? -9.232  -4.823  0.942   1.00 37.11 ? 157  TRP A CD2   1 
ATOM   561  N  NE1   . TRP A 1 66  ? -10.504 -3.135  1.692   1.00 41.13 ? 157  TRP A NE1   1 
ATOM   562  C  CE2   . TRP A 1 66  ? -10.527 -4.263  0.909   1.00 42.99 ? 157  TRP A CE2   1 
ATOM   563  C  CE3   . TRP A 1 66  ? -8.987  -5.994  0.216   1.00 37.96 ? 157  TRP A CE3   1 
ATOM   564  C  CZ2   . TRP A 1 66  ? -11.573 -4.829  0.171   1.00 38.66 ? 157  TRP A CZ2   1 
ATOM   565  C  CZ3   . TRP A 1 66  ? -10.029 -6.561  -0.516  1.00 44.55 ? 157  TRP A CZ3   1 
ATOM   566  C  CH2   . TRP A 1 66  ? -11.303 -5.976  -0.534  1.00 44.82 ? 157  TRP A CH2   1 
ATOM   567  N  N     . TRP A 1 67  ? -4.388  -5.066  3.841   1.00 33.20 ? 158  TRP A N     1 
ATOM   568  C  CA    . TRP A 1 67  ? -3.021  -5.562  3.971   1.00 27.65 ? 158  TRP A CA    1 
ATOM   569  C  C     . TRP A 1 67  ? -2.975  -6.918  4.681   1.00 37.20 ? 158  TRP A C     1 
ATOM   570  O  O     . TRP A 1 67  ? -2.296  -7.843  4.213   1.00 29.79 ? 158  TRP A O     1 
ATOM   571  C  CB    . TRP A 1 67  ? -2.135  -4.557  4.727   1.00 30.42 ? 158  TRP A CB    1 
ATOM   572  C  CG    . TRP A 1 67  ? -0.785  -5.128  5.135   1.00 32.18 ? 158  TRP A CG    1 
ATOM   573  C  CD1   . TRP A 1 67  ? -0.449  -5.661  6.346   1.00 34.72 ? 158  TRP A CD1   1 
ATOM   574  C  CD2   . TRP A 1 67  ? 0.395   -5.215  4.319   1.00 25.48 ? 158  TRP A CD2   1 
ATOM   575  N  NE1   . TRP A 1 67  ? 0.863   -6.080  6.337   1.00 37.44 ? 158  TRP A NE1   1 
ATOM   576  C  CE2   . TRP A 1 67  ? 1.404   -5.818  5.100   1.00 35.49 ? 158  TRP A CE2   1 
ATOM   577  C  CE3   . TRP A 1 67  ? 0.694   -4.851  2.999   1.00 28.28 ? 158  TRP A CE3   1 
ATOM   578  C  CZ2   . TRP A 1 67  ? 2.696   -6.061  4.609   1.00 30.89 ? 158  TRP A CZ2   1 
ATOM   579  C  CZ3   . TRP A 1 67  ? 1.985   -5.088  2.509   1.00 25.79 ? 158  TRP A CZ3   1 
ATOM   580  C  CH2   . TRP A 1 67  ? 2.964   -5.691  3.317   1.00 27.90 ? 158  TRP A CH2   1 
ATOM   581  N  N     . TRP A 1 68  ? -3.685  -7.019  5.812   1.00 33.81 ? 159  TRP A N     1 
ATOM   582  C  CA    A TRP A 1 68  ? -3.726  -8.239  6.626   0.39 32.92 ? 159  TRP A CA    1 
ATOM   583  C  CA    B TRP A 1 68  ? -3.691  -8.242  6.610   0.61 32.77 ? 159  TRP A CA    1 
ATOM   584  C  C     . TRP A 1 68  ? -4.182  -9.424  5.794   1.00 33.29 ? 159  TRP A C     1 
ATOM   585  O  O     . TRP A 1 68  ? -3.576  -10.492 5.821   1.00 32.83 ? 159  TRP A O     1 
ATOM   586  C  CB    A TRP A 1 68  ? -4.689  -8.055  7.810   0.39 37.02 ? 159  TRP A CB    1 
ATOM   587  C  CB    B TRP A 1 68  ? -4.564  -8.080  7.863   0.61 37.04 ? 159  TRP A CB    1 
ATOM   588  C  CG    A TRP A 1 68  ? -4.837  -9.258  8.723   0.39 38.24 ? 159  TRP A CG    1 
ATOM   589  C  CG    B TRP A 1 68  ? -4.822  -9.375  8.588   0.61 38.22 ? 159  TRP A CG    1 
ATOM   590  C  CD1   A TRP A 1 68  ? -3.924  -10.248 8.935   0.39 38.38 ? 159  TRP A CD1   1 
ATOM   591  C  CD1   B TRP A 1 68  ? -3.990  -9.999  9.475   0.61 37.92 ? 159  TRP A CD1   1 
ATOM   592  C  CD2   A TRP A 1 68  ? -5.970  -9.578  9.547   0.39 38.89 ? 159  TRP A CD2   1 
ATOM   593  C  CD2   B TRP A 1 68  ? -5.987  -10.201 8.479   0.61 35.84 ? 159  TRP A CD2   1 
ATOM   594  N  NE1   A TRP A 1 68  ? -4.416  -11.164 9.833   0.39 40.48 ? 159  TRP A NE1   1 
ATOM   595  N  NE1   B TRP A 1 68  ? -4.567  -11.162 9.923   0.61 40.60 ? 159  TRP A NE1   1 
ATOM   596  C  CE2   A TRP A 1 68  ? -5.672  -10.776 10.223  0.39 40.21 ? 159  TRP A CE2   1 
ATOM   597  C  CE2   B TRP A 1 68  ? -5.794  -11.308 9.330   0.61 37.74 ? 159  TRP A CE2   1 
ATOM   598  C  CE3   A TRP A 1 68  ? -7.208  -8.969  9.773   0.39 41.28 ? 159  TRP A CE3   1 
ATOM   599  C  CE3   B TRP A 1 68  ? -7.179  -10.111 7.751   0.61 39.16 ? 159  TRP A CE3   1 
ATOM   600  C  CZ2   A TRP A 1 68  ? -6.564  -11.375 11.116  0.39 43.05 ? 159  TRP A CZ2   1 
ATOM   601  C  CZ2   B TRP A 1 68  ? -6.747  -12.321 9.471   0.61 40.09 ? 159  TRP A CZ2   1 
ATOM   602  C  CZ3   A TRP A 1 68  ? -8.094  -9.563  10.665  0.39 43.72 ? 159  TRP A CZ3   1 
ATOM   603  C  CZ3   B TRP A 1 68  ? -8.127  -11.123 7.891   0.61 38.52 ? 159  TRP A CZ3   1 
ATOM   604  C  CH2   A TRP A 1 68  ? -7.767  -10.754 11.321  0.39 41.71 ? 159  TRP A CH2   1 
ATOM   605  C  CH2   B TRP A 1 68  ? -7.902  -12.210 8.742   0.61 37.40 ? 159  TRP A CH2   1 
ATOM   606  N  N     . TYR A 1 69  ? -5.272  -9.217  5.062   1.00 31.61 ? 160  TYR A N     1 
ATOM   607  C  CA    . TYR A 1 69  ? -5.891  -10.274 4.280   1.00 35.02 ? 160  TYR A CA    1 
ATOM   608  C  C     . TYR A 1 69  ? -5.152  -10.598 2.976   1.00 35.96 ? 160  TYR A C     1 
ATOM   609  O  O     . TYR A 1 69  ? -4.808  -11.751 2.734   1.00 38.29 ? 160  TYR A O     1 
ATOM   610  C  CB    . TYR A 1 69  ? -7.375  -9.945  3.995   1.00 38.05 ? 160  TYR A CB    1 
ATOM   611  C  CG    . TYR A 1 69  ? -8.076  -11.029 3.202   1.00 42.65 ? 160  TYR A CG    1 
ATOM   612  C  CD1   . TYR A 1 69  ? -8.580  -12.176 3.821   1.00 47.61 ? 160  TYR A CD1   1 
ATOM   613  C  CD2   . TYR A 1 69  ? -8.211  -10.922 1.834   1.00 40.30 ? 160  TYR A CD2   1 
ATOM   614  C  CE1   . TYR A 1 69  ? -9.208  -13.182 3.071   1.00 43.71 ? 160  TYR A CE1   1 
ATOM   615  C  CE2   . TYR A 1 69  ? -8.815  -11.913 1.095   1.00 50.66 ? 160  TYR A CE2   1 
ATOM   616  C  CZ    . TYR A 1 69  ? -9.315  -13.033 1.710   1.00 43.94 ? 160  TYR A CZ    1 
ATOM   617  O  OH    . TYR A 1 69  ? -9.916  -13.991 0.927   1.00 60.18 ? 160  TYR A OH    1 
ATOM   618  N  N     . LEU A 1 70  ? -4.939  -9.595  2.128   1.00 32.42 ? 161  LEU A N     1 
ATOM   619  C  CA    . LEU A 1 70  ? -4.229  -9.808  0.865   1.00 34.79 ? 161  LEU A CA    1 
ATOM   620  C  C     . LEU A 1 70  ? -2.740  -10.093 1.066   1.00 31.30 ? 161  LEU A C     1 
ATOM   621  O  O     . LEU A 1 70  ? -2.224  -11.083 0.556   1.00 35.84 ? 161  LEU A O     1 
ATOM   622  C  CB    . LEU A 1 70  ? -4.401  -8.608  -0.061  1.00 35.24 ? 161  LEU A CB    1 
ATOM   623  C  CG    . LEU A 1 70  ? -5.830  -8.293  -0.491  1.00 33.61 ? 161  LEU A CG    1 
ATOM   624  C  CD1   . LEU A 1 70  ? -5.848  -7.035  -1.341  1.00 34.26 ? 161  LEU A CD1   1 
ATOM   625  C  CD2   . LEU A 1 70  ? -6.463  -9.474  -1.227  1.00 32.94 ? 161  LEU A CD2   1 
ATOM   626  N  N     . GLY A 1 71  ? -2.062  -9.219  1.804   1.00 35.69 ? 162  GLY A N     1 
ATOM   627  C  CA    . GLY A 1 71  ? -0.657  -9.403  2.139   1.00 34.11 ? 162  GLY A CA    1 
ATOM   628  C  C     . GLY A 1 71  ? -0.399  -10.716 2.861   1.00 39.14 ? 162  GLY A C     1 
ATOM   629  O  O     . GLY A 1 71  ? 0.562   -11.425 2.559   1.00 36.55 ? 162  GLY A O     1 
ATOM   630  N  N     . GLY A 1 72  ? -1.275  -11.057 3.800   1.00 36.76 ? 163  GLY A N     1 
ATOM   631  C  CA    . GLY A 1 72  ? -1.142  -12.291 4.551   1.00 29.61 ? 163  GLY A CA    1 
ATOM   632  C  C     . GLY A 1 72  ? -1.309  -13.529 3.690   1.00 36.50 ? 163  GLY A C     1 
ATOM   633  O  O     . GLY A 1 72  ? -0.571  -14.502 3.853   1.00 39.34 ? 163  GLY A O     1 
ATOM   634  N  N     . ALA A 1 73  ? -2.272  -13.500 2.772   1.00 34.60 ? 164  ALA A N     1 
ATOM   635  C  CA    . ALA A 1 73  ? -2.447  -14.616 1.838   1.00 37.69 ? 164  ALA A CA    1 
ATOM   636  C  C     . ALA A 1 73  ? -1.223  -14.782 0.906   1.00 33.11 ? 164  ALA A C     1 
ATOM   637  O  O     . ALA A 1 73  ? -0.671  -15.877 0.772   1.00 39.66 ? 164  ALA A O     1 
ATOM   638  C  CB    . ALA A 1 73  ? -3.714  -14.442 1.032   1.00 26.84 ? 164  ALA A CB    1 
ATOM   639  N  N     . VAL A 1 74  ? -0.819  -13.701 0.256   1.00 32.78 ? 165  VAL A N     1 
ATOM   640  C  CA    . VAL A 1 74  ? 0.390   -13.714 -0.581  1.00 35.24 ? 165  VAL A CA    1 
ATOM   641  C  C     . VAL A 1 74  ? 1.610   -14.246 0.180   1.00 36.43 ? 165  VAL A C     1 
ATOM   642  O  O     . VAL A 1 74  ? 2.310   -15.127 -0.303  1.00 37.80 ? 165  VAL A O     1 
ATOM   643  C  CB    . VAL A 1 74  ? 0.693   -12.311 -1.147  1.00 33.09 ? 165  VAL A CB    1 
ATOM   644  C  CG1   . VAL A 1 74  ? 2.122   -12.243 -1.703  1.00 31.83 ? 165  VAL A CG1   1 
ATOM   645  C  CG2   . VAL A 1 74  ? -0.349  -11.939 -2.216  1.00 31.69 ? 165  VAL A CG2   1 
ATOM   646  N  N     . GLU A 1 75  ? 1.844   -13.734 1.384   1.00 34.82 ? 166  GLU A N     1 
ATOM   647  C  CA    . GLU A 1 75  ? 2.961   -14.213 2.193   1.00 33.77 ? 166  GLU A CA    1 
ATOM   648  C  C     . GLU A 1 75  ? 2.874   -15.728 2.452   1.00 46.07 ? 166  GLU A C     1 
ATOM   649  O  O     . GLU A 1 75  ? 3.868   -16.445 2.308   1.00 41.76 ? 166  GLU A O     1 
ATOM   650  C  CB    . GLU A 1 75  ? 3.076   -13.433 3.507   1.00 33.64 ? 166  GLU A CB    1 
ATOM   651  C  CG    . GLU A 1 75  ? 4.170   -13.943 4.444   1.00 33.58 ? 166  GLU A CG    1 
ATOM   652  C  CD    . GLU A 1 75  ? 4.588   -12.913 5.488   1.00 40.48 ? 166  GLU A CD    1 
ATOM   653  O  OE1   . GLU A 1 75  ? 3.722   -12.145 5.969   1.00 39.13 ? 166  GLU A OE1   1 
ATOM   654  O  OE2   . GLU A 1 75  ? 5.794   -12.863 5.820   1.00 38.51 ? 166  GLU A OE2   1 
ATOM   655  N  N     . LYS A 1 76  ? 1.683   -16.216 2.786   1.00 42.07 ? 167  LYS A N     1 
ATOM   656  C  CA    . LYS A 1 76  ? 1.507   -17.623 3.139   1.00 42.18 ? 167  LYS A CA    1 
ATOM   657  C  C     . LYS A 1 76  ? 1.658   -18.578 1.955   1.00 39.53 ? 167  LYS A C     1 
ATOM   658  O  O     . LYS A 1 76  ? 2.345   -19.591 2.057   1.00 41.28 ? 167  LYS A O     1 
ATOM   659  C  CB    . LYS A 1 76  ? 0.147   -17.842 3.814   1.00 44.70 ? 167  LYS A CB    1 
ATOM   660  C  CG    . LYS A 1 76  ? -0.170  -19.316 4.078   1.00 52.19 ? 167  LYS A CG    1 
ATOM   661  C  CD    . LYS A 1 76  ? -1.419  -19.490 4.934   1.00 62.35 ? 167  LYS A CD    1 
ATOM   662  C  CE    . LYS A 1 76  ? -1.365  -20.815 5.701   1.00 77.32 ? 167  LYS A CE    1 
ATOM   663  N  NZ    . LYS A 1 76  ? -2.541  -21.030 6.605   1.00 69.77 ? 167  LYS A NZ    1 
ATOM   664  N  N     . ARG A 1 77  ? 1.007   -18.265 0.842   1.00 38.18 ? 168  ARG A N     1 
ATOM   665  C  CA    . ARG A 1 77  ? 1.035   -19.142 -0.330  1.00 45.71 ? 168  ARG A CA    1 
ATOM   666  C  C     . ARG A 1 77  ? 2.239   -18.941 -1.246  1.00 46.55 ? 168  ARG A C     1 
ATOM   667  O  O     . ARG A 1 77  ? 2.626   -19.859 -1.966  1.00 47.37 ? 168  ARG A O     1 
ATOM   668  C  CB    . ARG A 1 77  ? -0.239  -18.974 -1.159  1.00 40.26 ? 168  ARG A CB    1 
ATOM   669  C  CG    . ARG A 1 77  ? -1.500  -19.345 -0.409  1.00 52.97 ? 168  ARG A CG    1 
ATOM   670  C  CD    . ARG A 1 77  ? -2.715  -18.700 -1.047  1.00 60.51 ? 168  ARG A CD    1 
ATOM   671  N  NE    . ARG A 1 77  ? -3.948  -19.063 -0.365  1.00 64.49 ? 168  ARG A NE    1 
ATOM   672  C  CZ    . ARG A 1 77  ? -4.601  -20.198 -0.592  1.00 75.45 ? 168  ARG A CZ    1 
ATOM   673  N  NH1   . ARG A 1 77  ? -4.126  -21.067 -1.478  1.00 70.48 ? 168  ARG A NH1   1 
ATOM   674  N  NH2   . ARG A 1 77  ? -5.721  -20.467 0.064   1.00 85.98 ? 168  ARG A NH2   1 
ATOM   675  N  N     . LEU A 1 78  ? 2.819   -17.742 -1.239  1.00 40.83 ? 169  LEU A N     1 
ATOM   676  C  CA    . LEU A 1 78  ? 3.850   -17.399 -2.227  1.00 34.67 ? 169  LEU A CA    1 
ATOM   677  C  C     . LEU A 1 78  ? 5.170   -16.969 -1.591  1.00 38.30 ? 169  LEU A C     1 
ATOM   678  O  O     . LEU A 1 78  ? 6.179   -16.847 -2.280  1.00 39.83 ? 169  LEU A O     1 
ATOM   679  C  CB    . LEU A 1 78  ? 3.335   -16.317 -3.171  1.00 32.27 ? 169  LEU A CB    1 
ATOM   680  C  CG    . LEU A 1 78  ? 2.036   -16.668 -3.905  1.00 36.39 ? 169  LEU A CG    1 
ATOM   681  C  CD1   . LEU A 1 78  ? 1.480   -15.474 -4.683  1.00 30.29 ? 169  LEU A CD1   1 
ATOM   682  C  CD2   . LEU A 1 78  ? 2.273   -17.849 -4.832  1.00 39.63 ? 169  LEU A CD2   1 
ATOM   683  N  N     . GLY A 1 79  ? 5.147   -16.726 -0.279  1.00 37.91 ? 170  GLY A N     1 
ATOM   684  C  CA    . GLY A 1 79  ? 6.357   -16.455 0.480   1.00 34.75 ? 170  GLY A CA    1 
ATOM   685  C  C     . GLY A 1 79  ? 6.593   -14.998 0.823   1.00 37.00 ? 170  GLY A C     1 
ATOM   686  O  O     . GLY A 1 79  ? 6.060   -14.102 0.173   1.00 35.11 ? 170  GLY A O     1 
ATOM   687  N  N     . SER A 1 80  ? 7.418   -14.773 1.844   1.00 37.69 ? 171  SER A N     1 
ATOM   688  C  CA    . SER A 1 80  ? 7.781   -13.432 2.288   1.00 39.37 ? 171  SER A CA    1 
ATOM   689  C  C     . SER A 1 80  ? 8.438   -12.540 1.234   1.00 35.22 ? 171  SER A C     1 
ATOM   690  O  O     . SER A 1 80  ? 8.130   -11.340 1.155   1.00 36.18 ? 171  SER A O     1 
ATOM   691  C  CB    . SER A 1 80  ? 8.700   -13.519 3.502   1.00 39.41 ? 171  SER A CB    1 
ATOM   692  O  OG    . SER A 1 80  ? 8.012   -14.076 4.595   1.00 39.82 ? 171  SER A OG    1 
ATOM   693  N  N     . GLY A 1 81  ? 9.354   -13.112 0.452   1.00 36.69 ? 172  GLY A N     1 
ATOM   694  C  CA    . GLY A 1 81  ? 10.087  -12.364 -0.564  1.00 30.66 ? 172  GLY A CA    1 
ATOM   695  C  C     . GLY A 1 81  ? 9.143   -11.710 -1.549  1.00 27.41 ? 172  GLY A C     1 
ATOM   696  O  O     . GLY A 1 81  ? 9.262   -10.527 -1.863  1.00 29.70 ? 172  GLY A O     1 
ATOM   697  N  N     . LYS A 1 82  ? 8.165   -12.481 -2.007  1.00 32.00 ? 173  LYS A N     1 
ATOM   698  C  CA    . LYS A 1 82  ? 7.150   -11.965 -2.914  1.00 28.64 ? 173  LYS A CA    1 
ATOM   699  C  C     . LYS A 1 82  ? 6.452   -10.719 -2.350  1.00 33.10 ? 173  LYS A C     1 
ATOM   700  O  O     . LYS A 1 82  ? 6.322   -9.699  -3.043  1.00 32.07 ? 173  LYS A O     1 
ATOM   701  C  CB    . LYS A 1 82  ? 6.116   -13.043 -3.231  1.00 32.08 ? 173  LYS A CB    1 
ATOM   702  C  CG    . LYS A 1 82  ? 5.009   -12.562 -4.182  1.00 32.75 ? 173  LYS A CG    1 
ATOM   703  C  CD    . LYS A 1 82  ? 5.385   -12.800 -5.622  1.00 36.04 ? 173  LYS A CD    1 
ATOM   704  C  CE    . LYS A 1 82  ? 5.533   -14.289 -5.890  1.00 36.11 ? 173  LYS A CE    1 
ATOM   705  N  NZ    . LYS A 1 82  ? 6.078   -14.527 -7.235  1.00 29.27 ? 173  LYS A NZ    1 
ATOM   706  N  N     . LEU A 1 83  ? 6.016   -10.799 -1.094  1.00 30.77 ? 174  LEU A N     1 
ATOM   707  C  CA    . LEU A 1 83  ? 5.291   -9.685  -0.482  1.00 30.89 ? 174  LEU A CA    1 
ATOM   708  C  C     . LEU A 1 83  ? 6.211   -8.474  -0.357  1.00 27.72 ? 174  LEU A C     1 
ATOM   709  O  O     . LEU A 1 83  ? 5.810   -7.356  -0.656  1.00 31.80 ? 174  LEU A O     1 
ATOM   710  C  CB    . LEU A 1 83  ? 4.703   -10.082 0.886   1.00 31.63 ? 174  LEU A CB    1 
ATOM   711  C  CG    . LEU A 1 83  ? 3.894   -9.047  1.682   1.00 34.76 ? 174  LEU A CG    1 
ATOM   712  C  CD1   . LEU A 1 83  ? 2.785   -8.425  0.820   1.00 29.36 ? 174  LEU A CD1   1 
ATOM   713  C  CD2   . LEU A 1 83  ? 3.294   -9.687  2.958   1.00 29.20 ? 174  LEU A CD2   1 
ATOM   714  N  N     . ILE A 1 84  ? 7.449   -8.712  0.061   1.00 27.02 ? 175  ILE A N     1 
ATOM   715  C  CA    . ILE A 1 84  ? 8.436   -7.642  0.195   1.00 30.09 ? 175  ILE A CA    1 
ATOM   716  C  C     . ILE A 1 84  ? 8.612   -6.885  -1.117  1.00 29.77 ? 175  ILE A C     1 
ATOM   717  O  O     . ILE A 1 84  ? 8.553   -5.655  -1.148  1.00 29.16 ? 175  ILE A O     1 
ATOM   718  C  CB    . ILE A 1 84  ? 9.815   -8.180  0.668   1.00 31.52 ? 175  ILE A CB    1 
ATOM   719  C  CG1   . ILE A 1 84  ? 9.762   -8.586  2.144   1.00 31.74 ? 175  ILE A CG1   1 
ATOM   720  C  CG2   . ILE A 1 84  ? 10.905  -7.130  0.457   1.00 31.06 ? 175  ILE A CG2   1 
ATOM   721  C  CD1   . ILE A 1 84  ? 10.840  -9.573  2.576   1.00 24.82 ? 175  ILE A CD1   1 
ATOM   722  N  N     . VAL A 1 85  ? 8.796   -7.617  -2.210  1.00 29.59 ? 176  VAL A N     1 
ATOM   723  C  CA    . VAL A 1 85  ? 9.055   -6.962  -3.490  1.00 31.74 ? 176  VAL A CA    1 
ATOM   724  C  C     . VAL A 1 85  ? 7.839   -6.176  -3.992  1.00 28.84 ? 176  VAL A C     1 
ATOM   725  O  O     . VAL A 1 85  ? 7.974   -5.012  -4.378  1.00 27.17 ? 176  VAL A O     1 
ATOM   726  C  CB    . VAL A 1 85  ? 9.641   -7.948  -4.548  1.00 33.62 ? 176  VAL A CB    1 
ATOM   727  C  CG1   . VAL A 1 85  ? 9.804   -7.272  -5.922  1.00 28.26 ? 176  VAL A CG1   1 
ATOM   728  C  CG2   . VAL A 1 85  ? 10.990  -8.499  -4.045  1.00 30.06 ? 176  VAL A CG2   1 
ATOM   729  N  N     . ILE A 1 86  ? 6.656   -6.788  -3.947  1.00 29.57 ? 177  ILE A N     1 
ATOM   730  C  CA    . ILE A 1 86  ? 5.429   -6.072  -4.309  1.00 30.00 ? 177  ILE A CA    1 
ATOM   731  C  C     . ILE A 1 86  ? 5.310   -4.763  -3.517  1.00 27.37 ? 177  ILE A C     1 
ATOM   732  O  O     . ILE A 1 86  ? 4.986   -3.700  -4.066  1.00 28.58 ? 177  ILE A O     1 
ATOM   733  C  CB    . ILE A 1 86  ? 4.157   -6.918  -4.053  1.00 32.25 ? 177  ILE A CB    1 
ATOM   734  C  CG1   . ILE A 1 86  ? 4.121   -8.164  -4.947  1.00 31.78 ? 177  ILE A CG1   1 
ATOM   735  C  CG2   . ILE A 1 86  ? 2.908   -6.070  -4.270  1.00 30.86 ? 177  ILE A CG2   1 
ATOM   736  C  CD1   . ILE A 1 86  ? 2.935   -9.103  -4.668  1.00 32.17 ? 177  ILE A CD1   1 
ATOM   737  N  N     . THR A 1 87  ? 5.607   -4.849  -2.223  1.00 25.10 ? 178  THR A N     1 
ATOM   738  C  CA    . THR A 1 87  ? 5.516   -3.701  -1.325  1.00 28.22 ? 178  THR A CA    1 
ATOM   739  C  C     . THR A 1 87  ? 6.515   -2.590  -1.669  1.00 27.54 ? 178  THR A C     1 
ATOM   740  O  O     . THR A 1 87  ? 6.140   -1.409  -1.745  1.00 25.69 ? 178  THR A O     1 
ATOM   741  C  CB    . THR A 1 87  ? 5.747   -4.144  0.149   1.00 30.18 ? 178  THR A CB    1 
ATOM   742  O  OG1   . THR A 1 87  ? 4.776   -5.138  0.504   1.00 26.31 ? 178  THR A OG1   1 
ATOM   743  C  CG2   . THR A 1 87  ? 5.646   -2.963  1.101   1.00 24.82 ? 178  THR A CG2   1 
ATOM   744  N  N     . LEU A 1 88  ? 7.781   -2.963  -1.862  1.00 22.83 ? 179  LEU A N     1 
ATOM   745  C  CA    . LEU A 1 88  ? 8.829   -1.979  -2.157  1.00 25.36 ? 179  LEU A CA    1 
ATOM   746  C  C     . LEU A 1 88  ? 8.555   -1.261  -3.460  1.00 25.37 ? 179  LEU A C     1 
ATOM   747  O  O     . LEU A 1 88  ? 8.612   -0.034  -3.523  1.00 29.01 ? 179  LEU A O     1 
ATOM   748  C  CB    . LEU A 1 88  ? 10.235  -2.619  -2.186  1.00 25.18 ? 179  LEU A CB    1 
ATOM   749  C  CG    . LEU A 1 88  ? 10.711  -3.263  -0.877  1.00 30.98 ? 179  LEU A CG    1 
ATOM   750  C  CD1   . LEU A 1 88  ? 12.088  -3.934  -1.035  1.00 32.10 ? 179  LEU A CD1   1 
ATOM   751  C  CD2   . LEU A 1 88  ? 10.726  -2.235  0.272   1.00 27.85 ? 179  LEU A CD2   1 
ATOM   752  N  N     . ILE A 1 89  ? 8.219   -2.023  -4.492  1.00 24.49 ? 180  ILE A N     1 
ATOM   753  C  CA    . ILE A 1 89  ? 7.998   -1.436  -5.805  1.00 27.81 ? 180  ILE A CA    1 
ATOM   754  C  C     . ILE A 1 89  ? 6.762   -0.544  -5.842  1.00 26.94 ? 180  ILE A C     1 
ATOM   755  O  O     . ILE A 1 89  ? 6.799   0.586   -6.361  1.00 26.13 ? 180  ILE A O     1 
ATOM   756  C  CB    . ILE A 1 89  ? 7.882   -2.518  -6.904  1.00 25.36 ? 180  ILE A CB    1 
ATOM   757  C  CG1   . ILE A 1 89  ? 9.126   -3.414  -6.902  1.00 29.69 ? 180  ILE A CG1   1 
ATOM   758  C  CG2   . ILE A 1 89  ? 7.660   -1.863  -8.249  1.00 20.14 ? 180  ILE A CG2   1 
ATOM   759  C  CD1   . ILE A 1 89  ? 9.174   -4.410  -8.053  1.00 32.35 ? 180  ILE A CD1   1 
ATOM   760  N  N     . SER A 1 90  ? 5.657   -1.044  -5.299  1.00 27.91 ? 181  SER A N     1 
ATOM   761  C  CA    . SER A 1 90  ? 4.427   -0.264  -5.334  1.00 26.58 ? 181  SER A CA    1 
ATOM   762  C  C     . SER A 1 90  ? 4.568   0.975   -4.464  1.00 25.77 ? 181  SER A C     1 
ATOM   763  O  O     . SER A 1 90  ? 4.108   2.039   -4.855  1.00 24.95 ? 181  SER A O     1 
ATOM   764  C  CB    . SER A 1 90  ? 3.216   -1.091  -4.906  1.00 27.92 ? 181  SER A CB    1 
ATOM   765  O  OG    . SER A 1 90  ? 3.355   -1.551  -3.575  1.00 26.51 ? 181  SER A OG    1 
ATOM   766  N  N     . ALA A 1 91  ? 5.235   0.851   -3.312  1.00 25.32 ? 182  ALA A N     1 
ATOM   767  C  CA    . ALA A 1 91  ? 5.435   2.028   -2.466  1.00 24.70 ? 182  ALA A CA    1 
ATOM   768  C  C     . ALA A 1 91  ? 6.253   3.102   -3.206  1.00 30.47 ? 182  ALA A C     1 
ATOM   769  O  O     . ALA A 1 91  ? 5.877   4.278   -3.218  1.00 28.22 ? 182  ALA A O     1 
ATOM   770  C  CB    . ALA A 1 91  ? 6.066   1.661   -1.127  1.00 24.47 ? 182  ALA A CB    1 
ATOM   771  N  N     . LEU A 1 92  ? 7.344   2.689   -3.852  1.00 29.71 ? 183  LEU A N     1 
ATOM   772  C  CA    . LEU A 1 92  ? 8.178   3.627   -4.620  1.00 27.42 ? 183  LEU A CA    1 
ATOM   773  C  C     . LEU A 1 92  ? 7.408   4.284   -5.757  1.00 27.75 ? 183  LEU A C     1 
ATOM   774  O  O     . LEU A 1 92  ? 7.382   5.509   -5.864  1.00 25.61 ? 183  LEU A O     1 
ATOM   775  C  CB    . LEU A 1 92  ? 9.433   2.938   -5.165  1.00 24.57 ? 183  LEU A CB    1 
ATOM   776  C  CG    . LEU A 1 92  ? 10.560  2.755   -4.155  1.00 32.94 ? 183  LEU A CG    1 
ATOM   777  C  CD1   . LEU A 1 92  ? 11.554  1.735   -4.669  1.00 29.67 ? 183  LEU A CD1   1 
ATOM   778  C  CD2   . LEU A 1 92  ? 11.248  4.092   -3.842  1.00 27.11 ? 183  LEU A CD2   1 
ATOM   779  N  N     . LEU A 1 93  ? 6.763   3.478   -6.594  1.00 23.29 ? 184  LEU A N     1 
ATOM   780  C  CA    . LEU A 1 93  ? 6.110   4.045   -7.773  1.00 30.94 ? 184  LEU A CA    1 
ATOM   781  C  C     . LEU A 1 93  ? 4.904   4.936   -7.428  1.00 29.50 ? 184  LEU A C     1 
ATOM   782  O  O     . LEU A 1 93  ? 4.759   6.036   -7.970  1.00 27.19 ? 184  LEU A O     1 
ATOM   783  C  CB    . LEU A 1 93  ? 5.717   2.955   -8.794  1.00 25.29 ? 184  LEU A CB    1 
ATOM   784  C  CG    . LEU A 1 93  ? 5.172   3.525   -10.119 1.00 32.14 ? 184  LEU A CG    1 
ATOM   785  C  CD1   . LEU A 1 93  ? 6.270   4.296   -10.892 1.00 26.13 ? 184  LEU A CD1   1 
ATOM   786  C  CD2   . LEU A 1 93  ? 4.516   2.459   -11.015 1.00 28.67 ? 184  LEU A CD2   1 
ATOM   787  N  N     . SER A 1 94  ? 4.042   4.464   -6.531  1.00 28.96 ? 185  SER A N     1 
ATOM   788  C  CA    . SER A 1 94  ? 2.878   5.256   -6.120  1.00 30.84 ? 185  SER A CA    1 
ATOM   789  C  C     . SER A 1 94  ? 3.325   6.541   -5.386  1.00 29.46 ? 185  SER A C     1 
ATOM   790  O  O     . SER A 1 94  ? 2.769   7.612   -5.603  1.00 29.85 ? 185  SER A O     1 
ATOM   791  C  CB    . SER A 1 94  ? 1.890   4.416   -5.281  1.00 26.61 ? 185  SER A CB    1 
ATOM   792  O  OG    . SER A 1 94  ? 2.351   4.203   -3.959  1.00 29.66 ? 185  SER A OG    1 
ATOM   793  N  N     . GLY A 1 95  ? 4.346   6.437   -4.539  1.00 27.04 ? 186  GLY A N     1 
ATOM   794  C  CA    . GLY A 1 95  ? 4.923   7.625   -3.926  1.00 28.61 ? 186  GLY A CA    1 
ATOM   795  C  C     . GLY A 1 95  ? 5.473   8.605   -4.960  1.00 32.20 ? 186  GLY A C     1 
ATOM   796  O  O     . GLY A 1 95  ? 5.276   9.827   -4.850  1.00 31.32 ? 186  GLY A O     1 
ATOM   797  N  N     . TYR A 1 96  ? 6.170   8.072   -5.963  1.00 25.65 ? 187  TYR A N     1 
ATOM   798  C  CA    . TYR A 1 96  ? 6.719   8.909   -7.017  1.00 28.10 ? 187  TYR A CA    1 
ATOM   799  C  C     . TYR A 1 96  ? 5.612   9.679   -7.712  1.00 29.17 ? 187  TYR A C     1 
ATOM   800  O  O     . TYR A 1 96  ? 5.667   10.908  -7.821  1.00 27.95 ? 187  TYR A O     1 
ATOM   801  C  CB    . TYR A 1 96  ? 7.522   8.115   -8.071  1.00 26.82 ? 187  TYR A CB    1 
ATOM   802  C  CG    . TYR A 1 96  ? 7.980   9.056   -9.159  1.00 33.25 ? 187  TYR A CG    1 
ATOM   803  C  CD1   . TYR A 1 96  ? 9.088   9.885   -8.960  1.00 27.99 ? 187  TYR A CD1   1 
ATOM   804  C  CD2   . TYR A 1 96  ? 7.263   9.178   -10.349 1.00 28.96 ? 187  TYR A CD2   1 
ATOM   805  C  CE1   . TYR A 1 96  ? 9.479   10.785  -9.913  1.00 30.63 ? 187  TYR A CE1   1 
ATOM   806  C  CE2   . TYR A 1 96  ? 7.650   10.081  -11.324 1.00 30.62 ? 187  TYR A CE2   1 
ATOM   807  C  CZ    . TYR A 1 96  ? 8.759   10.879  -11.104 1.00 40.35 ? 187  TYR A CZ    1 
ATOM   808  O  OH    . TYR A 1 96  ? 9.142   11.782  -12.068 1.00 37.85 ? 187  TYR A OH    1 
ATOM   809  N  N     . VAL A 1 97  ? 4.613   8.942   -8.190  1.00 28.62 ? 188  VAL A N     1 
ATOM   810  C  CA    . VAL A 1 97  ? 3.508   9.537   -8.936  1.00 29.54 ? 188  VAL A CA    1 
ATOM   811  C  C     . VAL A 1 97  ? 2.772   10.563  -8.084  1.00 31.49 ? 188  VAL A C     1 
ATOM   812  O  O     . VAL A 1 97  ? 2.450   11.651  -8.557  1.00 33.29 ? 188  VAL A O     1 
ATOM   813  C  CB    . VAL A 1 97  ? 2.534   8.465   -9.467  1.00 30.77 ? 188  VAL A CB    1 
ATOM   814  C  CG1   . VAL A 1 97  ? 1.265   9.114   -10.011 1.00 32.60 ? 188  VAL A CG1   1 
ATOM   815  C  CG2   . VAL A 1 97  ? 3.213   7.618   -10.528 1.00 26.89 ? 188  VAL A CG2   1 
ATOM   816  N  N     . GLN A 1 98  ? 2.551   10.225  -6.815  1.00 28.59 ? 189  GLN A N     1 
ATOM   817  C  CA    . GLN A 1 98  ? 1.852   11.118  -5.904  1.00 32.45 ? 189  GLN A CA    1 
ATOM   818  C  C     . GLN A 1 98  ? 2.591   12.432  -5.725  1.00 36.23 ? 189  GLN A C     1 
ATOM   819  O  O     . GLN A 1 98  ? 1.983   13.494  -5.810  1.00 40.82 ? 189  GLN A O     1 
ATOM   820  C  CB    . GLN A 1 98  ? 1.633   10.462  -4.537  1.00 32.89 ? 189  GLN A CB    1 
ATOM   821  C  CG    . GLN A 1 98  ? 1.108   11.424  -3.491  1.00 33.52 ? 189  GLN A CG    1 
ATOM   822  C  CD    . GLN A 1 98  ? -0.342  11.836  -3.754  1.00 46.25 ? 189  GLN A CD    1 
ATOM   823  O  OE1   . GLN A 1 98  ? -1.056  11.183  -4.513  1.00 41.44 ? 189  GLN A OE1   1 
ATOM   824  N  NE2   . GLN A 1 98  ? -0.771  12.931  -3.135  1.00 42.47 ? 189  GLN A NE2   1 
ATOM   825  N  N     . GLN A 1 99  ? 3.895   12.376  -5.465  1.00 35.67 ? 190  GLN A N     1 
ATOM   826  C  CA    . GLN A 1 99  ? 4.628   13.625  -5.257  1.00 36.89 ? 190  GLN A CA    1 
ATOM   827  C  C     . GLN A 1 99  ? 4.704   14.412  -6.553  1.00 34.78 ? 190  GLN A C     1 
ATOM   828  O  O     . GLN A 1 99  ? 4.684   15.635  -6.535  1.00 37.95 ? 190  GLN A O     1 
ATOM   829  C  CB    . GLN A 1 99  ? 6.022   13.411  -4.644  1.00 33.33 ? 190  GLN A CB    1 
ATOM   830  C  CG    . GLN A 1 99  ? 7.036   12.651  -5.501  1.00 32.18 ? 190  GLN A CG    1 
ATOM   831  C  CD    . GLN A 1 99  ? 7.743   13.521  -6.540  1.00 37.34 ? 190  GLN A CD    1 
ATOM   832  O  OE1   . GLN A 1 99  ? 7.963   14.718  -6.331  1.00 37.16 ? 190  GLN A OE1   1 
ATOM   833  N  NE2   . GLN A 1 99  ? 8.087   12.914  -7.678  1.00 31.57 ? 190  GLN A NE2   1 
ATOM   834  N  N     . LYS A 1 100 ? 4.771   13.707  -7.677  1.00 32.67 ? 191  LYS A N     1 
ATOM   835  C  CA    . LYS A 1 100 ? 4.877   14.380  -8.976  1.00 36.35 ? 191  LYS A CA    1 
ATOM   836  C  C     . LYS A 1 100 ? 3.685   15.302  -9.249  1.00 45.89 ? 191  LYS A C     1 
ATOM   837  O  O     . LYS A 1 100 ? 3.852   16.403  -9.776  1.00 42.17 ? 191  LYS A O     1 
ATOM   838  C  CB    . LYS A 1 100 ? 5.011   13.371  -10.121 1.00 36.87 ? 191  LYS A CB    1 
ATOM   839  C  CG    . LYS A 1 100 ? 5.191   14.028  -11.512 1.00 40.22 ? 191  LYS A CG    1 
ATOM   840  C  CD    . LYS A 1 100 ? 6.418   14.942  -11.524 1.00 45.14 ? 191  LYS A CD    1 
ATOM   841  C  CE    . LYS A 1 100 ? 6.818   15.381  -12.938 1.00 54.32 ? 191  LYS A CE    1 
ATOM   842  N  NZ    . LYS A 1 100 ? 5.743   16.141  -13.658 1.00 60.78 ? 191  LYS A NZ    1 
ATOM   843  N  N     . PHE A 1 101 ? 2.486   14.858  -8.879  1.00 37.87 ? 192  PHE A N     1 
ATOM   844  C  CA    . PHE A 1 101 ? 1.288   15.625  -9.181  1.00 41.24 ? 192  PHE A CA    1 
ATOM   845  C  C     . PHE A 1 101 ? 0.849   16.545  -8.044  1.00 46.40 ? 192  PHE A C     1 
ATOM   846  O  O     . PHE A 1 101 ? 0.228   17.576  -8.296  1.00 43.81 ? 192  PHE A O     1 
ATOM   847  C  CB    . PHE A 1 101 ? 0.135   14.695  -9.570  1.00 35.81 ? 192  PHE A CB    1 
ATOM   848  C  CG    . PHE A 1 101 ? 0.382   13.922  -10.818 1.00 43.97 ? 192  PHE A CG    1 
ATOM   849  C  CD1   . PHE A 1 101 ? 0.985   14.528  -11.916 1.00 49.04 ? 192  PHE A CD1   1 
ATOM   850  C  CD2   . PHE A 1 101 ? 0.019   12.589  -10.904 1.00 47.04 ? 192  PHE A CD2   1 
ATOM   851  C  CE1   . PHE A 1 101 ? 1.217   13.818  -13.082 1.00 54.82 ? 192  PHE A CE1   1 
ATOM   852  C  CE2   . PHE A 1 101 ? 0.246   11.867  -12.070 1.00 54.66 ? 192  PHE A CE2   1 
ATOM   853  C  CZ    . PHE A 1 101 ? 0.851   12.485  -13.161 1.00 55.91 ? 192  PHE A CZ    1 
ATOM   854  N  N     . SER A 1 102 ? 1.179   16.189  -6.803  1.00 41.18 ? 193  SER A N     1 
ATOM   855  C  CA    . SER A 1 102 ? 0.613   16.890  -5.646  1.00 39.12 ? 193  SER A CA    1 
ATOM   856  C  C     . SER A 1 102 ? 1.608   17.259  -4.548  1.00 39.74 ? 193  SER A C     1 
ATOM   857  O  O     . SER A 1 102 ? 1.208   17.671  -3.462  1.00 43.09 ? 193  SER A O     1 
ATOM   858  C  CB    . SER A 1 102 ? -0.521  16.059  -5.036  1.00 42.39 ? 193  SER A CB    1 
ATOM   859  O  OG    . SER A 1 102 ? -1.427  15.623  -6.041  1.00 48.33 ? 193  SER A OG    1 
ATOM   860  N  N     . GLY A 1 103 ? 2.899   17.105  -4.811  1.00 37.55 ? 194  GLY A N     1 
ATOM   861  C  CA    . GLY A 1 103 ? 3.888   17.417  -3.796  1.00 37.25 ? 194  GLY A CA    1 
ATOM   862  C  C     . GLY A 1 103 ? 4.111   16.290  -2.805  1.00 37.43 ? 194  GLY A C     1 
ATOM   863  O  O     . GLY A 1 103 ? 3.426   15.282  -2.841  1.00 38.09 ? 194  GLY A O     1 
ATOM   864  N  N     . PRO A 1 104 ? 5.067   16.473  -1.893  1.00 36.01 ? 195  PRO A N     1 
ATOM   865  C  CA    . PRO A 1 104 ? 5.582   15.383  -1.052  1.00 34.76 ? 195  PRO A CA    1 
ATOM   866  C  C     . PRO A 1 104 ? 4.830   15.124  0.263   1.00 38.80 ? 195  PRO A C     1 
ATOM   867  O  O     . PRO A 1 104 ? 5.232   14.232  1.036   1.00 32.14 ? 195  PRO A O     1 
ATOM   868  C  CB    . PRO A 1 104 ? 7.015   15.844  -0.752  1.00 39.82 ? 195  PRO A CB    1 
ATOM   869  C  CG    . PRO A 1 104 ? 6.913   17.351  -0.754  1.00 39.07 ? 195  PRO A CG    1 
ATOM   870  C  CD    . PRO A 1 104 ? 5.834   17.722  -1.736  1.00 36.47 ? 195  PRO A CD    1 
ATOM   871  N  N     . TRP A 1 105 ? 3.769   15.876  0.533   1.00 36.21 ? 196  TRP A N     1 
ATOM   872  C  CA    . TRP A 1 105 ? 3.082   15.716  1.819   1.00 41.33 ? 196  TRP A CA    1 
ATOM   873  C  C     . TRP A 1 105 ? 1.886   14.778  1.698   1.00 37.72 ? 196  TRP A C     1 
ATOM   874  O  O     . TRP A 1 105 ? 0.773   15.211  1.430   1.00 36.76 ? 196  TRP A O     1 
ATOM   875  C  CB    . TRP A 1 105 ? 2.650   17.069  2.403   1.00 39.87 ? 196  TRP A CB    1 
ATOM   876  C  CG    . TRP A 1 105 ? 3.762   18.043  2.490   1.00 39.06 ? 196  TRP A CG    1 
ATOM   877  C  CD1   . TRP A 1 105 ? 3.995   19.098  1.646   1.00 41.16 ? 196  TRP A CD1   1 
ATOM   878  C  CD2   . TRP A 1 105 ? 4.818   18.059  3.458   1.00 37.94 ? 196  TRP A CD2   1 
ATOM   879  N  NE1   . TRP A 1 105 ? 5.132   19.772  2.038   1.00 43.85 ? 196  TRP A NE1   1 
ATOM   880  C  CE2   . TRP A 1 105 ? 5.659   19.153  3.142   1.00 34.84 ? 196  TRP A CE2   1 
ATOM   881  C  CE3   . TRP A 1 105 ? 5.136   17.256  4.559   1.00 38.58 ? 196  TRP A CE3   1 
ATOM   882  C  CZ2   . TRP A 1 105 ? 6.796   19.470  3.893   1.00 37.61 ? 196  TRP A CZ2   1 
ATOM   883  C  CZ3   . TRP A 1 105 ? 6.270   17.569  5.309   1.00 45.62 ? 196  TRP A CZ3   1 
ATOM   884  C  CH2   . TRP A 1 105 ? 7.087   18.670  4.971   1.00 44.50 ? 196  TRP A CH2   1 
ATOM   885  N  N     . PHE A 1 106 ? 2.140   13.490  1.894   1.00 37.43 ? 197  PHE A N     1 
ATOM   886  C  CA    . PHE A 1 106 ? 1.121   12.458  1.753   1.00 38.70 ? 197  PHE A CA    1 
ATOM   887  C  C     . PHE A 1 106 ? 1.623   11.257  2.533   1.00 35.37 ? 197  PHE A C     1 
ATOM   888  O  O     . PHE A 1 106 ? 2.755   11.267  3.014   1.00 35.26 ? 197  PHE A O     1 
ATOM   889  C  CB    . PHE A 1 106 ? 0.963   12.065  0.278   1.00 38.96 ? 197  PHE A CB    1 
ATOM   890  C  CG    . PHE A 1 106 ? 2.227   11.493  -0.332  1.00 36.16 ? 197  PHE A CG    1 
ATOM   891  C  CD1   . PHE A 1 106 ? 3.172   12.331  -0.909  1.00 30.81 ? 197  PHE A CD1   1 
ATOM   892  C  CD2   . PHE A 1 106 ? 2.473   10.124  -0.318  1.00 33.39 ? 197  PHE A CD2   1 
ATOM   893  C  CE1   . PHE A 1 106 ? 4.339   11.818  -1.460  1.00 32.15 ? 197  PHE A CE1   1 
ATOM   894  C  CE2   . PHE A 1 106 ? 3.644   9.602   -0.873  1.00 30.47 ? 197  PHE A CE2   1 
ATOM   895  C  CZ    . PHE A 1 106 ? 4.572   10.454  -1.446  1.00 27.72 ? 197  PHE A CZ    1 
ATOM   896  N  N     . GLY A 1 107 ? 0.801   10.217  2.625   1.00 28.97 ? 198  GLY A N     1 
ATOM   897  C  CA    . GLY A 1 107 ? 1.222   8.979   3.258   1.00 31.31 ? 198  GLY A CA    1 
ATOM   898  C  C     . GLY A 1 107 ? 0.193   7.868   3.166   1.00 35.73 ? 198  GLY A C     1 
ATOM   899  O  O     . GLY A 1 107 ? -0.920  8.065   2.680   1.00 32.73 ? 198  GLY A O     1 
ATOM   900  N  N     . GLY A 1 108 ? 0.565   6.683   3.628   1.00 31.25 ? 199  GLY A N     1 
ATOM   901  C  CA    . GLY A 1 108 ? -0.387  5.593   3.706   1.00 30.98 ? 199  GLY A CA    1 
ATOM   902  C  C     . GLY A 1 108 ? -0.042  4.404   2.844   1.00 33.78 ? 199  GLY A C     1 
ATOM   903  O  O     . GLY A 1 108 ? 0.724   4.517   1.874   1.00 29.99 ? 199  GLY A O     1 
ATOM   904  N  N     . LEU A 1 109 ? -0.620  3.264   3.209   1.00 29.92 ? 200  LEU A N     1 
ATOM   905  C  CA    . LEU A 1 109 ? -0.411  2.014   2.499   1.00 31.42 ? 200  LEU A CA    1 
ATOM   906  C  C     . LEU A 1 109 ? -1.308  1.825   1.285   1.00 26.12 ? 200  LEU A C     1 
ATOM   907  O  O     . LEU A 1 109 ? -1.357  0.728   0.755   1.00 29.26 ? 200  LEU A O     1 
ATOM   908  C  CB    . LEU A 1 109 ? -0.651  0.828   3.435   1.00 26.89 ? 200  LEU A CB    1 
ATOM   909  C  CG    . LEU A 1 109 ? 0.520   0.282   4.237   1.00 41.28 ? 200  LEU A CG    1 
ATOM   910  C  CD1   . LEU A 1 109 ? 0.068   -0.942  5.034   1.00 33.08 ? 200  LEU A CD1   1 
ATOM   911  C  CD2   . LEU A 1 109 ? 1.729   -0.030  3.323   1.00 28.81 ? 200  LEU A CD2   1 
ATOM   912  N  N     . SER A 1 110 ? -2.029  2.856   0.856   1.00 26.84 ? 201  SER A N     1 
ATOM   913  C  CA    . SER A 1 110 ? -3.007  2.672   -0.227  1.00 35.59 ? 201  SER A CA    1 
ATOM   914  C  C     . SER A 1 110 ? -2.394  2.200   -1.549  1.00 36.86 ? 201  SER A C     1 
ATOM   915  O  O     . SER A 1 110 ? -2.994  1.384   -2.254  1.00 33.21 ? 201  SER A O     1 
ATOM   916  C  CB    . SER A 1 110 ? -3.853  3.931   -0.462  1.00 32.18 ? 201  SER A CB    1 
ATOM   917  O  OG    . SER A 1 110 ? -4.805  4.071   0.576   1.00 44.93 ? 201  SER A OG    1 
ATOM   918  N  N     . GLY A 1 111 ? -1.213  2.713   -1.884  1.00 28.28 ? 202  GLY A N     1 
ATOM   919  C  CA    . GLY A 1 111 ? -0.562  2.314   -3.116  1.00 26.01 ? 202  GLY A CA    1 
ATOM   920  C  C     . GLY A 1 111 ? -0.249  0.839   -3.059  1.00 26.29 ? 202  GLY A C     1 
ATOM   921  O  O     . GLY A 1 111 ? -0.413  0.104   -4.041  1.00 26.24 ? 202  GLY A O     1 
ATOM   922  N  N     . VAL A 1 112 ? 0.210   0.413   -1.888  1.00 26.87 ? 203  VAL A N     1 
ATOM   923  C  CA    . VAL A 1 112 ? 0.626   -0.963  -1.667  1.00 28.02 ? 203  VAL A CA    1 
ATOM   924  C  C     . VAL A 1 112 ? -0.578  -1.889  -1.729  1.00 31.67 ? 203  VAL A C     1 
ATOM   925  O  O     . VAL A 1 112 ? -0.528  -2.938  -2.372  1.00 33.89 ? 203  VAL A O     1 
ATOM   926  C  CB    . VAL A 1 112 ? 1.385   -1.103  -0.320  1.00 26.19 ? 203  VAL A CB    1 
ATOM   927  C  CG1   . VAL A 1 112 ? 1.554   -2.574  0.079   1.00 21.57 ? 203  VAL A CG1   1 
ATOM   928  C  CG2   . VAL A 1 112 ? 2.735   -0.405  -0.414  1.00 27.77 ? 203  VAL A CG2   1 
ATOM   929  N  N     . VAL A 1 113 ? -1.667  -1.477  -1.081  1.00 32.55 ? 204  VAL A N     1 
ATOM   930  C  CA    . VAL A 1 113 ? -2.935  -2.212  -1.125  1.00 29.90 ? 204  VAL A CA    1 
ATOM   931  C  C     . VAL A 1 113 ? -3.531  -2.315  -2.536  1.00 25.65 ? 204  VAL A C     1 
ATOM   932  O  O     . VAL A 1 113 ? -4.036  -3.364  -2.920  1.00 29.26 ? 204  VAL A O     1 
ATOM   933  C  CB    . VAL A 1 113 ? -3.959  -1.641  -0.104  1.00 31.23 ? 204  VAL A CB    1 
ATOM   934  C  CG1   . VAL A 1 113 ? -5.353  -2.201  -0.358  1.00 34.18 ? 204  VAL A CG1   1 
ATOM   935  C  CG2   . VAL A 1 113 ? -3.490  -1.959  1.321   1.00 28.55 ? 204  VAL A CG2   1 
ATOM   936  N  N     . TYR A 1 114 ? -3.450  -1.247  -3.323  1.00 30.31 ? 205  TYR A N     1 
ATOM   937  C  CA    . TYR A 1 114 ? -3.896  -1.333  -4.722  1.00 34.44 ? 205  TYR A CA    1 
ATOM   938  C  C     . TYR A 1 114 ? -3.096  -2.394  -5.497  1.00 33.37 ? 205  TYR A C     1 
ATOM   939  O  O     . TYR A 1 114 ? -3.662  -3.183  -6.250  1.00 33.37 ? 205  TYR A O     1 
ATOM   940  C  CB    . TYR A 1 114 ? -3.817  0.028   -5.424  1.00 32.45 ? 205  TYR A CB    1 
ATOM   941  C  CG    . TYR A 1 114 ? -5.109  0.832   -5.368  1.00 38.46 ? 205  TYR A CG    1 
ATOM   942  C  CD1   . TYR A 1 114 ? -5.481  1.528   -4.215  1.00 34.24 ? 205  TYR A CD1   1 
ATOM   943  C  CD2   . TYR A 1 114 ? -5.952  0.906   -6.474  1.00 39.80 ? 205  TYR A CD2   1 
ATOM   944  C  CE1   . TYR A 1 114 ? -6.660  2.271   -4.173  1.00 38.84 ? 205  TYR A CE1   1 
ATOM   945  C  CE2   . TYR A 1 114 ? -7.135  1.640   -6.436  1.00 39.57 ? 205  TYR A CE2   1 
ATOM   946  C  CZ    . TYR A 1 114 ? -7.481  2.320   -5.287  1.00 39.29 ? 205  TYR A CZ    1 
ATOM   947  O  OH    . TYR A 1 114 ? -8.648  3.050   -5.265  1.00 46.57 ? 205  TYR A OH    1 
ATOM   948  N  N     . ALA A 1 115 ? -1.782  -2.425  -5.277  1.00 31.21 ? 206  ALA A N     1 
ATOM   949  C  CA    . ALA A 1 115 ? -0.911  -3.427  -5.887  1.00 30.00 ? 206  ALA A CA    1 
ATOM   950  C  C     . ALA A 1 115 ? -1.301  -4.854  -5.525  1.00 30.09 ? 206  ALA A C     1 
ATOM   951  O  O     . ALA A 1 115 ? -1.441  -5.695  -6.407  1.00 30.50 ? 206  ALA A O     1 
ATOM   952  C  CB    . ALA A 1 115 ? 0.527   -3.173  -5.509  1.00 23.77 ? 206  ALA A CB    1 
ATOM   953  N  N     . LEU A 1 116 ? -1.465  -5.121  -4.227  1.00 31.55 ? 207  LEU A N     1 
ATOM   954  C  CA    . LEU A 1 116 ? -1.864  -6.446  -3.750  1.00 29.80 ? 207  LEU A CA    1 
ATOM   955  C  C     . LEU A 1 116 ? -3.235  -6.872  -4.305  1.00 34.86 ? 207  LEU A C     1 
ATOM   956  O  O     . LEU A 1 116 ? -3.434  -8.022  -4.704  1.00 32.24 ? 207  LEU A O     1 
ATOM   957  C  CB    . LEU A 1 116 ? -1.880  -6.491  -2.229  1.00 27.52 ? 207  LEU A CB    1 
ATOM   958  C  CG    . LEU A 1 116 ? -0.507  -6.526  -1.549  1.00 36.34 ? 207  LEU A CG    1 
ATOM   959  C  CD1   . LEU A 1 116 ? -0.628  -6.226  -0.057  1.00 27.81 ? 207  LEU A CD1   1 
ATOM   960  C  CD2   . LEU A 1 116 ? 0.168   -7.886  -1.777  1.00 34.33 ? 207  LEU A CD2   1 
ATOM   961  N  N     . MET A 1 117 ? -4.168  -5.937  -4.358  1.00 28.47 ? 208  MET A N     1 
ATOM   962  C  CA    . MET A 1 117 ? -5.480  -6.255  -4.900  1.00 37.60 ? 208  MET A CA    1 
ATOM   963  C  C     . MET A 1 117 ? -5.372  -6.594  -6.377  1.00 36.41 ? 208  MET A C     1 
ATOM   964  O  O     . MET A 1 117 ? -5.907  -7.607  -6.820  1.00 36.60 ? 208  MET A O     1 
ATOM   965  C  CB    . MET A 1 117 ? -6.439  -5.102  -4.705  1.00 33.58 ? 208  MET A CB    1 
ATOM   966  C  CG    . MET A 1 117 ? -7.501  -5.044  -5.765  1.00 48.53 ? 208  MET A CG    1 
ATOM   967  S  SD    . MET A 1 117 ? -8.193  -3.402  -5.744  1.00 76.94 ? 208  MET A SD    1 
ATOM   968  C  CE    . MET A 1 117 ? -8.252  -3.189  -3.982  1.00 28.85 ? 208  MET A CE    1 
ATOM   969  N  N     . GLY A 1 118 ? -4.666  -5.757  -7.133  1.00 33.72 ? 209  GLY A N     1 
ATOM   970  C  CA    . GLY A 1 118 ? -4.421  -6.045  -8.531  1.00 31.90 ? 209  GLY A CA    1 
ATOM   971  C  C     . GLY A 1 118 ? -3.666  -7.357  -8.692  1.00 40.54 ? 209  GLY A C     1 
ATOM   972  O  O     . GLY A 1 118 ? -3.980  -8.148  -9.585  1.00 36.05 ? 209  GLY A O     1 
ATOM   973  N  N     . TYR A 1 119 ? -2.690  -7.608  -7.814  1.00 37.44 ? 210  TYR A N     1 
ATOM   974  C  CA    . TYR A 1 119 ? -1.895  -8.831  -7.929  1.00 37.48 ? 210  TYR A CA    1 
ATOM   975  C  C     . TYR A 1 119 ? -2.727  -10.100 -7.713  1.00 37.55 ? 210  TYR A C     1 
ATOM   976  O  O     . TYR A 1 119 ? -2.697  -11.012 -8.543  1.00 34.21 ? 210  TYR A O     1 
ATOM   977  C  CB    . TYR A 1 119 ? -0.688  -8.838  -6.978  1.00 31.65 ? 210  TYR A CB    1 
ATOM   978  C  CG    . TYR A 1 119 ? 0.158   -10.095 -7.142  1.00 34.40 ? 210  TYR A CG    1 
ATOM   979  C  CD1   . TYR A 1 119 ? -0.137  -11.262 -6.427  1.00 31.57 ? 210  TYR A CD1   1 
ATOM   980  C  CD2   . TYR A 1 119 ? 1.238   -10.123 -8.022  1.00 31.19 ? 210  TYR A CD2   1 
ATOM   981  C  CE1   . TYR A 1 119 ? 0.608   -12.414 -6.597  1.00 36.85 ? 210  TYR A CE1   1 
ATOM   982  C  CE2   . TYR A 1 119 ? 2.003   -11.271 -8.181  1.00 31.28 ? 210  TYR A CE2   1 
ATOM   983  C  CZ    . TYR A 1 119 ? 1.677   -12.418 -7.475  1.00 38.22 ? 210  TYR A CZ    1 
ATOM   984  O  OH    . TYR A 1 119 ? 2.421   -13.568 -7.638  1.00 39.14 ? 210  TYR A OH    1 
ATOM   985  N  N     . VAL A 1 120 ? -3.432  -10.156 -6.582  1.00 36.06 ? 211  VAL A N     1 
ATOM   986  C  CA    . VAL A 1 120 ? -4.259  -11.304 -6.216  1.00 33.03 ? 211  VAL A CA    1 
ATOM   987  C  C     . VAL A 1 120 ? -5.370  -11.549 -7.235  1.00 35.61 ? 211  VAL A C     1 
ATOM   988  O  O     . VAL A 1 120 ? -5.615  -12.686 -7.635  1.00 38.58 ? 211  VAL A O     1 
ATOM   989  C  CB    . VAL A 1 120 ? -4.886  -11.137 -4.809  1.00 40.53 ? 211  VAL A CB    1 
ATOM   990  C  CG1   . VAL A 1 120 ? -5.876  -12.271 -4.508  1.00 29.01 ? 211  VAL A CG1   1 
ATOM   991  C  CG2   . VAL A 1 120 ? -3.804  -11.088 -3.740  1.00 32.02 ? 211  VAL A CG2   1 
ATOM   992  N  N     . TRP A 1 121 ? -6.035  -10.486 -7.666  1.00 35.38 ? 212  TRP A N     1 
ATOM   993  C  CA    . TRP A 1 121 ? -7.099  -10.632 -8.653  1.00 35.86 ? 212  TRP A CA    1 
ATOM   994  C  C     . TRP A 1 121 ? -6.599  -11.250 -9.967  1.00 44.63 ? 212  TRP A C     1 
ATOM   995  O  O     . TRP A 1 121 ? -7.022  -12.344 -10.342 1.00 41.77 ? 212  TRP A O     1 
ATOM   996  C  CB    . TRP A 1 121 ? -7.768  -9.294  -8.945  1.00 35.99 ? 212  TRP A CB    1 
ATOM   997  C  CG    . TRP A 1 121 ? -8.757  -9.395  -10.068 1.00 41.60 ? 212  TRP A CG    1 
ATOM   998  C  CD1   . TRP A 1 121 ? -10.003 -9.975  -10.024 1.00 40.11 ? 212  TRP A CD1   1 
ATOM   999  C  CD2   . TRP A 1 121 ? -8.584  -8.919  -11.407 1.00 44.13 ? 212  TRP A CD2   1 
ATOM   1000 N  NE1   . TRP A 1 121 ? -10.609 -9.874  -11.252 1.00 42.02 ? 212  TRP A NE1   1 
ATOM   1001 C  CE2   . TRP A 1 121 ? -9.765  -9.228  -12.117 1.00 43.42 ? 212  TRP A CE2   1 
ATOM   1002 C  CE3   . TRP A 1 121 ? -7.549  -8.254  -12.073 1.00 42.02 ? 212  TRP A CE3   1 
ATOM   1003 C  CZ2   . TRP A 1 121 ? -9.935  -8.901  -13.459 1.00 47.59 ? 212  TRP A CZ2   1 
ATOM   1004 C  CZ3   . TRP A 1 121 ? -7.726  -7.922  -13.405 1.00 44.60 ? 212  TRP A CZ3   1 
ATOM   1005 C  CH2   . TRP A 1 121 ? -8.907  -8.250  -14.085 1.00 43.61 ? 212  TRP A CH2   1 
ATOM   1006 N  N     . LEU A 1 122 ? -5.694  -10.547 -10.649 1.00 44.18 ? 213  LEU A N     1 
ATOM   1007 C  CA    . LEU A 1 122 ? -5.195  -10.977 -11.952 1.00 42.00 ? 213  LEU A CA    1 
ATOM   1008 C  C     . LEU A 1 122 ? -4.546  -12.353 -11.881 1.00 45.66 ? 213  LEU A C     1 
ATOM   1009 O  O     . LEU A 1 122 ? -4.672  -13.157 -12.807 1.00 48.59 ? 213  LEU A O     1 
ATOM   1010 C  CB    . LEU A 1 122 ? -4.203  -9.965  -12.529 1.00 34.48 ? 213  LEU A CB    1 
ATOM   1011 C  CG    . LEU A 1 122 ? -3.691  -10.301 -13.940 1.00 43.27 ? 213  LEU A CG    1 
ATOM   1012 C  CD1   . LEU A 1 122 ? -4.856  -10.448 -14.907 1.00 42.51 ? 213  LEU A CD1   1 
ATOM   1013 C  CD2   . LEU A 1 122 ? -2.695  -9.265  -14.464 1.00 32.09 ? 213  LEU A CD2   1 
ATOM   1014 N  N     . ARG A 1 123 ? -3.855  -12.622 -10.782 1.00 41.10 ? 214  ARG A N     1 
ATOM   1015 C  CA    . ARG A 1 123 ? -3.194  -13.908 -10.620 1.00 42.83 ? 214  ARG A CA    1 
ATOM   1016 C  C     . ARG A 1 123 ? -4.222  -15.043 -10.667 1.00 47.73 ? 214  ARG A C     1 
ATOM   1017 O  O     . ARG A 1 123 ? -4.052  -15.999 -11.410 1.00 49.50 ? 214  ARG A O     1 
ATOM   1018 C  CB    . ARG A 1 123 ? -2.396  -13.942 -9.318  1.00 38.71 ? 214  ARG A CB    1 
ATOM   1019 C  CG    . ARG A 1 123 ? -1.534  -15.167 -9.150  1.00 44.91 ? 214  ARG A CG    1 
ATOM   1020 C  CD    . ARG A 1 123 ? -0.350  -15.168 -10.116 1.00 45.41 ? 214  ARG A CD    1 
ATOM   1021 N  NE    . ARG A 1 123 ? 0.176   -16.519 -10.244 1.00 46.90 ? 214  ARG A NE    1 
ATOM   1022 C  CZ    . ARG A 1 123 ? 1.144   -17.030 -9.495  1.00 50.72 ? 214  ARG A CZ    1 
ATOM   1023 N  NH1   . ARG A 1 123 ? 1.740   -16.289 -8.565  1.00 43.50 ? 214  ARG A NH1   1 
ATOM   1024 N  NH2   . ARG A 1 123 ? 1.526   -18.287 -9.691  1.00 52.71 ? 214  ARG A NH2   1 
ATOM   1025 N  N     . GLY A 1 124 ? -5.296  -14.922 -9.887  1.00 48.17 ? 215  GLY A N     1 
ATOM   1026 C  CA    . GLY A 1 124 ? -6.328  -15.948 -9.842  1.00 46.73 ? 215  GLY A CA    1 
ATOM   1027 C  C     . GLY A 1 124 ? -7.061  -16.073 -11.162 1.00 50.49 ? 215  GLY A C     1 
ATOM   1028 O  O     . GLY A 1 124 ? -7.405  -17.164 -11.607 1.00 51.86 ? 215  GLY A O     1 
ATOM   1029 N  N     . GLU A 1 125 ? -7.282  -14.926 -11.787 1.00 48.78 ? 216  GLU A N     1 
ATOM   1030 C  CA    . GLU A 1 125 ? -7.905  -14.834 -13.090 1.00 51.23 ? 216  GLU A CA    1 
ATOM   1031 C  C     . GLU A 1 125 ? -7.118  -15.568 -14.179 1.00 58.00 ? 216  GLU A C     1 
ATOM   1032 O  O     . GLU A 1 125 ? -7.707  -16.201 -15.049 1.00 61.15 ? 216  GLU A O     1 
ATOM   1033 C  CB    . GLU A 1 125 ? -8.057  -13.362 -13.473 1.00 50.99 ? 216  GLU A CB    1 
ATOM   1034 C  CG    . GLU A 1 125 ? -9.111  -13.097 -14.528 1.00 63.63 ? 216  GLU A CG    1 
ATOM   1035 C  CD    . GLU A 1 125 ? -10.528 -13.064 -13.962 1.00 69.93 ? 216  GLU A CD    1 
ATOM   1036 O  OE1   . GLU A 1 125 ? -10.731 -13.434 -12.778 1.00 60.96 ? 216  GLU A OE1   1 
ATOM   1037 O  OE2   . GLU A 1 125 ? -11.446 -12.657 -14.709 1.00 76.64 ? 216  GLU A OE2   1 
ATOM   1038 N  N     . ARG A 1 126 ? -5.792  -15.485 -14.133 1.00 59.17 ? 217  ARG A N     1 
ATOM   1039 C  CA    . ARG A 1 126 ? -4.970  -16.007 -15.220 1.00 53.77 ? 217  ARG A CA    1 
ATOM   1040 C  C     . ARG A 1 126 ? -4.362  -17.367 -14.917 1.00 59.47 ? 217  ARG A C     1 
ATOM   1041 O  O     . ARG A 1 126 ? -3.825  -18.018 -15.813 1.00 58.44 ? 217  ARG A O     1 
ATOM   1042 C  CB    . ARG A 1 126 ? -3.845  -15.031 -15.558 1.00 54.68 ? 217  ARG A CB    1 
ATOM   1043 C  CG    . ARG A 1 126 ? -4.287  -13.794 -16.314 1.00 57.96 ? 217  ARG A CG    1 
ATOM   1044 C  CD    . ARG A 1 126 ? -3.078  -12.938 -16.654 1.00 61.10 ? 217  ARG A CD    1 
ATOM   1045 N  NE    . ARG A 1 126 ? -2.017  -13.706 -17.303 1.00 58.71 ? 217  ARG A NE    1 
ATOM   1046 C  CZ    . ARG A 1 126 ? -1.724  -13.628 -18.597 1.00 62.02 ? 217  ARG A CZ    1 
ATOM   1047 N  NH1   . ARG A 1 126 ? -2.410  -12.809 -19.383 1.00 59.84 ? 217  ARG A NH1   1 
ATOM   1048 N  NH2   . ARG A 1 126 ? -0.739  -14.360 -19.106 1.00 70.06 ? 217  ARG A NH2   1 
ATOM   1049 N  N     . ASP A 1 127 ? -4.451  -17.798 -13.662 1.00 62.52 ? 218  ASP A N     1 
ATOM   1050 C  CA    . ASP A 1 127 ? -3.726  -18.985 -13.216 1.00 58.63 ? 218  ASP A CA    1 
ATOM   1051 C  C     . ASP A 1 127 ? -4.315  -19.547 -11.921 1.00 67.42 ? 218  ASP A C     1 
ATOM   1052 O  O     . ASP A 1 127 ? -3.688  -19.444 -10.860 1.00 68.58 ? 218  ASP A O     1 
ATOM   1053 C  CB    . ASP A 1 127 ? -2.245  -18.619 -13.021 1.00 67.49 ? 218  ASP A CB    1 
ATOM   1054 C  CG    . ASP A 1 127 ? -1.402  -19.784 -12.527 1.00 72.82 ? 218  ASP A CG    1 
ATOM   1055 O  OD1   . ASP A 1 127 ? -1.728  -20.947 -12.849 1.00 76.01 ? 218  ASP A OD1   1 
ATOM   1056 O  OD2   . ASP A 1 127 ? -0.415  -19.527 -11.803 1.00 67.82 ? 218  ASP A OD2   1 
ATOM   1057 N  N     . PRO A 1 128 ? -5.528  -20.131 -12.002 1.00 63.11 ? 219  PRO A N     1 
ATOM   1058 C  CA    . PRO A 1 128 ? -6.192  -20.736 -10.837 1.00 65.20 ? 219  PRO A CA    1 
ATOM   1059 C  C     . PRO A 1 128 ? -5.274  -21.663 -10.032 1.00 69.05 ? 219  PRO A C     1 
ATOM   1060 O  O     . PRO A 1 128 ? -5.204  -21.532 -8.810  1.00 71.32 ? 219  PRO A O     1 
ATOM   1061 C  CB    . PRO A 1 128 ? -7.325  -21.549 -11.470 1.00 63.58 ? 219  PRO A CB    1 
ATOM   1062 C  CG    . PRO A 1 128 ? -7.651  -20.812 -12.717 1.00 60.77 ? 219  PRO A CG    1 
ATOM   1063 C  CD    . PRO A 1 128 ? -6.342  -20.259 -13.224 1.00 63.32 ? 219  PRO A CD    1 
ATOM   1064 N  N     . GLN A 1 129 ? -4.555  -22.555 -10.713 1.00 73.94 ? 220  GLN A N     1 
ATOM   1065 C  CA    . GLN A 1 129 ? -3.700  -23.553 -10.055 1.00 70.36 ? 220  GLN A CA    1 
ATOM   1066 C  C     . GLN A 1 129 ? -2.667  -22.984 -9.067  1.00 78.95 ? 220  GLN A C     1 
ATOM   1067 O  O     . GLN A 1 129 ? -1.989  -23.744 -8.363  1.00 79.50 ? 220  GLN A O     1 
ATOM   1068 C  CB    . GLN A 1 129 ? -2.995  -24.422 -11.105 1.00 67.85 ? 220  GLN A CB    1 
ATOM   1069 N  N     . SER A 1 130 ? -2.544  -21.657 -9.026  1.00 76.67 ? 221  SER A N     1 
ATOM   1070 C  CA    . SER A 1 130 ? -1.651  -20.972 -8.089  1.00 69.38 ? 221  SER A CA    1 
ATOM   1071 C  C     . SER A 1 130 ? -2.173  -21.051 -6.657  1.00 73.10 ? 221  SER A C     1 
ATOM   1072 O  O     . SER A 1 130 ? -1.389  -21.039 -5.706  1.00 67.61 ? 221  SER A O     1 
ATOM   1073 C  CB    . SER A 1 130 ? -1.512  -19.498 -8.485  1.00 70.23 ? 221  SER A CB    1 
ATOM   1074 O  OG    . SER A 1 130 ? -2.795  -18.876 -8.604  1.00 67.83 ? 221  SER A OG    1 
ATOM   1075 N  N     . GLY A 1 131 ? -3.501  -21.118 -6.521  1.00 69.41 ? 222  GLY A N     1 
ATOM   1076 C  CA    . GLY A 1 131 ? -4.152  -21.123 -5.222  1.00 56.38 ? 222  GLY A CA    1 
ATOM   1077 C  C     . GLY A 1 131 ? -4.550  -19.730 -4.767  1.00 61.86 ? 222  GLY A C     1 
ATOM   1078 O  O     . GLY A 1 131 ? -5.350  -19.556 -3.844  1.00 62.70 ? 222  GLY A O     1 
ATOM   1079 N  N     . ILE A 1 132 ? -3.979  -18.731 -5.428  1.00 61.30 ? 223  ILE A N     1 
ATOM   1080 C  CA    . ILE A 1 132 ? -4.224  -17.336 -5.109  1.00 52.19 ? 223  ILE A CA    1 
ATOM   1081 C  C     . ILE A 1 132 ? -5.327  -16.801 -6.020  1.00 51.64 ? 223  ILE A C     1 
ATOM   1082 O  O     . ILE A 1 132 ? -5.287  -17.025 -7.232  1.00 51.75 ? 223  ILE A O     1 
ATOM   1083 C  CB    . ILE A 1 132 ? -2.919  -16.513 -5.284  1.00 51.67 ? 223  ILE A CB    1 
ATOM   1084 C  CG1   . ILE A 1 132 ? -2.045  -16.633 -4.029  1.00 58.41 ? 223  ILE A CG1   1 
ATOM   1085 C  CG2   . ILE A 1 132 ? -3.207  -15.055 -5.588  1.00 41.47 ? 223  ILE A CG2   1 
ATOM   1086 C  CD1   . ILE A 1 132 ? -2.506  -15.786 -2.860  1.00 50.41 ? 223  ILE A CD1   1 
ATOM   1087 N  N     . TYR A 1 133 ? -6.302  -16.105 -5.434  1.00 43.18 ? 224  TYR A N     1 
ATOM   1088 C  CA    . TYR A 1 133 ? -7.406  -15.521 -6.197  1.00 43.02 ? 224  TYR A CA    1 
ATOM   1089 C  C     . TYR A 1 133 ? -8.227  -14.579 -5.293  1.00 46.34 ? 224  TYR A C     1 
ATOM   1090 O  O     . TYR A 1 133 ? -8.199  -14.696 -4.068  1.00 35.67 ? 224  TYR A O     1 
ATOM   1091 C  CB    . TYR A 1 133 ? -8.313  -16.626 -6.755  1.00 41.21 ? 224  TYR A CB    1 
ATOM   1092 C  CG    . TYR A 1 133 ? -9.142  -17.277 -5.667  1.00 45.89 ? 224  TYR A CG    1 
ATOM   1093 C  CD1   . TYR A 1 133 ? -8.591  -18.241 -4.836  1.00 47.85 ? 224  TYR A CD1   1 
ATOM   1094 C  CD2   . TYR A 1 133 ? -10.465 -16.903 -5.453  1.00 46.04 ? 224  TYR A CD2   1 
ATOM   1095 C  CE1   . TYR A 1 133 ? -9.333  -18.826 -3.820  1.00 56.03 ? 224  TYR A CE1   1 
ATOM   1096 C  CE2   . TYR A 1 133 ? -11.222 -17.483 -4.441  1.00 52.80 ? 224  TYR A CE2   1 
ATOM   1097 C  CZ    . TYR A 1 133 ? -10.647 -18.446 -3.625  1.00 60.46 ? 224  TYR A CZ    1 
ATOM   1098 O  OH    . TYR A 1 133 ? -11.376 -19.033 -2.611  1.00 63.42 ? 224  TYR A OH    1 
ATOM   1099 N  N     . LEU A 1 134 ? -8.961  -13.656 -5.905  1.00 38.78 ? 225  LEU A N     1 
ATOM   1100 C  CA    . LEU A 1 134 ? -9.782  -12.716 -5.168  1.00 40.26 ? 225  LEU A CA    1 
ATOM   1101 C  C     . LEU A 1 134 ? -11.260 -13.088 -5.320  1.00 44.13 ? 225  LEU A C     1 
ATOM   1102 O  O     . LEU A 1 134 ? -11.823 -12.944 -6.399  1.00 40.96 ? 225  LEU A O     1 
ATOM   1103 C  CB    . LEU A 1 134 ? -9.548  -11.289 -5.684  1.00 37.35 ? 225  LEU A CB    1 
ATOM   1104 C  CG    . LEU A 1 134 ? -10.186 -10.143 -4.890  1.00 38.02 ? 225  LEU A CG    1 
ATOM   1105 C  CD1   . LEU A 1 134 ? -9.650  -10.114 -3.449  1.00 39.09 ? 225  LEU A CD1   1 
ATOM   1106 C  CD2   . LEU A 1 134 ? -9.959  -8.801  -5.578  1.00 34.61 ? 225  LEU A CD2   1 
ATOM   1107 N  N     . GLN A 1 135 ? -11.869 -13.564 -4.233  1.00 47.71 ? 226  GLN A N     1 
ATOM   1108 C  CA    . GLN A 1 135 ? -13.285 -13.934 -4.188  1.00 46.47 ? 226  GLN A CA    1 
ATOM   1109 C  C     . GLN A 1 135 ? -14.213 -12.891 -4.788  1.00 42.31 ? 226  GLN A C     1 
ATOM   1110 O  O     . GLN A 1 135 ? -14.002 -11.690 -4.615  1.00 42.41 ? 226  GLN A O     1 
ATOM   1111 C  CB    . GLN A 1 135 ? -13.734 -14.117 -2.745  1.00 44.74 ? 226  GLN A CB    1 
ATOM   1112 C  CG    . GLN A 1 135 ? -13.216 -15.333 -2.057  1.00 57.64 ? 226  GLN A CG    1 
ATOM   1113 C  CD    . GLN A 1 135 ? -13.792 -15.449 -0.664  1.00 66.18 ? 226  GLN A CD    1 
ATOM   1114 O  OE1   . GLN A 1 135 ? -14.789 -14.793 -0.339  1.00 64.69 ? 226  GLN A OE1   1 
ATOM   1115 N  NE2   . GLN A 1 135 ? -13.168 -16.274 0.172   1.00 66.09 ? 226  GLN A NE2   1 
ATOM   1116 N  N     . ARG A 1 136 ? -15.263 -13.372 -5.450  1.00 44.93 ? 227  ARG A N     1 
ATOM   1117 C  CA    . ARG A 1 136 ? -16.303 -12.518 -6.024  1.00 43.44 ? 227  ARG A CA    1 
ATOM   1118 C  C     . ARG A 1 136 ? -16.783 -11.444 -5.050  1.00 40.65 ? 227  ARG A C     1 
ATOM   1119 O  O     . ARG A 1 136 ? -16.816 -10.259 -5.390  1.00 44.04 ? 227  ARG A O     1 
ATOM   1120 C  CB    . ARG A 1 136 ? -17.485 -13.362 -6.501  1.00 39.84 ? 227  ARG A CB    1 
ATOM   1121 C  CG    . ARG A 1 136 ? -17.280 -14.026 -7.851  1.00 39.80 ? 227  ARG A CG    1 
ATOM   1122 C  CD    . ARG A 1 136 ? -18.422 -14.979 -8.147  1.00 39.96 ? 227  ARG A CD    1 
ATOM   1123 N  NE    . ARG A 1 136 ? -18.470 -15.356 -9.550  1.00 49.80 ? 227  ARG A NE    1 
ATOM   1124 C  CZ    . ARG A 1 136 ? -19.480 -16.016 -10.115 1.00 47.14 ? 227  ARG A CZ    1 
ATOM   1125 N  NH1   . ARG A 1 136 ? -20.531 -16.369 -9.396  1.00 47.35 ? 227  ARG A NH1   1 
ATOM   1126 N  NH2   . ARG A 1 136 ? -19.437 -16.321 -11.401 1.00 43.56 ? 227  ARG A NH2   1 
ATOM   1127 N  N     . GLY A 1 137 ? -17.132 -11.852 -3.836  1.00 32.13 ? 228  GLY A N     1 
ATOM   1128 C  CA    . GLY A 1 137 ? -17.557 -10.889 -2.842  1.00 35.02 ? 228  GLY A CA    1 
ATOM   1129 C  C     . GLY A 1 137 ? -16.505 -9.819  -2.591  1.00 45.60 ? 228  GLY A C     1 
ATOM   1130 O  O     . GLY A 1 137 ? -16.842 -8.655  -2.369  1.00 43.92 ? 228  GLY A O     1 
ATOM   1131 N  N     . LEU A 1 138 ? -15.226 -10.197 -2.642  1.00 45.59 ? 229  LEU A N     1 
ATOM   1132 C  CA    . LEU A 1 138 ? -14.161 -9.242  -2.332  1.00 43.13 ? 229  LEU A CA    1 
ATOM   1133 C  C     . LEU A 1 138 ? -13.837 -8.334  -3.498  1.00 41.40 ? 229  LEU A C     1 
ATOM   1134 O  O     . LEU A 1 138 ? -13.481 -7.172  -3.300  1.00 42.77 ? 229  LEU A O     1 
ATOM   1135 C  CB    . LEU A 1 138 ? -12.905 -9.943  -1.828  1.00 47.61 ? 229  LEU A CB    1 
ATOM   1136 C  CG    . LEU A 1 138 ? -13.115 -10.571 -0.458  1.00 48.34 ? 229  LEU A CG    1 
ATOM   1137 C  CD1   . LEU A 1 138 ? -11.803 -11.112 0.031   1.00 47.83 ? 229  LEU A CD1   1 
ATOM   1138 C  CD2   . LEU A 1 138 ? -13.717 -9.564  0.523   1.00 43.97 ? 229  LEU A CD2   1 
ATOM   1139 N  N     . ILE A 1 139 ? -13.968 -8.864  -4.708  1.00 35.40 ? 230  ILE A N     1 
ATOM   1140 C  CA    . ILE A 1 139 ? -13.878 -8.044  -5.899  1.00 38.04 ? 230  ILE A CA    1 
ATOM   1141 C  C     . ILE A 1 139 ? -14.894 -6.906  -5.805  1.00 45.10 ? 230  ILE A C     1 
ATOM   1142 O  O     . ILE A 1 139 ? -14.595 -5.763  -6.157  1.00 42.85 ? 230  ILE A O     1 
ATOM   1143 C  CB    . ILE A 1 139 ? -14.173 -8.863  -7.154  1.00 43.05 ? 230  ILE A CB    1 
ATOM   1144 C  CG1   . ILE A 1 139 ? -13.221 -10.061 -7.253  1.00 43.78 ? 230  ILE A CG1   1 
ATOM   1145 C  CG2   . ILE A 1 139 ? -14.094 -7.988  -8.386  1.00 37.13 ? 230  ILE A CG2   1 
ATOM   1146 C  CD1   . ILE A 1 139 ? -13.425 -10.905 -8.520  1.00 39.34 ? 230  ILE A CD1   1 
ATOM   1147 N  N     . ILE A 1 140 ? -16.090 -7.221  -5.311  1.00 40.75 ? 231  ILE A N     1 
ATOM   1148 C  CA    . ILE A 1 140 ? -17.146 -6.223  -5.212  1.00 39.11 ? 231  ILE A CA    1 
ATOM   1149 C  C     . ILE A 1 140 ? -16.764 -5.148  -4.194  1.00 38.35 ? 231  ILE A C     1 
ATOM   1150 O  O     . ILE A 1 140 ? -16.869 -3.951  -4.460  1.00 35.54 ? 231  ILE A O     1 
ATOM   1151 C  CB    . ILE A 1 140 ? -18.514 -6.859  -4.829  1.00 40.72 ? 231  ILE A CB    1 
ATOM   1152 C  CG1   . ILE A 1 140 ? -19.025 -7.786  -5.948  1.00 35.75 ? 231  ILE A CG1   1 
ATOM   1153 C  CG2   . ILE A 1 140 ? -19.531 -5.777  -4.460  1.00 36.17 ? 231  ILE A CG2   1 
ATOM   1154 C  CD1   . ILE A 1 140 ? -19.385 -7.087  -7.257  1.00 32.54 ? 231  ILE A CD1   1 
ATOM   1155 N  N     . PHE A 1 141 ? -16.309 -5.568  -3.024  1.00 37.73 ? 232  PHE A N     1 
ATOM   1156 C  CA    . PHE A 1 141 ? -15.958 -4.582  -2.012  1.00 43.42 ? 232  PHE A CA    1 
ATOM   1157 C  C     . PHE A 1 141 ? -14.717 -3.765  -2.394  1.00 48.49 ? 232  PHE A C     1 
ATOM   1158 O  O     . PHE A 1 141 ? -14.675 -2.559  -2.155  1.00 46.09 ? 232  PHE A O     1 
ATOM   1159 C  CB    . PHE A 1 141 ? -15.883 -5.222  -0.628  1.00 47.43 ? 232  PHE A CB    1 
ATOM   1160 C  CG    . PHE A 1 141 ? -17.216 -5.747  -0.156  1.00 57.97 ? 232  PHE A CG    1 
ATOM   1161 C  CD1   . PHE A 1 141 ? -18.300 -4.882  -0.008  1.00 53.86 ? 232  PHE A CD1   1 
ATOM   1162 C  CD2   . PHE A 1 141 ? -17.403 -7.095  0.112   1.00 58.28 ? 232  PHE A CD2   1 
ATOM   1163 C  CE1   . PHE A 1 141 ? -19.541 -5.355  0.411   1.00 46.51 ? 232  PHE A CE1   1 
ATOM   1164 C  CE2   . PHE A 1 141 ? -18.646 -7.572  0.528   1.00 53.36 ? 232  PHE A CE2   1 
ATOM   1165 C  CZ    . PHE A 1 141 ? -19.711 -6.701  0.674   1.00 49.58 ? 232  PHE A CZ    1 
ATOM   1166 N  N     . ALA A 1 142 ? -13.747 -4.414  -3.035  1.00 39.38 ? 233  ALA A N     1 
ATOM   1167 C  CA    . ALA A 1 142 ? -12.595 -3.720  -3.596  1.00 45.89 ? 233  ALA A CA    1 
ATOM   1168 C  C     . ALA A 1 142 ? -13.045 -2.653  -4.601  1.00 47.33 ? 233  ALA A C     1 
ATOM   1169 O  O     . ALA A 1 142 ? -12.586 -1.508  -4.558  1.00 47.69 ? 233  ALA A O     1 
ATOM   1170 C  CB    . ALA A 1 142 ? -11.629 -4.724  -4.266  1.00 35.44 ? 233  ALA A CB    1 
ATOM   1171 N  N     . LEU A 1 143 ? -13.948 -3.032  -5.502  1.00 46.10 ? 234  LEU A N     1 
ATOM   1172 C  CA    . LEU A 1 143 ? -14.473 -2.097  -6.490  1.00 42.34 ? 234  LEU A CA    1 
ATOM   1173 C  C     . LEU A 1 143 ? -15.141 -0.901  -5.822  1.00 42.06 ? 234  LEU A C     1 
ATOM   1174 O  O     . LEU A 1 143 ? -15.038 0.222   -6.294  1.00 47.66 ? 234  LEU A O     1 
ATOM   1175 C  CB    . LEU A 1 143 ? -15.454 -2.798  -7.432  1.00 38.74 ? 234  LEU A CB    1 
ATOM   1176 C  CG    . LEU A 1 143 ? -14.797 -3.684  -8.481  1.00 42.36 ? 234  LEU A CG    1 
ATOM   1177 C  CD1   . LEU A 1 143 ? -15.837 -4.451  -9.288  1.00 35.87 ? 234  LEU A CD1   1 
ATOM   1178 C  CD2   . LEU A 1 143 ? -13.893 -2.847  -9.403  1.00 43.68 ? 234  LEU A CD2   1 
ATOM   1179 N  N     . ILE A 1 144 ? -15.822 -1.146  -4.714  1.00 43.72 ? 235  ILE A N     1 
ATOM   1180 C  CA    . ILE A 1 144 ? -16.537 -0.078  -4.029  1.00 46.72 ? 235  ILE A CA    1 
ATOM   1181 C  C     . ILE A 1 144 ? -15.563 0.924   -3.401  1.00 50.95 ? 235  ILE A C     1 
ATOM   1182 O  O     . ILE A 1 144 ? -15.802 2.137   -3.412  1.00 46.93 ? 235  ILE A O     1 
ATOM   1183 C  CB    . ILE A 1 144 ? -17.531 -0.646  -2.982  1.00 45.23 ? 235  ILE A CB    1 
ATOM   1184 C  CG1   . ILE A 1 144 ? -18.702 -1.340  -3.700  1.00 46.07 ? 235  ILE A CG1   1 
ATOM   1185 C  CG2   . ILE A 1 144 ? -18.042 0.452   -2.048  1.00 39.62 ? 235  ILE A CG2   1 
ATOM   1186 C  CD1   . ILE A 1 144 ? -19.829 -1.773  -2.765  1.00 40.70 ? 235  ILE A CD1   1 
ATOM   1187 N  N     . TRP A 1 145 ? -14.454 0.420   -2.871  1.00 55.17 ? 236  TRP A N     1 
ATOM   1188 C  CA    . TRP A 1 145 ? -13.450 1.306   -2.286  1.00 50.85 ? 236  TRP A CA    1 
ATOM   1189 C  C     . TRP A 1 145 ? -12.631 2.044   -3.331  1.00 42.53 ? 236  TRP A C     1 
ATOM   1190 O  O     . TRP A 1 145 ? -12.289 3.203   -3.145  1.00 48.43 ? 236  TRP A O     1 
ATOM   1191 C  CB    . TRP A 1 145 ? -12.594 0.574   -1.275  1.00 46.05 ? 236  TRP A CB    1 
ATOM   1192 C  CG    . TRP A 1 145 ? -13.321 0.448   0.000   1.00 53.91 ? 236  TRP A CG    1 
ATOM   1193 C  CD1   . TRP A 1 145 ? -13.904 -0.678  0.509   1.00 53.44 ? 236  TRP A CD1   1 
ATOM   1194 C  CD2   . TRP A 1 145 ? -13.610 1.505   0.927   1.00 59.45 ? 236  TRP A CD2   1 
ATOM   1195 N  NE1   . TRP A 1 145 ? -14.517 -0.391  1.707   1.00 57.15 ? 236  TRP A NE1   1 
ATOM   1196 C  CE2   . TRP A 1 145 ? -14.350 0.943   1.987   1.00 56.95 ? 236  TRP A CE2   1 
ATOM   1197 C  CE3   . TRP A 1 145 ? -13.302 2.872   0.972   1.00 60.45 ? 236  TRP A CE3   1 
ATOM   1198 C  CZ2   . TRP A 1 145 ? -14.788 1.697   3.078   1.00 60.37 ? 236  TRP A CZ2   1 
ATOM   1199 C  CZ3   . TRP A 1 145 ? -13.735 3.621   2.060   1.00 57.06 ? 236  TRP A CZ3   1 
ATOM   1200 C  CH2   . TRP A 1 145 ? -14.468 3.031   3.096   1.00 60.59 ? 236  TRP A CH2   1 
ATOM   1201 N  N     . ILE A 1 146 ? -12.379 1.388   -4.454  1.00 46.45 ? 237  ILE A N     1 
ATOM   1202 C  CA    . ILE A 1 146 ? -11.785 2.044   -5.609  1.00 42.80 ? 237  ILE A CA    1 
ATOM   1203 C  C     . ILE A 1 146 ? -12.650 3.199   -6.137  1.00 56.47 ? 237  ILE A C     1 
ATOM   1204 O  O     . ILE A 1 146 ? -12.126 4.245   -6.546  1.00 57.77 ? 237  ILE A O     1 
ATOM   1205 C  CB    . ILE A 1 146 ? -11.556 1.037   -6.735  1.00 45.40 ? 237  ILE A CB    1 
ATOM   1206 C  CG1   . ILE A 1 146 ? -10.454 0.046   -6.346  1.00 47.60 ? 237  ILE A CG1   1 
ATOM   1207 C  CG2   . ILE A 1 146 ? -11.213 1.734   -8.037  1.00 40.56 ? 237  ILE A CG2   1 
ATOM   1208 C  CD1   . ILE A 1 146 ? -10.174 -0.975  -7.433  1.00 52.69 ? 237  ILE A CD1   1 
ATOM   1209 N  N     . VAL A 1 147 ? -13.970 3.010   -6.134  1.00 50.07 ? 238  VAL A N     1 
ATOM   1210 C  CA    . VAL A 1 147 ? -14.881 4.047   -6.612  1.00 46.24 ? 238  VAL A CA    1 
ATOM   1211 C  C     . VAL A 1 147 ? -14.872 5.213   -5.628  1.00 41.63 ? 238  VAL A C     1 
ATOM   1212 O  O     . VAL A 1 147 ? -14.875 6.378   -6.018  1.00 48.38 ? 238  VAL A O     1 
ATOM   1213 C  CB    . VAL A 1 147 ? -16.332 3.504   -6.796  1.00 49.25 ? 238  VAL A CB    1 
ATOM   1214 C  CG1   . VAL A 1 147 ? -17.291 4.627   -7.168  1.00 45.64 ? 238  VAL A CG1   1 
ATOM   1215 C  CG2   . VAL A 1 147 ? -16.366 2.433   -7.868  1.00 50.88 ? 238  VAL A CG2   1 
ATOM   1216 N  N     . ALA A 1 148 ? -14.853 4.878   -4.348  1.00 40.76 ? 239  ALA A N     1 
ATOM   1217 C  CA    . ALA A 1 148 ? -14.816 5.863   -3.283  1.00 47.48 ? 239  ALA A CA    1 
ATOM   1218 C  C     . ALA A 1 148 ? -13.625 6.796   -3.474  1.00 62.13 ? 239  ALA A C     1 
ATOM   1219 O  O     . ALA A 1 148 ? -13.736 8.008   -3.296  1.00 62.63 ? 239  ALA A O     1 
ATOM   1220 C  CB    . ALA A 1 148 ? -14.716 5.165   -1.945  1.00 48.23 ? 239  ALA A CB    1 
ATOM   1221 N  N     . GLY A 1 149 ? -12.487 6.214   -3.847  1.00 58.30 ? 240  GLY A N     1 
ATOM   1222 C  CA    . GLY A 1 149 ? -11.279 6.978   -4.083  1.00 55.89 ? 240  GLY A CA    1 
ATOM   1223 C  C     . GLY A 1 149 ? -11.323 7.746   -5.384  1.00 56.47 ? 240  GLY A C     1 
ATOM   1224 O  O     . GLY A 1 149 ? -10.944 8.908   -5.437  1.00 64.88 ? 240  GLY A O     1 
ATOM   1225 N  N     . TRP A 1 150 ? -11.790 7.101   -6.441  1.00 53.85 ? 241  TRP A N     1 
ATOM   1226 C  CA    . TRP A 1 150 ? -11.871 7.757   -7.739  1.00 55.48 ? 241  TRP A CA    1 
ATOM   1227 C  C     . TRP A 1 150 ? -12.697 9.061   -7.716  1.00 57.84 ? 241  TRP A C     1 
ATOM   1228 O  O     . TRP A 1 150 ? -12.274 10.072  -8.274  1.00 62.38 ? 241  TRP A O     1 
ATOM   1229 C  CB    . TRP A 1 150 ? -12.421 6.783   -8.770  1.00 49.85 ? 241  TRP A CB    1 
ATOM   1230 C  CG    . TRP A 1 150 ? -12.223 7.207   -10.163 1.00 56.24 ? 241  TRP A CG    1 
ATOM   1231 C  CD1   . TRP A 1 150 ? -13.158 7.749   -10.999 1.00 58.10 ? 241  TRP A CD1   1 
ATOM   1232 C  CD2   . TRP A 1 150 ? -11.015 7.113   -10.917 1.00 65.75 ? 241  TRP A CD2   1 
ATOM   1233 N  NE1   . TRP A 1 150 ? -12.603 8.001   -12.227 1.00 54.22 ? 241  TRP A NE1   1 
ATOM   1234 C  CE2   . TRP A 1 150 ? -11.285 7.624   -12.203 1.00 66.12 ? 241  TRP A CE2   1 
ATOM   1235 C  CE3   . TRP A 1 150 ? -9.724  6.656   -10.628 1.00 67.85 ? 241  TRP A CE3   1 
ATOM   1236 C  CZ2   . TRP A 1 150 ? -10.310 7.689   -13.201 1.00 70.15 ? 241  TRP A CZ2   1 
ATOM   1237 C  CZ3   . TRP A 1 150 ? -8.756  6.723   -11.622 1.00 65.73 ? 241  TRP A CZ3   1 
ATOM   1238 C  CH2   . TRP A 1 150 ? -9.057  7.232   -12.892 1.00 64.13 ? 241  TRP A CH2   1 
ATOM   1239 N  N     . PHE A 1 151 ? -13.856 9.046   -7.060  1.00 56.97 ? 242  PHE A N     1 
ATOM   1240 C  CA    . PHE A 1 151 ? -14.759 10.202  -7.073  1.00 53.94 ? 242  PHE A CA    1 
ATOM   1241 C  C     . PHE A 1 151 ? -14.767 10.959  -5.752  1.00 57.66 ? 242  PHE A C     1 
ATOM   1242 O  O     . PHE A 1 151 ? -15.685 11.734  -5.484  1.00 63.53 ? 242  PHE A O     1 
ATOM   1243 C  CB    . PHE A 1 151 ? -16.190 9.770   -7.423  1.00 49.08 ? 242  PHE A CB    1 
ATOM   1244 C  CG    . PHE A 1 151 ? -16.309 9.086   -8.750  1.00 43.38 ? 242  PHE A CG    1 
ATOM   1245 C  CD1   . PHE A 1 151 ? -16.476 9.822   -9.908  1.00 42.12 ? 242  PHE A CD1   1 
ATOM   1246 C  CD2   . PHE A 1 151 ? -16.244 7.701   -8.840  1.00 45.04 ? 242  PHE A CD2   1 
ATOM   1247 C  CE1   . PHE A 1 151 ? -16.581 9.199   -11.143 1.00 47.01 ? 242  PHE A CE1   1 
ATOM   1248 C  CE2   . PHE A 1 151 ? -16.351 7.063   -10.074 1.00 45.42 ? 242  PHE A CE2   1 
ATOM   1249 C  CZ    . PHE A 1 151 ? -16.522 7.815   -11.227 1.00 49.49 ? 242  PHE A CZ    1 
ATOM   1250 N  N     . ASP A 1 152 ? -13.765 10.704  -4.919  1.00 56.83 ? 243  ASP A N     1 
ATOM   1251 C  CA    . ASP A 1 152 ? -13.576 11.449  -3.672  1.00 65.30 ? 243  ASP A CA    1 
ATOM   1252 C  C     . ASP A 1 152 ? -14.720 11.385  -2.660  1.00 67.31 ? 243  ASP A C     1 
ATOM   1253 O  O     . ASP A 1 152 ? -14.961 12.358  -1.942  1.00 70.76 ? 243  ASP A O     1 
ATOM   1254 C  CB    . ASP A 1 152 ? -13.257 12.917  -3.974  1.00 67.57 ? 243  ASP A CB    1 
ATOM   1255 C  CG    . ASP A 1 152 ? -11.831 13.114  -4.426  1.00 63.52 ? 243  ASP A CG    1 
ATOM   1256 O  OD1   . ASP A 1 152 ? -10.953 13.213  -3.546  1.00 70.86 ? 243  ASP A OD1   1 
ATOM   1257 O  OD2   . ASP A 1 152 ? -11.590 13.161  -5.654  1.00 67.71 ? 243  ASP A OD2   1 
ATOM   1258 N  N     . LEU A 1 153 ? -15.402 10.248  -2.575  1.00 64.25 ? 244  LEU A N     1 
ATOM   1259 C  CA    . LEU A 1 153 ? -16.538 10.117  -1.664  1.00 64.67 ? 244  LEU A CA    1 
ATOM   1260 C  C     . LEU A 1 153 ? -16.118 10.105  -0.193  1.00 62.41 ? 244  LEU A C     1 
ATOM   1261 O  O     . LEU A 1 153 ? -14.985 10.444  0.151   1.00 65.64 ? 244  LEU A O     1 
ATOM   1262 C  CB    . LEU A 1 153 ? -17.345 8.856   -1.984  1.00 59.68 ? 244  LEU A CB    1 
ATOM   1263 C  CG    . LEU A 1 153 ? -17.759 8.651   -3.443  1.00 52.80 ? 244  LEU A CG    1 
ATOM   1264 C  CD1   . LEU A 1 153 ? -18.733 7.497   -3.539  1.00 48.68 ? 244  LEU A CD1   1 
ATOM   1265 C  CD2   . LEU A 1 153 ? -18.366 9.910   -4.020  1.00 57.32 ? 244  LEU A CD2   1 
ATOM   1266 N  N     . GLY A 1 155 ? -12.118 11.959  0.597   1.00 59.52 ? 246  GLY A N     1 
ATOM   1267 C  CA    . GLY A 1 155 ? -11.008 12.583  1.296   1.00 61.03 ? 246  GLY A CA    1 
ATOM   1268 C  C     . GLY A 1 155 ? -9.925  11.586  1.662   1.00 61.68 ? 246  GLY A C     1 
ATOM   1269 O  O     . GLY A 1 155 ? -10.030 10.875  2.665   1.00 62.76 ? 246  GLY A O     1 
ATOM   1270 N  N     . MET A 1 156 ? -8.886  11.525  0.834   1.00 61.09 ? 247  MET A N     1 
ATOM   1271 C  CA    . MET A 1 156 ? -7.779  10.593  1.039   1.00 60.97 ? 247  MET A CA    1 
ATOM   1272 C  C     . MET A 1 156 ? -6.446  11.289  0.781   1.00 62.96 ? 247  MET A C     1 
ATOM   1273 O  O     . MET A 1 156 ? -6.394  12.332  0.123   1.00 58.14 ? 247  MET A O     1 
ATOM   1274 C  CB    . MET A 1 156 ? -7.909  9.381   0.110   1.00 63.83 ? 247  MET A CB    1 
ATOM   1275 C  CG    . MET A 1 156 ? -9.142  8.526   0.353   1.00 64.32 ? 247  MET A CG    1 
ATOM   1276 S  SD    . MET A 1 156 ? -9.283  7.149   -0.811  1.00 69.05 ? 247  MET A SD    1 
ATOM   1277 C  CE    . MET A 1 156 ? -10.849 6.427   -0.281  1.00 64.72 ? 247  MET A CE    1 
ATOM   1278 N  N     . SER A 1 157 ? -5.366  10.704  1.291   1.00 58.76 ? 248  SER A N     1 
ATOM   1279 C  CA    . SER A 1 157 ? -4.042  11.297  1.135   1.00 60.49 ? 248  SER A CA    1 
ATOM   1280 C  C     . SER A 1 157 ? -3.573  11.300  -0.327  1.00 60.72 ? 248  SER A C     1 
ATOM   1281 O  O     . SER A 1 157 ? -3.240  12.350  -0.879  1.00 60.81 ? 248  SER A O     1 
ATOM   1282 C  CB    . SER A 1 157 ? -3.024  10.578  2.023   1.00 52.91 ? 248  SER A CB    1 
ATOM   1283 O  OG    . SER A 1 157 ? -1.834  11.337  2.123   1.00 53.89 ? 248  SER A OG    1 
ATOM   1284 N  N     . MET A 1 158 ? -3.560  10.126  -0.949  1.00 60.04 ? 249  MET A N     1 
ATOM   1285 C  CA    . MET A 1 158 ? -3.095  9.986   -2.327  1.00 57.86 ? 249  MET A CA    1 
ATOM   1286 C  C     . MET A 1 158 ? -4.217  10.168  -3.362  1.00 50.89 ? 249  MET A C     1 
ATOM   1287 O  O     . MET A 1 158 ? -5.388  9.926   -3.075  1.00 60.26 ? 249  MET A O     1 
ATOM   1288 C  CB    . MET A 1 158 ? -2.406  8.626   -2.514  1.00 58.85 ? 249  MET A CB    1 
ATOM   1289 C  CG    . MET A 1 158 ? -1.478  8.220   -1.360  1.00 47.54 ? 249  MET A CG    1 
ATOM   1290 S  SD    . MET A 1 158 ? -0.769  6.587   -1.653  1.00 53.21 ? 249  MET A SD    1 
ATOM   1291 C  CE    . MET A 1 158 ? 0.554   6.971   -2.808  1.00 43.76 ? 249  MET A CE    1 
ATOM   1292 N  N     . ALA A 1 159 ? -3.837  10.593  -4.564  1.00 50.73 ? 250  ALA A N     1 
ATOM   1293 C  CA    . ALA A 1 159 ? -4.768  10.837  -5.661  1.00 46.36 ? 250  ALA A CA    1 
ATOM   1294 C  C     . ALA A 1 159 ? -4.941  9.595   -6.536  1.00 45.40 ? 250  ALA A C     1 
ATOM   1295 O  O     . ALA A 1 159 ? -4.236  8.598   -6.368  1.00 42.63 ? 250  ALA A O     1 
ATOM   1296 C  CB    . ALA A 1 159 ? -4.287  12.009  -6.503  1.00 36.77 ? 250  ALA A CB    1 
ATOM   1297 N  N     . ASN A 1 160 ? -5.878  9.665   -7.474  1.00 48.52 ? 251  ASN A N     1 
ATOM   1298 C  CA    . ASN A 1 160 ? -6.189  8.531   -8.337  1.00 48.94 ? 251  ASN A CA    1 
ATOM   1299 C  C     . ASN A 1 160 ? -4.962  7.989   -9.071  1.00 41.73 ? 251  ASN A C     1 
ATOM   1300 O  O     . ASN A 1 160 ? -4.756  6.780   -9.135  1.00 42.11 ? 251  ASN A O     1 
ATOM   1301 C  CB    . ASN A 1 160 ? -7.278  8.902   -9.357  1.00 53.80 ? 251  ASN A CB    1 
ATOM   1302 C  CG    . ASN A 1 160 ? -8.574  9.346   -8.703  1.00 57.29 ? 251  ASN A CG    1 
ATOM   1303 O  OD1   . ASN A 1 160 ? -8.867  8.988   -7.558  1.00 50.52 ? 251  ASN A OD1   1 
ATOM   1304 N  ND2   . ASN A 1 160 ? -9.365  10.136  -9.437  1.00 56.34 ? 251  ASN A ND2   1 
ATOM   1305 N  N     . GLY A 1 161 ? -4.163  8.896   -9.626  1.00 41.26 ? 252  GLY A N     1 
ATOM   1306 C  CA    . GLY A 1 161 ? -2.943  8.542   -10.333 1.00 44.81 ? 252  GLY A CA    1 
ATOM   1307 C  C     . GLY A 1 161 ? -1.992  7.639   -9.559  1.00 39.09 ? 252  GLY A C     1 
ATOM   1308 O  O     . GLY A 1 161 ? -1.523  6.625   -10.083 1.00 37.96 ? 252  GLY A O     1 
ATOM   1309 N  N     . ALA A 1 162 ? -1.715  7.997   -8.309  1.00 33.64 ? 253  ALA A N     1 
ATOM   1310 C  CA    . ALA A 1 162 ? -0.834  7.193   -7.469  1.00 32.77 ? 253  ALA A CA    1 
ATOM   1311 C  C     . ALA A 1 162 ? -1.426  5.812   -7.168  1.00 37.27 ? 253  ALA A C     1 
ATOM   1312 O  O     . ALA A 1 162 ? -0.693  4.827   -7.115  1.00 34.61 ? 253  ALA A O     1 
ATOM   1313 C  CB    . ALA A 1 162 ? -0.479  7.938   -6.186  1.00 30.01 ? 253  ALA A CB    1 
ATOM   1314 N  N     . HIS A 1 163 ? -2.747  5.739   -6.975  1.00 39.17 ? 254  HIS A N     1 
ATOM   1315 C  CA    . HIS A 1 163 ? -3.434  4.455   -6.792  1.00 37.37 ? 254  HIS A CA    1 
ATOM   1316 C  C     . HIS A 1 163 ? -3.369  3.581   -8.050  1.00 36.09 ? 254  HIS A C     1 
ATOM   1317 O  O     . HIS A 1 163 ? -3.166  2.368   -7.974  1.00 38.18 ? 254  HIS A O     1 
ATOM   1318 C  CB    . HIS A 1 163 ? -4.892  4.669   -6.376  1.00 39.73 ? 254  HIS A CB    1 
ATOM   1319 C  CG    . HIS A 1 163 ? -5.044  5.275   -5.018  1.00 41.43 ? 254  HIS A CG    1 
ATOM   1320 N  ND1   . HIS A 1 163 ? -6.177  5.961   -4.628  1.00 45.29 ? 254  HIS A ND1   1 
ATOM   1321 C  CD2   . HIS A 1 163 ? -4.206  5.305   -3.955  1.00 41.49 ? 254  HIS A CD2   1 
ATOM   1322 C  CE1   . HIS A 1 163 ? -6.025  6.387   -3.387  1.00 44.84 ? 254  HIS A CE1   1 
ATOM   1323 N  NE2   . HIS A 1 163 ? -4.835  6.007   -2.958  1.00 38.15 ? 254  HIS A NE2   1 
ATOM   1324 N  N     . ILE A 1 164 ? -3.536  4.207   -9.209  1.00 35.88 ? 255  ILE A N     1 
ATOM   1325 C  CA    . ILE A 1 164 ? -3.351  3.530   -10.484 1.00 33.09 ? 255  ILE A CA    1 
ATOM   1326 C  C     . ILE A 1 164 ? -1.915  3.007   -10.622 1.00 35.95 ? 255  ILE A C     1 
ATOM   1327 O  O     . ILE A 1 164 ? -1.697  1.866   -11.037 1.00 34.91 ? 255  ILE A O     1 
ATOM   1328 C  CB    . ILE A 1 164 ? -3.633  4.493   -11.641 1.00 45.66 ? 255  ILE A CB    1 
ATOM   1329 C  CG1   . ILE A 1 164 ? -5.129  4.797   -11.741 1.00 45.98 ? 255  ILE A CG1   1 
ATOM   1330 C  CG2   . ILE A 1 164 ? -3.106  3.940   -12.956 1.00 41.14 ? 255  ILE A CG2   1 
ATOM   1331 C  CD1   . ILE A 1 164 ? -5.429  5.834   -12.813 1.00 52.19 ? 255  ILE A CD1   1 
ATOM   1332 N  N     . ALA A 1 165 ? -0.943  3.844   -10.263 1.00 30.02 ? 256  ALA A N     1 
ATOM   1333 C  CA    . ALA A 1 165 ? 0.460   3.440   -10.303 1.00 35.84 ? 256  ALA A CA    1 
ATOM   1334 C  C     . ALA A 1 165 ? 0.673   2.212   -9.420  1.00 33.32 ? 256  ALA A C     1 
ATOM   1335 O  O     . ALA A 1 165 ? 1.330   1.245   -9.824  1.00 31.19 ? 256  ALA A O     1 
ATOM   1336 C  CB    . ALA A 1 165 ? 1.369   4.588   -9.878  1.00 29.04 ? 256  ALA A CB    1 
ATOM   1337 N  N     . GLY A 1 166 ? 0.082   2.241   -8.226  1.00 33.41 ? 257  GLY A N     1 
ATOM   1338 C  CA    . GLY A 1 166 ? 0.075   1.079   -7.356  1.00 31.48 ? 257  GLY A CA    1 
ATOM   1339 C  C     . GLY A 1 166 ? -0.539  -0.154  -8.005  1.00 34.17 ? 257  GLY A C     1 
ATOM   1340 O  O     . GLY A 1 166 ? 0.069   -1.232  -8.007  1.00 34.01 ? 257  GLY A O     1 
ATOM   1341 N  N     . LEU A 1 167 ? -1.741  -0.002  -8.559  1.00 32.69 ? 258  LEU A N     1 
ATOM   1342 C  CA    . LEU A 1 167 ? -2.423  -1.111  -9.232  1.00 35.62 ? 258  LEU A CA    1 
ATOM   1343 C  C     . LEU A 1 167 ? -1.569  -1.684  -10.372 1.00 34.39 ? 258  LEU A C     1 
ATOM   1344 O  O     . LEU A 1 167 ? -1.443  -2.901  -10.514 1.00 33.17 ? 258  LEU A O     1 
ATOM   1345 C  CB    . LEU A 1 167 ? -3.793  -0.661  -9.759  1.00 32.64 ? 258  LEU A CB    1 
ATOM   1346 C  CG    . LEU A 1 167 ? -4.780  -1.675  -10.378 1.00 38.02 ? 258  LEU A CG    1 
ATOM   1347 C  CD1   . LEU A 1 167 ? -5.171  -2.786  -9.426  1.00 30.28 ? 258  LEU A CD1   1 
ATOM   1348 C  CD2   . LEU A 1 167 ? -6.040  -0.973  -10.853 1.00 35.18 ? 258  LEU A CD2   1 
ATOM   1349 N  N     . ALA A 1 168 ? -0.972  -0.797  -11.165 1.00 28.20 ? 259  ALA A N     1 
ATOM   1350 C  CA    . ALA A 1 168 ? -0.166  -1.210  -12.316 1.00 32.05 ? 259  ALA A CA    1 
ATOM   1351 C  C     . ALA A 1 168 ? 0.959   -2.143  -11.885 1.00 34.48 ? 259  ALA A C     1 
ATOM   1352 O  O     . ALA A 1 168 ? 1.216   -3.151  -12.537 1.00 30.19 ? 259  ALA A O     1 
ATOM   1353 C  CB    . ALA A 1 168 ? 0.400   0.013   -13.045 1.00 30.29 ? 259  ALA A CB    1 
ATOM   1354 N  N     . VAL A 1 169 ? 1.623   -1.813  -10.775 1.00 30.65 ? 260  VAL A N     1 
ATOM   1355 C  CA    . VAL A 1 169 ? 2.662   -2.691  -10.244 1.00 29.75 ? 260  VAL A CA    1 
ATOM   1356 C  C     . VAL A 1 169 ? 2.141   -4.104  -9.952  1.00 31.23 ? 260  VAL A C     1 
ATOM   1357 O  O     . VAL A 1 169 ? 2.781   -5.095  -10.302 1.00 30.92 ? 260  VAL A O     1 
ATOM   1358 C  CB    . VAL A 1 169 ? 3.309   -2.112  -8.967  1.00 32.74 ? 260  VAL A CB    1 
ATOM   1359 C  CG1   . VAL A 1 169 ? 4.311   -3.096  -8.400  1.00 28.54 ? 260  VAL A CG1   1 
ATOM   1360 C  CG2   . VAL A 1 169 ? 3.975   -0.770  -9.261  1.00 25.92 ? 260  VAL A CG2   1 
ATOM   1361 N  N     . GLY A 1 170 ? 0.974   -4.195  -9.318  1.00 36.13 ? 261  GLY A N     1 
ATOM   1362 C  CA    . GLY A 1 170 ? 0.405   -5.490  -8.969  1.00 30.02 ? 261  GLY A CA    1 
ATOM   1363 C  C     . GLY A 1 170 ? 0.007   -6.292  -10.202 1.00 30.85 ? 261  GLY A C     1 
ATOM   1364 O  O     . GLY A 1 170 ? 0.243   -7.493  -10.284 1.00 31.46 ? 261  GLY A O     1 
ATOM   1365 N  N     . LEU A 1 171 ? -0.613  -5.619  -11.161 1.00 33.99 ? 262  LEU A N     1 
ATOM   1366 C  CA    . LEU A 1 171 ? -0.993  -6.257  -12.410 1.00 35.44 ? 262  LEU A CA    1 
ATOM   1367 C  C     . LEU A 1 171 ? 0.261   -6.731  -13.138 1.00 40.08 ? 262  LEU A C     1 
ATOM   1368 O  O     . LEU A 1 171 ? 0.312   -7.866  -13.632 1.00 36.30 ? 262  LEU A O     1 
ATOM   1369 C  CB    . LEU A 1 171 ? -1.779  -5.279  -13.278 1.00 34.48 ? 262  LEU A CB    1 
ATOM   1370 C  CG    . LEU A 1 171 ? -3.095  -4.808  -12.645 1.00 32.45 ? 262  LEU A CG    1 
ATOM   1371 C  CD1   . LEU A 1 171 ? -3.752  -3.757  -13.511 1.00 33.19 ? 262  LEU A CD1   1 
ATOM   1372 C  CD2   . LEU A 1 171 ? -4.031  -5.977  -12.425 1.00 32.94 ? 262  LEU A CD2   1 
ATOM   1373 N  N     . ALA A 1 172 ? 1.280   -5.872  -13.168 1.00 31.58 ? 263  ALA A N     1 
ATOM   1374 C  CA    . ALA A 1 172 ? 2.509   -6.189  -13.877 1.00 33.13 ? 263  ALA A CA    1 
ATOM   1375 C  C     . ALA A 1 172 ? 3.137   -7.453  -13.316 1.00 38.31 ? 263  ALA A C     1 
ATOM   1376 O  O     . ALA A 1 172 ? 3.478   -8.365  -14.069 1.00 34.55 ? 263  ALA A O     1 
ATOM   1377 C  CB    . ALA A 1 172 ? 3.485   -5.035  -13.805 1.00 34.85 ? 263  ALA A CB    1 
ATOM   1378 N  N     . MET A 1 173 ? 3.260   -7.513  -11.989 1.00 33.26 ? 264  MET A N     1 
ATOM   1379 C  CA    . MET A 1 173 ? 3.876   -8.657  -11.334 1.00 31.59 ? 264  MET A CA    1 
ATOM   1380 C  C     . MET A 1 173 ? 3.056   -9.938  -11.436 1.00 35.20 ? 264  MET A C     1 
ATOM   1381 O  O     . MET A 1 173 ? 3.623   -11.024 -11.559 1.00 35.67 ? 264  MET A O     1 
ATOM   1382 C  CB    . MET A 1 173 ? 4.219   -8.345  -9.866  1.00 28.58 ? 264  MET A CB    1 
ATOM   1383 C  CG    . MET A 1 173 ? 5.266   -7.251  -9.729  1.00 32.56 ? 264  MET A CG    1 
ATOM   1384 S  SD    . MET A 1 173 ? 5.760   -6.859  -8.024  1.00 33.24 ? 264  MET A SD    1 
ATOM   1385 C  CE    . MET A 1 173 ? 6.475   -8.437  -7.531  1.00 29.40 ? 264  MET A CE    1 
ATOM   1386 N  N     . ALA A 1 174 ? 1.730   -9.822  -11.361 1.00 37.43 ? 265  ALA A N     1 
ATOM   1387 C  CA    . ALA A 1 174 ? 0.871   -10.990 -11.517 1.00 38.56 ? 265  ALA A CA    1 
ATOM   1388 C  C     . ALA A 1 174 ? 1.001   -11.502 -12.948 1.00 38.79 ? 265  ALA A C     1 
ATOM   1389 O  O     . ALA A 1 174 ? 1.106   -12.708 -13.183 1.00 40.23 ? 265  ALA A O     1 
ATOM   1390 C  CB    . ALA A 1 174 ? -0.589  -10.658 -11.183 1.00 37.50 ? 265  ALA A CB    1 
ATOM   1391 N  N     . PHE A 1 175 ? 1.015   -10.575 -13.896 1.00 34.64 ? 266  PHE A N     1 
ATOM   1392 C  CA    . PHE A 1 175 ? 1.233   -10.926 -15.295 1.00 44.38 ? 266  PHE A CA    1 
ATOM   1393 C  C     . PHE A 1 175 ? 2.544   -11.681 -15.508 1.00 45.66 ? 266  PHE A C     1 
ATOM   1394 O  O     . PHE A 1 175 ? 2.584   -12.701 -16.189 1.00 49.33 ? 266  PHE A O     1 
ATOM   1395 C  CB    . PHE A 1 175 ? 1.237   -9.676  -16.166 1.00 38.44 ? 266  PHE A CB    1 
ATOM   1396 C  CG    . PHE A 1 175 ? 1.468   -9.958  -17.614 1.00 46.56 ? 266  PHE A CG    1 
ATOM   1397 C  CD1   . PHE A 1 175 ? 0.438   -10.436 -18.411 1.00 54.86 ? 266  PHE A CD1   1 
ATOM   1398 C  CD2   . PHE A 1 175 ? 2.705   -9.736  -18.188 1.00 47.95 ? 266  PHE A CD2   1 
ATOM   1399 C  CE1   . PHE A 1 175 ? 0.638   -10.689 -19.750 1.00 51.90 ? 266  PHE A CE1   1 
ATOM   1400 C  CE2   . PHE A 1 175 ? 2.914   -9.990  -19.529 1.00 50.10 ? 266  PHE A CE2   1 
ATOM   1401 C  CZ    . PHE A 1 175 ? 1.876   -10.470 -20.311 1.00 51.93 ? 266  PHE A CZ    1 
ATOM   1402 N  N     . VAL A 1 176 ? 3.621   -11.162 -14.933 1.00 41.16 ? 267  VAL A N     1 
ATOM   1403 C  CA    . VAL A 1 176 ? 4.909   -11.812 -15.045 1.00 36.91 ? 267  VAL A CA    1 
ATOM   1404 C  C     . VAL A 1 176 ? 4.829   -13.213 -14.452 1.00 44.19 ? 267  VAL A C     1 
ATOM   1405 O  O     . VAL A 1 176 ? 5.282   -14.182 -15.068 1.00 44.76 ? 267  VAL A O     1 
ATOM   1406 C  CB    . VAL A 1 176 ? 5.998   -10.998 -14.325 1.00 39.06 ? 267  VAL A CB    1 
ATOM   1407 C  CG1   . VAL A 1 176 ? 7.174   -11.881 -13.954 1.00 36.41 ? 267  VAL A CG1   1 
ATOM   1408 C  CG2   . VAL A 1 176 ? 6.430   -9.802  -15.186 1.00 34.16 ? 267  VAL A CG2   1 
ATOM   1409 N  N     . ASP A 1 177 ? 4.230   -13.317 -13.264 1.00 41.12 ? 268  ASP A N     1 
ATOM   1410 C  CA    . ASP A 1 177 ? 4.184   -14.577 -12.526 1.00 39.38 ? 268  ASP A CA    1 
ATOM   1411 C  C     . ASP A 1 177 ? 3.338   -15.646 -13.228 1.00 48.90 ? 268  ASP A C     1 
ATOM   1412 O  O     . ASP A 1 177 ? 3.627   -16.838 -13.124 1.00 48.66 ? 268  ASP A O     1 
ATOM   1413 C  CB    . ASP A 1 177 ? 3.651   -14.358 -11.104 1.00 41.32 ? 268  ASP A CB    1 
ATOM   1414 C  CG    . ASP A 1 177 ? 4.671   -13.721 -10.185 1.00 43.84 ? 268  ASP A CG    1 
ATOM   1415 O  OD1   . ASP A 1 177 ? 5.770   -13.366 -10.672 1.00 39.79 ? 268  ASP A OD1   1 
ATOM   1416 O  OD2   . ASP A 1 177 ? 4.367   -13.568 -8.971  1.00 36.76 ? 268  ASP A OD2   1 
ATOM   1417 N  N     . SER A 1 178 ? 2.294   -15.225 -13.935 1.00 45.52 ? 269  SER A N     1 
ATOM   1418 C  CA    . SER A 1 178 ? 1.405   -16.173 -14.599 1.00 51.95 ? 269  SER A CA    1 
ATOM   1419 C  C     . SER A 1 178 ? 1.925   -16.560 -15.985 1.00 57.89 ? 269  SER A C     1 
ATOM   1420 O  O     . SER A 1 178 ? 1.151   -16.899 -16.880 1.00 70.70 ? 269  SER A O     1 
ATOM   1421 C  CB    . SER A 1 178 ? -0.010  -15.609 -14.700 1.00 49.64 ? 269  SER A CB    1 
ATOM   1422 O  OG    . SER A 1 178 ? -0.064  -14.584 -15.672 1.00 58.16 ? 269  SER A OG    1 
ATOM   1423 N  N     . LEU A 1 179 ? 3.239   -16.488 -16.158 1.00 57.33 ? 270  LEU A N     1 
ATOM   1424 C  CA    . LEU A 1 179 ? 3.889   -17.007 -17.353 1.00 62.31 ? 270  LEU A CA    1 
ATOM   1425 C  C     . LEU A 1 179 ? 4.715   -18.230 -16.957 1.00 68.54 ? 270  LEU A C     1 
ATOM   1426 O  O     . LEU A 1 179 ? 4.903   -19.167 -17.737 1.00 71.57 ? 270  LEU A O     1 
ATOM   1427 C  CB    . LEU A 1 179 ? 4.805   -15.949 -17.966 1.00 56.13 ? 270  LEU A CB    1 
ATOM   1428 C  CG    . LEU A 1 179 ? 4.215   -14.591 -18.339 1.00 49.80 ? 270  LEU A CG    1 
ATOM   1429 C  CD1   . LEU A 1 179 ? 5.308   -13.666 -18.843 1.00 51.81 ? 270  LEU A CD1   1 
ATOM   1430 C  CD2   . LEU A 1 179 ? 3.138   -14.759 -19.395 1.00 60.96 ? 270  LEU A CD2   1 
ATOM   1431 O  OXT   . LEU A 1 179 ? 5.217   -18.305 -15.829 1.00 67.57 ? 270  LEU A OXT   1 
HETATM 1432 O  O1    . L61 B 2 .   ? -6.650  3.959   -0.795  1.00 51.08 ? 401  L61 A O1    1 
HETATM 1433 C  C2    . L61 B 2 .   ? -6.160  4.276   0.304   1.00 47.46 ? 401  L61 A C2    1 
HETATM 1434 C  C3    . L61 B 2 .   ? -7.007  4.917   1.354   1.00 47.79 ? 401  L61 A C3    1 
HETATM 1435 C  C4    . L61 B 2 .   ? -8.337  4.241   1.357   1.00 52.47 ? 401  L61 A C4    1 
HETATM 1436 N  N1    . L61 B 2 .   ? -8.085  2.828   1.471   1.00 53.44 ? 401  L61 A N1    1 
HETATM 1437 C  C5    . L61 B 2 .   ? -9.191  1.994   1.039   1.00 58.53 ? 401  L61 A C5    1 
HETATM 1438 O  O3    . L61 B 2 .   ? -8.972  1.276   -0.144  1.00 59.10 ? 401  L61 A O3    1 
HETATM 1439 C  C6    . L61 B 2 .   ? -9.188  -0.055  0.007   1.00 57.83 ? 401  L61 A C6    1 
HETATM 1440 O  O2    . L61 B 2 .   ? -9.873  1.408   1.864   1.00 61.98 ? 401  L61 A O2    1 
HETATM 1441 C  C10   . L61 B 2 .   ? -9.128  4.776   2.507   1.00 54.85 ? 401  L61 A C10   1 
HETATM 1442 C  C15   . L61 B 2 .   ? -10.171 4.081   3.096   1.00 54.28 ? 401  L61 A C15   1 
HETATM 1443 C  C14   . L61 B 2 .   ? -10.892 4.612   4.165   1.00 51.85 ? 401  L61 A C14   1 
HETATM 1444 C  C13   . L61 B 2 .   ? -10.555 5.877   4.655   1.00 55.05 ? 401  L61 A C13   1 
HETATM 1445 C  C12   . L61 B 2 .   ? -9.521  6.590   4.082   1.00 55.45 ? 401  L61 A C12   1 
HETATM 1446 C  C11   . L61 B 2 .   ? -8.813  6.051   3.015   1.00 50.92 ? 401  L61 A C11   1 
HETATM 1447 C  C7    . L61 B 2 .   ? -9.321  -0.678  -1.392  1.00 51.75 ? 401  L61 A C7    1 
HETATM 1448 C  C8    . L61 B 2 .   ? -9.285  -2.088  -1.132  1.00 50.48 ? 401  L61 A C8    1 
HETATM 1449 C  C9    . L61 B 2 .   ? -8.163  -0.206  -2.192  1.00 51.25 ? 401  L61 A C9    1 
HETATM 1450 C  "C1'" . BNG C 3 .   ? 5.836   -4.912  -17.045 1.00 47.87 ? 402  BNG A "C1'" 1 
HETATM 1451 C  "C2'" . BNG C 3 .   ? 6.793   -6.101  -16.959 1.00 41.58 ? 402  BNG A "C2'" 1 
HETATM 1452 C  "C3'" . BNG C 3 .   ? 6.753   -6.887  -18.268 1.00 47.77 ? 402  BNG A "C3'" 1 
HETATM 1453 C  "C4'" . BNG C 3 .   ? 7.558   -8.181  -18.195 1.00 40.60 ? 402  BNG A "C4'" 1 
HETATM 1454 C  "C5'" . BNG C 3 .   ? 7.502   -8.942  -19.514 1.00 46.40 ? 402  BNG A "C5'" 1 
HETATM 1455 C  "C6'" . BNG C 3 .   ? 7.980   -10.367 -19.361 1.00 45.73 ? 402  BNG A "C6'" 1 
HETATM 1456 C  "C1'" . BNG D 3 .   ? 27.128  14.675  -1.254  1.00 55.72 ? 403  BNG A "C1'" 1 
HETATM 1457 C  "C2'" . BNG D 3 .   ? 26.852  13.253  -0.766  1.00 53.45 ? 403  BNG A "C2'" 1 
HETATM 1458 C  "C3'" . BNG D 3 .   ? 26.758  12.292  -1.949  1.00 55.00 ? 403  BNG A "C3'" 1 
HETATM 1459 C  "C4'" . BNG D 3 .   ? 26.064  10.986  -1.565  1.00 49.66 ? 403  BNG A "C4'" 1 
HETATM 1460 C  "C5'" . BNG D 3 .   ? 25.209  10.440  -2.710  1.00 46.98 ? 403  BNG A "C5'" 1 
HETATM 1461 C  "C6'" . BNG D 3 .   ? 24.909  8.955   -2.512  1.00 47.00 ? 403  BNG A "C6'" 1 
HETATM 1462 C  "C7'" . BNG D 3 .   ? 24.105  8.380   -3.659  1.00 37.23 ? 403  BNG A "C7'" 1 
HETATM 1463 C  "C1'" . BNG E 3 .   ? 12.377  24.632  4.697   0.50 53.89 ? 404  BNG A "C1'" 1 
HETATM 1464 C  "C2'" . BNG E 3 .   ? 13.040  23.260  4.805   0.50 55.40 ? 404  BNG A "C2'" 1 
HETATM 1465 C  "C3'" . BNG E 3 .   ? 13.063  22.755  6.248   0.50 54.96 ? 404  BNG A "C3'" 1 
HETATM 1466 C  "C4'" . BNG E 3 .   ? 13.659  21.351  6.333   0.50 55.91 ? 404  BNG A "C4'" 1 
HETATM 1467 C  "C5'" . BNG E 3 .   ? 13.818  20.881  7.780   0.50 55.92 ? 404  BNG A "C5'" 1 
HETATM 1468 C  "C6'" . BNG E 3 .   ? 14.044  19.370  7.837   0.50 55.64 ? 404  BNG A "C6'" 1 
HETATM 1469 C  "C7'" . BNG E 3 .   ? 14.118  18.850  9.271   0.50 55.25 ? 404  BNG A "C7'" 1 
HETATM 1470 C  "C8'" . BNG E 3 .   ? 13.998  17.327  9.318   0.50 54.84 ? 404  BNG A "C8'" 1 
HETATM 1471 C  "C9'" . BNG E 3 .   ? 15.230  16.636  8.768   0.50 51.00 ? 404  BNG A "C9'" 1 
HETATM 1472 O  O1    . BNG E 3 .   ? 12.596  25.171  3.391   0.50 56.46 ? 404  BNG A O1    1 
HETATM 1473 C  "C1'" . BNG F 3 .   ? 12.569  1.761   6.859   1.00 50.03 ? 405  BNG A "C1'" 1 
HETATM 1474 C  "C2'" . BNG F 3 .   ? 11.945  0.830   5.820   1.00 52.61 ? 405  BNG A "C2'" 1 
HETATM 1475 C  "C3'" . BNG F 3 .   ? 10.558  1.315   5.416   1.00 48.98 ? 405  BNG A "C3'" 1 
HETATM 1476 C  "C4'" . BNG F 3 .   ? 9.937   0.399   4.369   1.00 45.17 ? 405  BNG A "C4'" 1 
HETATM 1477 C  "C5'" . BNG F 3 .   ? 8.454   0.715   4.216   1.00 40.29 ? 405  BNG A "C5'" 1 
HETATM 1478 C  "C6'" . BNG F 3 .   ? 7.848   -0.278  3.244   1.00 39.14 ? 405  BNG A "C6'" 1 
HETATM 1479 C  "C7'" . BNG F 3 .   ? 7.032   0.431   2.190   1.00 36.48 ? 405  BNG A "C7'" 1 
HETATM 1480 C  "C1'" . BNG G 3 .   ? -12.360 -8.271  10.660  1.00 62.23 ? 406  BNG A "C1'" 1 
HETATM 1481 C  "C2'" . BNG G 3 .   ? -12.710 -6.802  10.866  1.00 55.81 ? 406  BNG A "C2'" 1 
HETATM 1482 C  "C3'" . BNG G 3 .   ? -14.223 -6.619  10.874  1.00 54.60 ? 406  BNG A "C3'" 1 
HETATM 1483 C  "C4'" . BNG G 3 .   ? -14.586 -5.162  11.071  1.00 54.86 ? 406  BNG A "C4'" 1 
HETATM 1484 CL CL    . CL  H 4 .   ? -3.396  -13.263 12.248  1.00 50.46 ? 407  CL  A CL    1 
HETATM 1485 CL CL    . CL  I 4 .   ? -4.763  7.390   -0.093  1.00 57.97 ? 408  CL  A CL    1 
HETATM 1486 CL CL    . CL  J 4 .   ? 4.827   -17.442 -8.147  1.00 60.34 ? 409  CL  A CL    1 
HETATM 1487 O  O     . HOH K 5 .   ? 0.755   -14.901 6.273   1.00 40.16 ? 2001 HOH A O     1 
HETATM 1488 O  O     . HOH K 5 .   ? 0.342   4.564   10.501  1.00 30.02 ? 2002 HOH A O     1 
HETATM 1489 O  O     . HOH K 5 .   ? -2.854  10.716  12.149  1.00 40.60 ? 2003 HOH A O     1 
HETATM 1490 O  O     . HOH K 5 .   ? 3.385   17.966  15.051  1.00 55.14 ? 2004 HOH A O     1 
HETATM 1491 O  O     . HOH K 5 .   ? -4.867  13.243  11.452  1.00 50.30 ? 2005 HOH A O     1 
HETATM 1492 O  O     . HOH K 5 .   ? 5.415   11.771  1.966   1.00 32.76 ? 2006 HOH A O     1 
HETATM 1493 O  O     . HOH K 5 .   ? 9.975   16.721  -3.449  1.00 49.78 ? 2007 HOH A O     1 
HETATM 1494 O  O     . HOH K 5 .   ? 2.948   -16.876 6.537   1.00 40.49 ? 2008 HOH A O     1 
HETATM 1495 O  O     . HOH K 5 .   ? 20.123  14.644  1.894   1.00 37.69 ? 2009 HOH A O     1 
HETATM 1496 O  O     . HOH K 5 .   ? 14.358  13.292  -3.751  1.00 35.53 ? 2010 HOH A O     1 
HETATM 1497 O  O     . HOH K 5 .   ? 2.234   6.556   0.515   1.00 30.74 ? 2011 HOH A O     1 
HETATM 1498 O  O     . HOH K 5 .   ? 2.903   4.703   -1.610  1.00 33.84 ? 2012 HOH A O     1 
HETATM 1499 O  O     . HOH K 5 .   ? -7.549  10.202  6.102   1.00 46.94 ? 2013 HOH A O     1 
HETATM 1500 O  O     . HOH K 5 .   ? -2.839  5.826   1.872   1.00 37.46 ? 2014 HOH A O     1 
HETATM 1501 O  O     . HOH K 5 .   ? -5.166  -14.151 4.260   1.00 45.93 ? 2015 HOH A O     1 
HETATM 1502 O  O     . HOH K 5 .   ? -10.429 -13.693 -1.628  1.00 46.51 ? 2016 HOH A O     1 
HETATM 1503 O  O     . HOH K 5 .   ? -1.255  -21.208 -3.322  1.00 62.26 ? 2017 HOH A O     1 
HETATM 1504 O  O     . HOH K 5 .   ? 8.353   -15.611 -2.126  1.00 38.71 ? 2018 HOH A O     1 
HETATM 1505 O  O     . HOH K 5 .   ? 8.522   -17.208 2.971   1.00 40.01 ? 2019 HOH A O     1 
HETATM 1506 O  O     . HOH K 5 .   ? 0.776   14.813  -2.060  1.00 36.33 ? 2020 HOH A O     1 
HETATM 1507 O  O     . HOH K 5 .   ? 7.572   16.876  -4.318  1.00 51.39 ? 2021 HOH A O     1 
HETATM 1508 O  O     . HOH K 5 .   ? 2.133   17.879  -1.130  1.00 40.75 ? 2022 HOH A O     1 
HETATM 1509 O  O     . HOH K 5 .   ? 1.082   2.867   -0.291  1.00 28.76 ? 2023 HOH A O     1 
HETATM 1510 O  O     . HOH K 5 .   ? -8.880  5.727   -6.235  1.00 51.39 ? 2024 HOH A O     1 
HETATM 1511 O  O     . HOH K 5 .   ? -9.514  3.463   -2.811  1.00 46.10 ? 2025 HOH A O     1 
HETATM 1512 O  O     . HOH K 5 .   ? -8.893  -13.725 -8.685  1.00 40.45 ? 2026 HOH A O     1 
HETATM 1513 O  O     . HOH K 5 .   ? -10.935 -14.797 -10.396 1.00 45.60 ? 2027 HOH A O     1 
# 
